data_1FVM
# 
_entry.id   1FVM 
# 
_audit_conform.dict_name       mmcif_pdbx.dic 
_audit_conform.dict_version    5.381 
_audit_conform.dict_location   http://mmcif.pdb.org/dictionaries/ascii/mmcif_pdbx.dic 
# 
loop_
_database_2.database_id 
_database_2.database_code 
_database_2.pdbx_database_accession 
_database_2.pdbx_DOI 
PDB   1FVM         pdb_00001fvm 10.2210/pdb1fvm/pdb 
RCSB  RCSB011937   ?            ?                   
WWPDB D_1000011937 ?            ?                   
# 
loop_
_pdbx_database_related.db_name 
_pdbx_database_related.db_id 
_pdbx_database_related.content_type 
_pdbx_database_related.details 
PDB 1AA5 unspecified 'CRYSTAL STRUCTURE OF VANCOMYCIN'                                                                            
PDB 1C0Q unspecified 'CRYSTAL STRUCTURE OF VANCOMYCIN COMPLEXED WITH 2-ACETOXY-D-PROPANOIC ACID'                                  
PDB 1C0R unspecified 'CRYSTAL STRUCTURE OF VANCOMYCIN WITH D-LACTIC ACID'                                                         
PDB 1GAC unspecified 'SOLUTION STRUCTURE OF A82846B COMPLEXED WITH ITS CELL WALL PENTAPEPTIDE FRAGMENT'                           
PDB 1GHG unspecified 'CRYSTAL STRUCTURE OF VANCOMYCIN AGLYCON'                                                                    
PDB 1PN3 unspecified 'CRYSTAL STRUCTURE OF TDP-EPI-VANCOSAMINYLTRANSFERASE GTFA COMPLEXD WITH TDP AND DESVANCOSAMINYL VANCOMYCIN' 
PDB 1PNV unspecified 'CRYSTAL STRUCTURE OF TDP-EPI-VANCOSAMINYLTRANSFERASE GTFA COMPLEXED WITH TDP AND VANCOMYCIN'                
PDB 1QD8 unspecified 'CRYSTAL STRUCTURE OF VANCOMYCIN COMPLEXED WITH N-ACETYL GLYCIN'                                             
PDB 1RRV unspecified 'CRYSTAL STRUCTURE OF TDP-VANCOSAMINYLTRANSFERASE GTFD COMPLEXED WITH TDP AND DESVANCOSAMINYL VANCOMYCIN.'   
PDB 1SHO unspecified 'CRYSTAL STRUCTURE OF VANCOMYCIN'                                                                            
# 
_pdbx_database_status.status_code                     REL 
_pdbx_database_status.entry_id                        1FVM 
_pdbx_database_status.recvd_initial_deposition_date   2000-09-20 
_pdbx_database_status.deposit_site                    RCSB 
_pdbx_database_status.process_site                    PDBJ 
_pdbx_database_status.SG_entry                        . 
_pdbx_database_status.status_code_sf                  ? 
_pdbx_database_status.status_code_mr                  ? 
_pdbx_database_status.pdb_format_compatible           Y 
_pdbx_database_status.status_code_cs                  ? 
_pdbx_database_status.status_code_nmr_data            ? 
_pdbx_database_status.methods_development_category    ? 
# 
loop_
_audit_author.name 
_audit_author.pdbx_ordinal 
'Nitanai, Y.' 1 
'Kakoi, K.'   2 
'Aoki, K.'    3 
# 
_citation.id                        primary 
_citation.title                     'Crystal Structures of the Complexes between Vancomycin and Cell-Wall Precursor Analogs.' 
_citation.journal_abbrev            J.Mol.Biol. 
_citation.journal_volume            385 
_citation.page_first                1422 
_citation.page_last                 ? 
_citation.year                      2009 
_citation.journal_id_ASTM           JMOBAK 
_citation.country                   UK 
_citation.journal_id_ISSN           0022-2836 
_citation.journal_id_CSD            0070 
_citation.book_publisher            ? 
_citation.pdbx_database_id_PubMed   18976660 
_citation.pdbx_database_id_DOI      10.1016/J.JMB.2008.10.026 
# 
loop_
_citation_author.citation_id 
_citation_author.name 
_citation_author.ordinal 
_citation_author.identifier_ORCID 
primary 'Nitanai, Y.'  1 ? 
primary 'Kikuchi, T.'  2 ? 
primary 'Kakoi, K.'    3 ? 
primary 'Hanamaki, S.' 4 ? 
primary 'Fujisawa, I.' 5 ? 
primary 'Aoki, K.'     6 ? 
# 
_cell.entry_id           1FVM 
_cell.length_a           35.637 
_cell.length_b           36.425 
_cell.length_c           65.728 
_cell.angle_alpha        90.00 
_cell.angle_beta         90.00 
_cell.angle_gamma        90.00 
_cell.Z_PDB              24 
_cell.pdbx_unique_axis   ? 
# 
_symmetry.entry_id                         1FVM 
_symmetry.space_group_name_H-M             'P 21 21 21' 
_symmetry.pdbx_full_space_group_name_H-M   ? 
_symmetry.cell_setting                     ? 
_symmetry.Int_Tables_number                19 
# 
loop_
_entity.id 
_entity.type 
_entity.src_method 
_entity.pdbx_description 
_entity.formula_weight 
_entity.pdbx_number_of_molecules 
_entity.pdbx_ec 
_entity.pdbx_mutation 
_entity.pdbx_fragment 
_entity.details 
1 polymer  syn VANCOMYCIN                               1149.977 6   ? ? ? ? 
2 polymer  syn DI-ACETYL-LYS-D-ALA-D-ALA                372.417  6   ? ? ? ? 
3 branched man 'vancosamine-(1-2)-beta-D-glucopyranose' 323.340  6   ? ? ? ? 
4 water    nat water                                    18.015   112 ? ? ? ? 
# 
loop_
_entity_poly.entity_id 
_entity_poly.type 
_entity_poly.nstd_linkage 
_entity_poly.nstd_monomer 
_entity_poly.pdbx_seq_one_letter_code 
_entity_poly.pdbx_seq_one_letter_code_can 
_entity_poly.pdbx_strand_id 
_entity_poly.pdbx_target_identifier 
1 'polypeptide(L)' no yes '(MLU)(OMZ)N(GHP)(GHP)(OMY)(3FG)' XXNGGYX A,B,C,D,E,F ? 
2 'polypeptide(L)' no yes '(DLS)(DAL)(DAL)'                 KAA     G,H,I,J,K,L ? 
# 
loop_
_entity_poly_seq.entity_id 
_entity_poly_seq.num 
_entity_poly_seq.mon_id 
_entity_poly_seq.hetero 
1 1 MLU n 
1 2 OMZ n 
1 3 ASN n 
1 4 GHP n 
1 5 GHP n 
1 6 OMY n 
1 7 3FG n 
2 1 DLS n 
2 2 DAL n 
2 3 DAL n 
# 
_pdbx_entity_src_syn.entity_id              1 
_pdbx_entity_src_syn.pdbx_src_id            1 
_pdbx_entity_src_syn.pdbx_alt_source_flag   sample 
_pdbx_entity_src_syn.pdbx_beg_seq_num       ? 
_pdbx_entity_src_syn.pdbx_end_seq_num       ? 
_pdbx_entity_src_syn.organism_scientific    'AMYCOLATOPSIS ORIENTALIS' 
_pdbx_entity_src_syn.organism_common_name   ? 
_pdbx_entity_src_syn.ncbi_taxonomy_id       31958 
_pdbx_entity_src_syn.details                'SEQUENCE OCCURS IN NOCARDIA ORIENTALIS' 
# 
loop_
_struct_ref.id 
_struct_ref.db_name 
_struct_ref.db_code 
_struct_ref.entity_id 
_struct_ref.pdbx_seq_one_letter_code 
_struct_ref.pdbx_align_begin 
_struct_ref.pdbx_db_accession 
_struct_ref.pdbx_db_isoform 
1 NOR NOR00681 1 ? ? NOR00681 ? 
2 PDB 1FVM     2 ? ? 1FVM     ? 
# 
loop_
_struct_ref_seq.align_id 
_struct_ref_seq.ref_id 
_struct_ref_seq.pdbx_PDB_id_code 
_struct_ref_seq.pdbx_strand_id 
_struct_ref_seq.seq_align_beg 
_struct_ref_seq.pdbx_seq_align_beg_ins_code 
_struct_ref_seq.seq_align_end 
_struct_ref_seq.pdbx_seq_align_end_ins_code 
_struct_ref_seq.pdbx_db_accession 
_struct_ref_seq.db_align_beg 
_struct_ref_seq.pdbx_db_align_beg_ins_code 
_struct_ref_seq.db_align_end 
_struct_ref_seq.pdbx_db_align_end_ins_code 
_struct_ref_seq.pdbx_auth_seq_align_beg 
_struct_ref_seq.pdbx_auth_seq_align_end 
1  1 1FVM A 1 ? 7 ? NOR00681 1 ? 7 ? 1 7 
2  1 1FVM B 1 ? 7 ? NOR00681 1 ? 7 ? 1 7 
3  1 1FVM C 1 ? 7 ? NOR00681 1 ? 7 ? 1 7 
4  1 1FVM D 1 ? 7 ? NOR00681 1 ? 7 ? 1 7 
5  1 1FVM E 1 ? 7 ? NOR00681 1 ? 7 ? 1 7 
6  1 1FVM F 1 ? 7 ? NOR00681 1 ? 7 ? 1 7 
7  2 1FVM G 1 ? 3 ? 1FVM     1 ? 3 ? 1 3 
8  2 1FVM H 1 ? 3 ? 1FVM     1 ? 3 ? 1 3 
9  2 1FVM I 1 ? 3 ? 1FVM     1 ? 3 ? 1 3 
10 2 1FVM J 1 ? 3 ? 1FVM     1 ? 3 ? 1 3 
11 2 1FVM K 1 ? 3 ? 1FVM     1 ? 3 ? 1 3 
12 2 1FVM L 1 ? 3 ? 1FVM     1 ? 3 ? 1 3 
# 
loop_
_chem_comp.id 
_chem_comp.type 
_chem_comp.mon_nstd_flag 
_chem_comp.name 
_chem_comp.pdbx_synonyms 
_chem_comp.formula 
_chem_comp.formula_weight 
3FG 'L-peptide linking'           . '(2S)-amino(3,5-dihydroxyphenyl)ethanoic acid' ? 'C8 H9 N O4'     183.161 
ASN 'L-peptide linking'           y ASPARAGINE                                     ? 'C4 H8 N2 O3'    132.118 
BGC 'D-saccharide, beta linking'  . beta-D-glucopyranose                           'beta-D-glucose; D-glucose; glucose' 
'C6 H12 O6'      180.156 
DAL 'D-peptide linking'           . D-ALANINE                                      ? 'C3 H7 N O2'     89.093  
DLS 'L-peptide linking'           n DI-ACETYL-LYSINE                               ? 'C10 H18 N2 O4'  230.261 
GHP 'D-peptide linking'           . '(2R)-amino(4-hydroxyphenyl)ethanoic acid'     ? 'C8 H9 N O3'     167.162 
HOH non-polymer                   . WATER                                          ? 'H2 O'           18.015  
MLU 'D-peptide linking'           . N-methyl-D-leucine                             ? 'C7 H15 N O2'    145.199 
OMY 'L-peptide linking'           n '(betaR)-3-chloro-beta-hydroxy-L-tyrosine'     ? 'C9 H10 Cl N O4' 231.633 
OMZ 'D-peptide linking'           . '(betaR)-3-CHLORO-BETA-HYDROXY-D-TYROSINE'     ? 'C9 H10 Cl N O4' 231.633 
RER 'L-saccharide, alpha linking' . vancosamine                                    
'(1R,3S,4S,5S)-3-amino-2,3,6-trideoxy-3-methyl-alpha-L-arabino-hexopyranose' 'C7 H15 N O3'    161.199 
# 
_exptl.entry_id          1FVM 
_exptl.method            'X-RAY DIFFRACTION' 
_exptl.crystals_number   1 
# 
_exptl_crystal.id                    1 
_exptl_crystal.density_meas          ? 
_exptl_crystal.density_Matthews      1.95 
_exptl_crystal.density_percent_sol   37.10 
_exptl_crystal.description           ? 
# 
_exptl_crystal_grow.crystal_id      1 
_exptl_crystal_grow.method          ? 
_exptl_crystal_grow.temp            ? 
_exptl_crystal_grow.temp_details    ? 
_exptl_crystal_grow.pH              8.5 
_exptl_crystal_grow.pdbx_pH_range   ? 
_exptl_crystal_grow.pdbx_details    
;CRYSTALS WERE PREPARED AT 293K FROM A SOLUTION CONTAINING 6.6 MM VANCOMYCIN, 6.6 MM DI- ACETYL-LYS -D-ALA-D-ALA, 3.3 % (V/V) ETHANOL, AND 0.66 M TRIS BUFFER PH 8.5, BY EQUILIBRATING THE SOLUTION AGAINST A RESERVOIR SOLUTION CONTAINING 10 % (V/V) ETHANOL AND 0.2 M TRIS BUFFER PH 8.5, VAPOR DIFFUSION, HANGING DROP, TEMPERATURE 293.0K
;
# 
_diffrn.id                     1 
_diffrn.ambient_temp           120 
_diffrn.ambient_temp_details   ? 
_diffrn.crystal_id             1 
# 
_diffrn_detector.diffrn_id              1 
_diffrn_detector.detector               CCD 
_diffrn_detector.type                   'ADSC QUAMTUM 4R' 
_diffrn_detector.pdbx_collection_date   2000-06-24 
_diffrn_detector.details                MIRRORS 
# 
_diffrn_radiation.diffrn_id                        1 
_diffrn_radiation.wavelength_id                    1 
_diffrn_radiation.pdbx_monochromatic_or_laue_m_l   M 
_diffrn_radiation.monochromator                    'FOCUSSING SILICON CRYSTAL' 
_diffrn_radiation.pdbx_diffrn_protocol             'SINGLE WAVELENGTH' 
_diffrn_radiation.pdbx_scattering_type             x-ray 
# 
_diffrn_radiation_wavelength.id           1 
_diffrn_radiation_wavelength.wavelength   1.0000 
_diffrn_radiation_wavelength.wt           1.0 
# 
_diffrn_source.diffrn_id                   1 
_diffrn_source.source                      SYNCHROTRON 
_diffrn_source.type                        'PHOTON FACTORY BEAMLINE BL-6A' 
_diffrn_source.pdbx_synchrotron_site       'Photon Factory' 
_diffrn_source.pdbx_synchrotron_beamline   BL-6A 
_diffrn_source.pdbx_wavelength             1.0000 
_diffrn_source.pdbx_wavelength_list        ? 
# 
_reflns.pdbx_diffrn_id               1 
_reflns.pdbx_ordinal                 1 
_reflns.entry_id                     1FVM 
_reflns.observed_criterion_sigma_I   0.000 
_reflns.observed_criterion_sigma_F   ? 
_reflns.d_resolution_low             25.500 
_reflns.d_resolution_high            1.800 
_reflns.number_obs                   8400 
_reflns.number_all                   ? 
_reflns.percent_possible_obs         100.0 
_reflns.pdbx_Rmerge_I_obs            0.04600 
_reflns.pdbx_Rsym_value              0.04300 
_reflns.pdbx_netI_over_sigmaI        11.7000 
_reflns.B_iso_Wilson_estimate        6.80 
_reflns.pdbx_redundancy              6.800 
# 
_reflns_shell.pdbx_diffrn_id         1 
_reflns_shell.pdbx_ordinal           1 
_reflns_shell.d_res_high             1.80 
_reflns_shell.d_res_low              1.90 
_reflns_shell.percent_possible_all   99.9 
_reflns_shell.Rmerge_I_obs           0.07200 
_reflns_shell.pdbx_Rsym_value        0.06600 
_reflns_shell.meanI_over_sigI_obs    8.500 
_reflns_shell.pdbx_redundancy        6.30 
# 
_refine.pdbx_refine_id                           'X-RAY DIFFRACTION' 
_refine.entry_id                                 1FVM 
_refine.pdbx_diffrn_id                           1 
_refine.pdbx_TLS_residual_ADP_flag               ? 
_refine.ls_number_reflns_obs                     7864 
_refine.ls_number_reflns_all                     ? 
_refine.pdbx_ls_sigma_I                          ? 
_refine.pdbx_ls_sigma_F                          4.000 
_refine.pdbx_data_cutoff_high_absF               1000000.000 
_refine.pdbx_data_cutoff_low_absF                0.0010 
_refine.pdbx_data_cutoff_high_rms_absF           ? 
_refine.ls_d_res_low                             5.00 
_refine.ls_d_res_high                            1.80 
_refine.ls_percent_reflns_obs                    99.0 
_refine.ls_R_factor_obs                          0.144 
_refine.ls_R_factor_all                          ? 
_refine.ls_R_factor_R_work                       0.144 
_refine.ls_R_factor_R_free                       ? 
_refine.ls_R_factor_R_free_error                 ? 
_refine.ls_R_factor_R_free_error_details         ? 
_refine.ls_percent_reflns_R_free                 ? 
_refine.ls_number_reflns_R_free                  ? 
_refine.ls_number_parameters                     ? 
_refine.ls_number_restraints                     ? 
_refine.occupancy_min                            ? 
_refine.occupancy_max                            ? 
_refine.correlation_coeff_Fo_to_Fc               ? 
_refine.correlation_coeff_Fo_to_Fc_free          ? 
_refine.B_iso_mean                               8.50 
_refine.aniso_B[1][1]                            ? 
_refine.aniso_B[2][2]                            ? 
_refine.aniso_B[3][3]                            ? 
_refine.aniso_B[1][2]                            ? 
_refine.aniso_B[1][3]                            ? 
_refine.aniso_B[2][3]                            ? 
_refine.solvent_model_details                    ? 
_refine.solvent_model_param_ksol                 ? 
_refine.solvent_model_param_bsol                 ? 
_refine.pdbx_solvent_vdw_probe_radii             ? 
_refine.pdbx_solvent_ion_probe_radii             ? 
_refine.pdbx_solvent_shrinkage_radii             ? 
_refine.pdbx_ls_cross_valid_method               ? 
_refine.details                                  ? 
_refine.pdbx_starting_model                      'PDB ENTRY 1AA5' 
_refine.pdbx_method_to_determine_struct          'MOLECULAR REPLACEMENT' 
_refine.pdbx_isotropic_thermal_model             RESTRAINED 
_refine.pdbx_stereochemistry_target_values       ? 
_refine.pdbx_stereochem_target_val_spec_case     ? 
_refine.pdbx_R_Free_selection_details            ? 
_refine.pdbx_overall_ESU_R                       ? 
_refine.pdbx_overall_ESU_R_Free                  ? 
_refine.overall_SU_ML                            ? 
_refine.pdbx_overall_phase_error                 ? 
_refine.overall_SU_B                             ? 
_refine.overall_SU_R_Cruickshank_DPI             ? 
_refine.pdbx_overall_SU_R_free_Cruickshank_DPI   ? 
_refine.pdbx_overall_SU_R_Blow_DPI               ? 
_refine.pdbx_overall_SU_R_free_Blow_DPI          ? 
# 
_refine_analyze.pdbx_refine_id                  'X-RAY DIFFRACTION' 
_refine_analyze.entry_id                        1FVM 
_refine_analyze.Luzzati_coordinate_error_obs    0.13 
_refine_analyze.Luzzati_sigma_a_obs             0.07 
_refine_analyze.Luzzati_d_res_low_obs           5.00 
_refine_analyze.Luzzati_coordinate_error_free   ? 
_refine_analyze.Luzzati_sigma_a_free            ? 
_refine_analyze.Luzzati_d_res_low_free          ? 
_refine_analyze.number_disordered_residues      ? 
_refine_analyze.occupancy_sum_hydrogen          ? 
_refine_analyze.occupancy_sum_non_hydrogen      ? 
# 
_refine_hist.pdbx_refine_id                   'X-RAY DIFFRACTION' 
_refine_hist.cycle_id                         LAST 
_refine_hist.pdbx_number_atoms_protein        636 
_refine_hist.pdbx_number_atoms_nucleic_acid   0 
_refine_hist.pdbx_number_atoms_ligand         126 
_refine_hist.number_atoms_solvent             112 
_refine_hist.number_atoms_total               874 
_refine_hist.d_res_high                       1.80 
_refine_hist.d_res_low                        5.00 
# 
loop_
_refine_ls_restr.type 
_refine_ls_restr.dev_ideal 
_refine_ls_restr.dev_ideal_target 
_refine_ls_restr.weight 
_refine_ls_restr.number 
_refine_ls_restr.pdbx_refine_id 
_refine_ls_restr.pdbx_restraint_function 
x_bond_d                0.009 ?     ? ? 'X-RAY DIFFRACTION' ? 
x_bond_d_na             ?     ?     ? ? 'X-RAY DIFFRACTION' ? 
x_bond_d_prot           ?     ?     ? ? 'X-RAY DIFFRACTION' ? 
x_angle_d               ?     ?     ? ? 'X-RAY DIFFRACTION' ? 
x_angle_d_na            ?     ?     ? ? 'X-RAY DIFFRACTION' ? 
x_angle_d_prot          ?     ?     ? ? 'X-RAY DIFFRACTION' ? 
x_angle_deg             1.05  ?     ? ? 'X-RAY DIFFRACTION' ? 
x_angle_deg_na          ?     ?     ? ? 'X-RAY DIFFRACTION' ? 
x_angle_deg_prot        ?     ?     ? ? 'X-RAY DIFFRACTION' ? 
x_dihedral_angle_d      0.76  ?     ? ? 'X-RAY DIFFRACTION' ? 
x_dihedral_angle_d_na   ?     ?     ? ? 'X-RAY DIFFRACTION' ? 
x_dihedral_angle_d_prot ?     ?     ? ? 'X-RAY DIFFRACTION' ? 
x_improper_angle_d      1.34  ?     ? ? 'X-RAY DIFFRACTION' ? 
x_improper_angle_d_na   ?     ?     ? ? 'X-RAY DIFFRACTION' ? 
x_improper_angle_d_prot ?     ?     ? ? 'X-RAY DIFFRACTION' ? 
x_mcbond_it             ?     1.500 ? ? 'X-RAY DIFFRACTION' ? 
x_mcangle_it            ?     2.000 ? ? 'X-RAY DIFFRACTION' ? 
x_scbond_it             1.350 2.000 ? ? 'X-RAY DIFFRACTION' ? 
x_scangle_it            1.970 2.500 ? ? 'X-RAY DIFFRACTION' ? 
# 
_refine_ls_shell.pdbx_refine_id                   'X-RAY DIFFRACTION' 
_refine_ls_shell.pdbx_total_number_of_bins_used   20 
_refine_ls_shell.d_res_high                       1.80 
_refine_ls_shell.d_res_low                        1.83 
_refine_ls_shell.number_reflns_R_work             382 
_refine_ls_shell.R_factor_R_work                  0.1480 
_refine_ls_shell.percent_reflns_obs               95.70 
_refine_ls_shell.R_factor_R_free                  ? 
_refine_ls_shell.R_factor_R_free_error            ? 
_refine_ls_shell.percent_reflns_R_free            ? 
_refine_ls_shell.number_reflns_R_free             ? 
_refine_ls_shell.number_reflns_all                ? 
_refine_ls_shell.R_factor_all                     ? 
# 
_pdbx_xplor_file.pdbx_refine_id   'X-RAY DIFFRACTION' 
_pdbx_xplor_file.serial_no        1 
_pdbx_xplor_file.param_file       PARAM19X.SOL 
_pdbx_xplor_file.topol_file       TOPH19.SOL 
# 
_struct.entry_id                  1FVM 
_struct.title                     'Complex of vancomycin with DI-acetyl-LYS-D-ALA-D-ALA' 
_struct.pdbx_model_details        ? 
_struct.pdbx_CASP_flag            ? 
_struct.pdbx_model_type_details   ? 
# 
_struct_keywords.entry_id        1FVM 
_struct_keywords.pdbx_keywords   PEPTIDE/ANTIBIOTIC 
_struct_keywords.text            
'PEPTIDE-ANTIBIOTIC COMPLEX, GLYCOPEPTIDE, ANTIBIOTIC, VANCOMYCIN, CELL WALL PRECURSOR, STRUCTURAL PROTEIN-ANTIBIOTIC COMPLEX' 
# 
loop_
_struct_asym.id 
_struct_asym.pdbx_blank_PDB_chainid_flag 
_struct_asym.pdbx_modified 
_struct_asym.entity_id 
_struct_asym.details 
A  N N 1 ? 
B  N N 1 ? 
C  N N 1 ? 
D  N N 1 ? 
E  N N 1 ? 
F  N N 1 ? 
G  N N 2 ? 
H  N N 2 ? 
I  N N 2 ? 
J  N N 2 ? 
K  N N 2 ? 
L  N N 2 ? 
M  N N 3 ? 
N  N N 3 ? 
O  N N 3 ? 
P  N N 3 ? 
Q  N N 3 ? 
R  N N 3 ? 
S  N N 4 ? 
T  N N 4 ? 
U  N N 4 ? 
V  N N 4 ? 
W  N N 4 ? 
X  N N 4 ? 
Y  N N 4 ? 
Z  N N 4 ? 
AA N N 4 ? 
BA N N 4 ? 
CA N N 4 ? 
DA N N 4 ? 
# 
_struct_biol.id   1 
# 
loop_
_struct_conn.id 
_struct_conn.conn_type_id 
_struct_conn.pdbx_leaving_atom_flag 
_struct_conn.pdbx_PDB_id 
_struct_conn.ptnr1_label_asym_id 
_struct_conn.ptnr1_label_comp_id 
_struct_conn.ptnr1_label_seq_id 
_struct_conn.ptnr1_label_atom_id 
_struct_conn.pdbx_ptnr1_label_alt_id 
_struct_conn.pdbx_ptnr1_PDB_ins_code 
_struct_conn.pdbx_ptnr1_standard_comp_id 
_struct_conn.ptnr1_symmetry 
_struct_conn.ptnr2_label_asym_id 
_struct_conn.ptnr2_label_comp_id 
_struct_conn.ptnr2_label_seq_id 
_struct_conn.ptnr2_label_atom_id 
_struct_conn.pdbx_ptnr2_label_alt_id 
_struct_conn.pdbx_ptnr2_PDB_ins_code 
_struct_conn.ptnr1_auth_asym_id 
_struct_conn.ptnr1_auth_comp_id 
_struct_conn.ptnr1_auth_seq_id 
_struct_conn.ptnr2_auth_asym_id 
_struct_conn.ptnr2_auth_comp_id 
_struct_conn.ptnr2_auth_seq_id 
_struct_conn.ptnr2_symmetry 
_struct_conn.pdbx_ptnr3_label_atom_id 
_struct_conn.pdbx_ptnr3_label_seq_id 
_struct_conn.pdbx_ptnr3_label_comp_id 
_struct_conn.pdbx_ptnr3_label_asym_id 
_struct_conn.pdbx_ptnr3_label_alt_id 
_struct_conn.pdbx_ptnr3_PDB_ins_code 
_struct_conn.details 
_struct_conn.pdbx_dist_value 
_struct_conn.pdbx_value_order 
_struct_conn.pdbx_role 
covale1  covale both ? A MLU 1 C  ? ? ? 1_555 A OMZ 2 N   ? ? A MLU 1 A OMZ 2 1_555 ? ? ? ? ? ? ? 1.349 ? ? 
covale2  covale both ? A OMZ 2 C  ? ? ? 1_555 A ASN 3 N   ? ? A OMZ 2 A ASN 3 1_555 ? ? ? ? ? ? ? 1.357 ? ? 
covale3  covale none ? A OMZ 2 OH ? ? ? 1_555 A GHP 4 C5  ? ? A OMZ 2 A GHP 4 1_555 ? ? ? ? ? ? ? 1.411 ? ? 
covale4  covale both ? A ASN 3 C  ? ? ? 1_555 A GHP 4 N   ? ? A ASN 3 A GHP 4 1_555 ? ? ? ? ? ? ? 1.327 ? ? 
covale5  covale both ? A GHP 4 C  ? ? ? 1_555 A GHP 5 N   ? ? A GHP 4 A GHP 5 1_555 ? ? ? ? ? ? ? 1.343 ? ? 
covale6  covale none ? A GHP 4 C3 ? ? ? 1_555 A OMY 6 OCZ ? ? A GHP 4 A OMY 6 1_555 ? ? ? ? ? ? ? 1.399 ? ? 
covale7  covale one  ? A GHP 4 O4 ? ? ? 1_555 M BGC . C1  ? ? A GHP 4 M BGC 1 1_555 ? ? ? ? ? ? ? 1.391 ? ? 
covale8  covale both ? A GHP 5 C  ? ? ? 1_555 A OMY 6 N   ? ? A GHP 5 A OMY 6 1_555 ? ? ? ? ? ? ? 1.350 ? ? 
covale9  covale one  ? A GHP 5 C3 ? ? ? 1_555 A 3FG 7 CG1 ? ? A GHP 5 A 3FG 7 1_555 ? ? ? ? ? ? ? 1.501 ? ? 
covale10 covale both ? A OMY 6 C  ? ? ? 1_555 A 3FG 7 N   ? ? A OMY 6 A 3FG 7 1_555 ? ? ? ? ? ? ? 1.338 ? ? 
covale11 covale both ? B MLU 1 C  ? ? ? 1_555 B OMZ 2 N   ? ? B MLU 1 B OMZ 2 1_555 ? ? ? ? ? ? ? 1.347 ? ? 
covale12 covale both ? B OMZ 2 C  ? ? ? 1_555 B ASN 3 N   ? ? B OMZ 2 B ASN 3 1_555 ? ? ? ? ? ? ? 1.351 ? ? 
covale13 covale none ? B OMZ 2 OH ? ? ? 1_555 B GHP 4 C5  ? ? B OMZ 2 B GHP 4 1_555 ? ? ? ? ? ? ? 1.400 ? ? 
covale14 covale both ? B ASN 3 C  ? ? ? 1_555 B GHP 4 N   ? ? B ASN 3 B GHP 4 1_555 ? ? ? ? ? ? ? 1.314 ? ? 
covale15 covale both ? B GHP 4 C  ? ? ? 1_555 B GHP 5 N   ? ? B GHP 4 B GHP 5 1_555 ? ? ? ? ? ? ? 1.358 ? ? 
covale16 covale none ? B GHP 4 C3 ? ? ? 1_555 B OMY 6 OCZ ? ? B GHP 4 B OMY 6 1_555 ? ? ? ? ? ? ? 1.398 ? ? 
covale17 covale one  ? B GHP 4 O4 ? ? ? 1_555 N BGC . C1  ? ? B GHP 4 N BGC 1 1_555 ? ? ? ? ? ? ? 1.410 ? ? 
covale18 covale both ? B GHP 5 C  ? ? ? 1_555 B OMY 6 N   ? ? B GHP 5 B OMY 6 1_555 ? ? ? ? ? ? ? 1.341 ? ? 
covale19 covale one  ? B GHP 5 C3 ? ? ? 1_555 B 3FG 7 CG1 ? ? B GHP 5 B 3FG 7 1_555 ? ? ? ? ? ? ? 1.513 ? ? 
covale20 covale both ? B OMY 6 C  ? ? ? 1_555 B 3FG 7 N   ? ? B OMY 6 B 3FG 7 1_555 ? ? ? ? ? ? ? 1.330 ? ? 
covale21 covale both ? C MLU 1 C  ? ? ? 1_555 C OMZ 2 N   ? ? C MLU 1 C OMZ 2 1_555 ? ? ? ? ? ? ? 1.358 ? ? 
covale22 covale both ? C OMZ 2 C  ? ? ? 1_555 C ASN 3 N   ? ? C OMZ 2 C ASN 3 1_555 ? ? ? ? ? ? ? 1.333 ? ? 
covale23 covale none ? C OMZ 2 OH ? ? ? 1_555 C GHP 4 C5  ? ? C OMZ 2 C GHP 4 1_555 ? ? ? ? ? ? ? 1.413 ? ? 
covale24 covale both ? C ASN 3 C  ? ? ? 1_555 C GHP 4 N   ? ? C ASN 3 C GHP 4 1_555 ? ? ? ? ? ? ? 1.320 ? ? 
covale25 covale both ? C GHP 4 C  ? ? ? 1_555 C GHP 5 N   ? ? C GHP 4 C GHP 5 1_555 ? ? ? ? ? ? ? 1.352 ? ? 
covale26 covale none ? C GHP 4 C3 ? ? ? 1_555 C OMY 6 OCZ ? ? C GHP 4 C OMY 6 1_555 ? ? ? ? ? ? ? 1.413 ? ? 
covale27 covale one  ? C GHP 4 O4 ? ? ? 1_555 O BGC . C1  ? ? C GHP 4 O BGC 1 1_555 ? ? ? ? ? ? ? 1.401 ? ? 
covale28 covale both ? C GHP 5 C  ? ? ? 1_555 C OMY 6 N   ? ? C GHP 5 C OMY 6 1_555 ? ? ? ? ? ? ? 1.335 ? ? 
covale29 covale one  ? C GHP 5 C3 ? ? ? 1_555 C 3FG 7 CG1 ? ? C GHP 5 C 3FG 7 1_555 ? ? ? ? ? ? ? 1.492 ? ? 
covale30 covale both ? C OMY 6 C  ? ? ? 1_555 C 3FG 7 N   ? ? C OMY 6 C 3FG 7 1_555 ? ? ? ? ? ? ? 1.344 ? ? 
covale31 covale both ? D MLU 1 C  ? ? ? 1_555 D OMZ 2 N   ? ? D MLU 1 D OMZ 2 1_555 ? ? ? ? ? ? ? 1.353 ? ? 
covale32 covale both ? D OMZ 2 C  ? ? ? 1_555 D ASN 3 N   ? ? D OMZ 2 D ASN 3 1_555 ? ? ? ? ? ? ? 1.352 ? ? 
covale33 covale none ? D OMZ 2 OH ? ? ? 1_555 D GHP 4 C5  ? ? D OMZ 2 D GHP 4 1_555 ? ? ? ? ? ? ? 1.411 ? ? 
covale34 covale both ? D ASN 3 C  ? ? ? 1_555 D GHP 4 N   ? ? D ASN 3 D GHP 4 1_555 ? ? ? ? ? ? ? 1.315 ? ? 
covale35 covale both ? D GHP 4 C  ? ? ? 1_555 D GHP 5 N   ? ? D GHP 4 D GHP 5 1_555 ? ? ? ? ? ? ? 1.353 ? ? 
covale36 covale none ? D GHP 4 C3 ? ? ? 1_555 D OMY 6 OCZ ? ? D GHP 4 D OMY 6 1_555 ? ? ? ? ? ? ? 1.397 ? ? 
covale37 covale one  ? D GHP 4 O4 ? ? ? 1_555 P BGC . C1  ? ? D GHP 4 P BGC 1 1_555 ? ? ? ? ? ? ? 1.408 ? ? 
covale38 covale both ? D GHP 5 C  ? ? ? 1_555 D OMY 6 N   ? ? D GHP 5 D OMY 6 1_555 ? ? ? ? ? ? ? 1.348 ? ? 
covale39 covale one  ? D GHP 5 C3 ? ? ? 1_555 D 3FG 7 CG1 ? ? D GHP 5 D 3FG 7 1_555 ? ? ? ? ? ? ? 1.510 ? ? 
covale40 covale both ? D OMY 6 C  ? ? ? 1_555 D 3FG 7 N   ? ? D OMY 6 D 3FG 7 1_555 ? ? ? ? ? ? ? 1.339 ? ? 
covale41 covale both ? E MLU 1 C  ? ? ? 1_555 E OMZ 2 N   ? ? E MLU 1 E OMZ 2 1_555 ? ? ? ? ? ? ? 1.350 ? ? 
covale42 covale both ? E OMZ 2 C  ? ? ? 1_555 E ASN 3 N   ? ? E OMZ 2 E ASN 3 1_555 ? ? ? ? ? ? ? 1.340 ? ? 
covale43 covale none ? E OMZ 2 OH ? ? ? 1_555 E GHP 4 C5  ? ? E OMZ 2 E GHP 4 1_555 ? ? ? ? ? ? ? 1.409 ? ? 
covale44 covale both ? E ASN 3 C  ? ? ? 1_555 E GHP 4 N   ? ? E ASN 3 E GHP 4 1_555 ? ? ? ? ? ? ? 1.315 ? ? 
covale45 covale both ? E GHP 4 C  ? ? ? 1_555 E GHP 5 N   ? ? E GHP 4 E GHP 5 1_555 ? ? ? ? ? ? ? 1.350 ? ? 
covale46 covale none ? E GHP 4 C3 ? ? ? 1_555 E OMY 6 OCZ ? ? E GHP 4 E OMY 6 1_555 ? ? ? ? ? ? ? 1.404 ? ? 
covale47 covale one  ? E GHP 4 O4 ? ? ? 1_555 Q BGC . C1  ? ? E GHP 4 Q BGC 1 1_555 ? ? ? ? ? ? ? 1.391 ? ? 
covale48 covale both ? E GHP 5 C  ? ? ? 1_555 E OMY 6 N   ? ? E GHP 5 E OMY 6 1_555 ? ? ? ? ? ? ? 1.339 ? ? 
covale49 covale one  ? E GHP 5 C3 ? ? ? 1_555 E 3FG 7 CG1 ? ? E GHP 5 E 3FG 7 1_555 ? ? ? ? ? ? ? 1.509 ? ? 
covale50 covale both ? E OMY 6 C  ? ? ? 1_555 E 3FG 7 N   ? ? E OMY 6 E 3FG 7 1_555 ? ? ? ? ? ? ? 1.337 ? ? 
covale51 covale both ? F MLU 1 C  ? ? ? 1_555 F OMZ 2 N   ? ? F MLU 1 F OMZ 2 1_555 ? ? ? ? ? ? ? 1.358 ? ? 
covale52 covale both ? F OMZ 2 C  ? ? ? 1_555 F ASN 3 N   ? ? F OMZ 2 F ASN 3 1_555 ? ? ? ? ? ? ? 1.351 ? ? 
covale53 covale none ? F OMZ 2 OH ? ? ? 1_555 F GHP 4 C5  ? ? F OMZ 2 F GHP 4 1_555 ? ? ? ? ? ? ? 1.409 ? ? 
covale54 covale both ? F ASN 3 C  ? ? ? 1_555 F GHP 4 N   ? ? F ASN 3 F GHP 4 1_555 ? ? ? ? ? ? ? 1.316 ? ? 
covale55 covale both ? F GHP 4 C  ? ? ? 1_555 F GHP 5 N   ? ? F GHP 4 F GHP 5 1_555 ? ? ? ? ? ? ? 1.345 ? ? 
covale56 covale none ? F GHP 4 C3 ? ? ? 1_555 F OMY 6 OCZ ? ? F GHP 4 F OMY 6 1_555 ? ? ? ? ? ? ? 1.402 ? ? 
covale57 covale one  ? F GHP 4 O4 ? ? ? 1_555 R BGC . C1  ? ? F GHP 4 R BGC 1 1_555 ? ? ? ? ? ? ? 1.403 ? ? 
covale58 covale both ? F GHP 5 C  ? ? ? 1_555 F OMY 6 N   ? ? F GHP 5 F OMY 6 1_555 ? ? ? ? ? ? ? 1.350 ? ? 
covale59 covale one  ? F GHP 5 C3 ? ? ? 1_555 F 3FG 7 CG1 ? ? F GHP 5 F 3FG 7 1_555 ? ? ? ? ? ? ? 1.498 ? ? 
covale60 covale both ? F OMY 6 C  ? ? ? 1_555 F 3FG 7 N   ? ? F OMY 6 F 3FG 7 1_555 ? ? ? ? ? ? ? 1.356 ? ? 
covale61 covale both ? G DLS 1 C  ? ? ? 1_555 G DAL 2 N   ? ? G DLS 1 G DAL 2 1_555 ? ? ? ? ? ? ? 1.327 ? ? 
covale62 covale both ? G DAL 2 C  ? ? ? 1_555 G DAL 3 N   ? ? G DAL 2 G DAL 3 1_555 ? ? ? ? ? ? ? 1.325 ? ? 
covale63 covale both ? H DLS 1 C  ? ? ? 1_555 H DAL 2 N   ? ? H DLS 1 H DAL 2 1_555 ? ? ? ? ? ? ? 1.328 ? ? 
covale64 covale both ? H DAL 2 C  ? ? ? 1_555 H DAL 3 N   ? ? H DAL 2 H DAL 3 1_555 ? ? ? ? ? ? ? 1.331 ? ? 
covale65 covale both ? I DLS 1 C  ? ? ? 1_555 I DAL 2 N   ? ? I DLS 1 I DAL 2 1_555 ? ? ? ? ? ? ? 1.341 ? ? 
covale66 covale both ? I DAL 2 C  ? ? ? 1_555 I DAL 3 N   ? ? I DAL 2 I DAL 3 1_555 ? ? ? ? ? ? ? 1.340 ? ? 
covale67 covale both ? J DLS 1 C  ? ? ? 1_555 J DAL 2 N   ? ? J DLS 1 J DAL 2 1_555 ? ? ? ? ? ? ? 1.333 ? ? 
covale68 covale both ? J DAL 2 C  ? ? ? 1_555 J DAL 3 N   ? ? J DAL 2 J DAL 3 1_555 ? ? ? ? ? ? ? 1.340 ? ? 
covale69 covale both ? K DLS 1 C  ? ? ? 1_555 K DAL 2 N   ? ? K DLS 1 K DAL 2 1_555 ? ? ? ? ? ? ? 1.333 ? ? 
covale70 covale both ? K DAL 2 C  ? ? ? 1_555 K DAL 3 N   ? ? K DAL 2 K DAL 3 1_555 ? ? ? ? ? ? ? 1.328 ? ? 
covale71 covale both ? L DLS 1 C  ? ? ? 1_555 L DAL 2 N   ? ? L DLS 1 L DAL 2 1_555 ? ? ? ? ? ? ? 1.335 ? ? 
covale72 covale both ? L DAL 2 C  ? ? ? 1_555 L DAL 3 N   ? ? L DAL 2 L DAL 3 1_555 ? ? ? ? ? ? ? 1.338 ? ? 
covale73 covale both ? M BGC . O2 ? ? ? 1_555 M RER . C1  ? ? M BGC 1 M RER 2 1_555 ? ? ? ? ? ? ? 1.419 ? ? 
covale74 covale both ? N BGC . O2 ? ? ? 1_555 N RER . C1  ? ? N BGC 1 N RER 2 1_555 ? ? ? ? ? ? ? 1.418 ? ? 
covale75 covale both ? O BGC . O2 ? ? ? 1_555 O RER . C1  ? ? O BGC 1 O RER 2 1_555 ? ? ? ? ? ? ? 1.418 ? ? 
covale76 covale both ? P BGC . O2 ? ? ? 1_555 P RER . C1  ? ? P BGC 1 P RER 2 1_555 ? ? ? ? ? ? ? 1.419 ? ? 
covale77 covale both ? Q BGC . O2 ? ? ? 1_555 Q RER . C1  ? ? Q BGC 1 Q RER 2 1_555 ? ? ? ? ? ? ? 1.422 ? ? 
covale78 covale both ? R BGC . O2 ? ? ? 1_555 R RER . C1  ? ? R BGC 1 R RER 2 1_555 ? ? ? ? ? ? ? 1.419 ? ? 
# 
_struct_conn_type.id          covale 
_struct_conn_type.criteria    ? 
_struct_conn_type.reference   ? 
# 
loop_
_struct_mon_prot_cis.pdbx_id 
_struct_mon_prot_cis.label_comp_id 
_struct_mon_prot_cis.label_seq_id 
_struct_mon_prot_cis.label_asym_id 
_struct_mon_prot_cis.label_alt_id 
_struct_mon_prot_cis.pdbx_PDB_ins_code 
_struct_mon_prot_cis.auth_comp_id 
_struct_mon_prot_cis.auth_seq_id 
_struct_mon_prot_cis.auth_asym_id 
_struct_mon_prot_cis.pdbx_label_comp_id_2 
_struct_mon_prot_cis.pdbx_label_seq_id_2 
_struct_mon_prot_cis.pdbx_label_asym_id_2 
_struct_mon_prot_cis.pdbx_PDB_ins_code_2 
_struct_mon_prot_cis.pdbx_auth_comp_id_2 
_struct_mon_prot_cis.pdbx_auth_seq_id_2 
_struct_mon_prot_cis.pdbx_auth_asym_id_2 
_struct_mon_prot_cis.pdbx_PDB_model_num 
_struct_mon_prot_cis.pdbx_omega_angle 
1 GHP 5 A . ? GHP 5 A OMY 6 A ? OMY 6 A 1 1.25 
2 GHP 5 B . ? GHP 5 B OMY 6 B ? OMY 6 B 1 1.30 
3 GHP 5 C . ? GHP 5 C OMY 6 C ? OMY 6 C 1 1.08 
4 GHP 5 D . ? GHP 5 D OMY 6 D ? OMY 6 D 1 1.10 
5 GHP 5 E . ? GHP 5 E OMY 6 E ? OMY 6 E 1 0.01 
6 GHP 5 F . ? GHP 5 F OMY 6 F ? OMY 6 F 1 1.33 
# 
_atom_sites.entry_id                    1FVM 
_atom_sites.fract_transf_matrix[1][1]   -0.01147410 
_atom_sites.fract_transf_matrix[1][2]   -0.01319176 
_atom_sites.fract_transf_matrix[1][3]   -0.02194862 
_atom_sites.fract_transf_matrix[2][1]   0.00238000 
_atom_sites.fract_transf_matrix[2][2]   -0.02397386 
_atom_sites.fract_transf_matrix[2][3]   0.01316479 
_atom_sites.fract_transf_matrix[3][1]   -0.01382120 
_atom_sites.fract_transf_matrix[3][2]   0.00195148 
_atom_sites.fract_transf_matrix[3][3]   0.00605243 
_atom_sites.fract_transf_vector[1]      0.035187 
_atom_sites.fract_transf_vector[2]      -0.149369 
_atom_sites.fract_transf_vector[3]      0.363657 
# 
loop_
_atom_type.symbol 
C  
CL 
N  
O  
# 
loop_
_atom_site.group_PDB 
_atom_site.id 
_atom_site.type_symbol 
_atom_site.label_atom_id 
_atom_site.label_alt_id 
_atom_site.label_comp_id 
_atom_site.label_asym_id 
_atom_site.label_entity_id 
_atom_site.label_seq_id 
_atom_site.pdbx_PDB_ins_code 
_atom_site.Cartn_x 
_atom_site.Cartn_y 
_atom_site.Cartn_z 
_atom_site.occupancy 
_atom_site.B_iso_or_equiv 
_atom_site.pdbx_formal_charge 
_atom_site.auth_seq_id 
_atom_site.auth_comp_id 
_atom_site.auth_asym_id 
_atom_site.auth_atom_id 
_atom_site.pdbx_PDB_model_num 
HETATM 1   N  N   . MLU A  1 1 ? -4.377  -6.508  12.592  1.00 10.57 ? 1    MLU A N   1 
HETATM 2   C  CN  . MLU A  1 1 ? -4.896  -7.732  13.253  1.00 8.78  ? 1    MLU A CN  1 
HETATM 3   C  CA  . MLU A  1 1 ? -3.997  -6.714  11.160  1.00 9.32  ? 1    MLU A CA  1 
HETATM 4   C  C   . MLU A  1 1 ? -5.279  -6.910  10.333  1.00 8.61  ? 1    MLU A C   1 
HETATM 5   O  O   . MLU A  1 1 ? -6.323  -6.378  10.676  1.00 9.05  ? 1    MLU A O   1 
HETATM 6   C  CB  . MLU A  1 1 ? -3.263  -5.500  10.601  1.00 9.04  ? 1    MLU A CB  1 
HETATM 7   C  CG  . MLU A  1 1 ? -1.897  -5.107  11.186  1.00 9.77  ? 1    MLU A CG  1 
HETATM 8   C  CD1 . MLU A  1 1 ? -0.886  -6.167  10.962  1.00 10.82 ? 1    MLU A CD1 1 
HETATM 9   C  CD2 . MLU A  1 1 ? -1.439  -3.823  10.504  1.00 9.78  ? 1    MLU A CD2 1 
HETATM 10  N  N   . OMZ A  1 2 ? -5.182  -7.660  9.216   1.00 6.08  ? 2    OMZ A N   1 
HETATM 11  C  CA  . OMZ A  1 2 ? -6.353  -7.830  8.380   1.00 5.01  ? 2    OMZ A CA  1 
HETATM 12  C  C   . OMZ A  1 2 ? -6.124  -7.165  6.986   1.00 4.61  ? 2    OMZ A C   1 
HETATM 13  O  O   . OMZ A  1 2 ? -7.074  -7.019  6.228   1.00 5.14  ? 2    OMZ A O   1 
HETATM 14  C  CB  . OMZ A  1 2 ? -6.805  -9.330  8.177   1.00 4.44  ? 2    OMZ A CB  1 
HETATM 15  O  OC  . OMZ A  1 2 ? -7.007  -9.971  9.427   1.00 4.06  ? 2    OMZ A OC  1 
HETATM 16  C  CG  . OMZ A  1 2 ? -5.770  -10.043 7.371   1.00 3.67  ? 2    OMZ A CG  1 
HETATM 17  C  CD1 . OMZ A  1 2 ? -5.968  -10.203 5.996   1.00 4.01  ? 2    OMZ A CD1 1 
HETATM 18  C  CD2 . OMZ A  1 2 ? -4.595  -10.539 7.956   1.00 3.84  ? 2    OMZ A CD2 1 
HETATM 19  C  CE1 . OMZ A  1 2 ? -5.006  -10.834 5.230   1.00 4.09  ? 2    OMZ A CE1 1 
HETATM 20  CL CL  . OMZ A  1 2 ? -5.276  -11.019 3.529   1.00 8.11  ? 2    OMZ A CL  1 
HETATM 21  C  CE2 . OMZ A  1 2 ? -3.651  -11.155 7.182   1.00 4.57  ? 2    OMZ A CE2 1 
HETATM 22  C  CZ  . OMZ A  1 2 ? -3.853  -11.296 5.816   1.00 4.83  ? 2    OMZ A CZ  1 
HETATM 23  O  OH  . OMZ A  1 2 ? -2.867  -11.897 5.070   1.00 5.04  ? 2    OMZ A OH  1 
ATOM   24  N  N   . ASN A  1 3 ? -4.860  -6.767  6.692   1.00 4.73  ? 3    ASN A N   1 
ATOM   25  C  CA  . ASN A  1 3 ? -4.571  -5.752  5.638   1.00 3.50  ? 3    ASN A CA  1 
ATOM   26  C  C   . ASN A  1 3 ? -3.727  -6.323  4.483   1.00 4.88  ? 3    ASN A C   1 
ATOM   27  O  O   . ASN A  1 3 ? -4.213  -6.313  3.339   1.00 5.87  ? 3    ASN A O   1 
ATOM   28  C  CB  . ASN A  1 3 ? -3.903  -4.545  6.245   1.00 3.14  ? 3    ASN A CB  1 
ATOM   29  C  CG  . ASN A  1 3 ? -4.665  -3.900  7.384   1.00 4.06  ? 3    ASN A CG  1 
ATOM   30  O  OD1 . ASN A  1 3 ? -5.878  -4.146  7.569   1.00 4.73  ? 3    ASN A OD1 1 
ATOM   31  N  ND2 . ASN A  1 3 ? -3.943  -3.074  8.136   1.00 2.84  ? 3    ASN A ND2 1 
HETATM 32  N  N   . GHP A  1 4 ? -2.511  -6.773  4.765   1.00 5.12  ? 4    GHP A N   1 
HETATM 33  C  CA  . GHP A  1 4 ? -1.568  -7.231  3.720   1.00 3.80  ? 4    GHP A CA  1 
HETATM 34  C  C   . GHP A  1 4 ? -0.253  -6.497  3.917   1.00 2.61  ? 4    GHP A C   1 
HETATM 35  O  O   . GHP A  1 4 ? 0.228   -6.303  5.017   1.00 1.31  ? 4    GHP A O   1 
HETATM 36  C  C1  . GHP A  1 4 ? -1.331  -8.753  3.738   1.00 4.69  ? 4    GHP A C1  1 
HETATM 37  C  C2  . GHP A  1 4 ? -0.237  -9.304  3.121   1.00 4.12  ? 4    GHP A C2  1 
HETATM 38  C  C3  . GHP A  1 4 ? -0.013  -10.689 3.154   1.00 4.42  ? 4    GHP A C3  1 
HETATM 39  C  C4  . GHP A  1 4 ? -0.899  -11.521 3.814   1.00 4.66  ? 4    GHP A C4  1 
HETATM 40  O  O4  . GHP A  1 4 ? -0.710  -12.890 3.884   1.00 5.85  ? 4    GHP A O4  1 
HETATM 41  C  C5  . GHP A  1 4 ? -2.006  -10.981 4.429   1.00 3.99  ? 4    GHP A C5  1 
HETATM 42  C  C6  . GHP A  1 4 ? -2.216  -9.609  4.393   1.00 4.60  ? 4    GHP A C6  1 
HETATM 43  N  N   . GHP A  1 5 ? 0.337   -6.115  2.773   1.00 0.96  ? 5    GHP A N   1 
HETATM 44  C  CA  . GHP A  1 5 ? 1.736   -5.795  2.688   1.00 1.29  ? 5    GHP A CA  1 
HETATM 45  C  C   . GHP A  1 5 ? 2.255   -6.211  1.286   1.00 2.40  ? 5    GHP A C   1 
HETATM 46  O  O   . GHP A  1 5 ? 1.438   -6.274  0.368   1.00 4.26  ? 5    GHP A O   1 
HETATM 47  C  C1  . GHP A  1 5 ? 2.180   -4.338  2.863   1.00 1.47  ? 5    GHP A C1  1 
HETATM 48  C  C2  . GHP A  1 5 ? 3.168   -4.043  3.773   1.00 1.74  ? 5    GHP A C2  1 
HETATM 49  C  C3  . GHP A  1 5 ? 3.722   -2.757  3.906   1.00 1.60  ? 5    GHP A C3  1 
HETATM 50  C  C4  . GHP A  1 5 ? 3.222   -1.738  3.070   1.00 3.17  ? 5    GHP A C4  1 
HETATM 51  O  O4  . GHP A  1 5 ? 3.756   -0.476  3.195   1.00 1.84  ? 5    GHP A O4  1 
HETATM 52  C  C5  . GHP A  1 5 ? 2.217   -2.027  2.159   1.00 2.35  ? 5    GHP A C5  1 
HETATM 53  C  C6  . GHP A  1 5 ? 1.689   -3.310  2.045   1.00 1.94  ? 5    GHP A C6  1 
HETATM 54  N  N   . OMY A  1 6 ? 3.564   -6.487  1.105   1.00 2.26  ? 6    OMY A N   1 
HETATM 55  C  CA  . OMY A  1 6 ? 4.620   -6.481  2.062   1.00 2.41  ? 6    OMY A CA  1 
HETATM 56  O  OCZ . OMY A  1 6 ? 1.090   -11.300 2.549   1.00 3.34  ? 6    OMY A OCZ 1 
HETATM 57  C  CE2 . OMY A  1 6 ? 2.656   -10.243 1.116   1.00 3.22  ? 6    OMY A CE2 1 
HETATM 58  C  CE1 . OMY A  1 6 ? 2.883   -9.958  3.492   1.00 4.18  ? 6    OMY A CE1 1 
HETATM 59  C  CZ  . OMY A  1 6 ? 2.199   -10.509 2.401   1.00 3.75  ? 6    OMY A CZ  1 
HETATM 60  C  CG  . OMY A  1 6 ? 4.420   -8.878  2.042   1.00 2.22  ? 6    OMY A CG  1 
HETATM 61  C  CD2 . OMY A  1 6 ? 3.761   -9.438  0.929   1.00 3.21  ? 6    OMY A CD2 1 
HETATM 62  C  CD1 . OMY A  1 6 ? 3.969   -9.162  3.331   1.00 2.93  ? 6    OMY A CD1 1 
HETATM 63  C  CB  . OMY A  1 6 ? 5.476   -7.812  1.895   1.00 1.63  ? 6    OMY A CB  1 
HETATM 64  CL CL  . OMY A  1 6 ? 2.355   -10.273 5.140   1.00 5.78  ? 6    OMY A CL  1 
HETATM 65  O  O   . OMY A  1 6 ? 5.665   -4.640  0.907   1.00 2.26  ? 6    OMY A O   1 
HETATM 66  C  C   . OMY A  1 6 ? 5.489   -5.222  1.976   1.00 1.86  ? 6    OMY A C   1 
HETATM 67  O  ODE . OMY A  1 6 ? 6.117   -7.807  0.655   1.00 3.88  ? 6    OMY A ODE 1 
HETATM 68  N  N   . 3FG A  1 7 ? 6.014   -4.833  3.144   1.00 1.71  ? 7    3FG A N   1 
HETATM 69  O  OD1 . 3FG A  1 7 ? 3.219   -1.663  6.494   1.00 3.94  ? 7    3FG A OD1 1 
HETATM 70  C  CD1 . 3FG A  1 7 ? 4.472   -2.039  6.182   1.00 2.77  ? 7    3FG A CD1 1 
HETATM 71  C  CG1 . 3FG A  1 7 ? 4.800   -2.571  4.933   1.00 2.34  ? 7    3FG A CG1 1 
HETATM 72  C  CZ  . 3FG A  1 7 ? 5.452   -1.868  7.182   1.00 2.86  ? 7    3FG A CZ  1 
HETATM 73  C  CD2 . 3FG A  1 7 ? 6.756   -2.223  6.943   1.00 2.08  ? 7    3FG A CD2 1 
HETATM 74  O  OD2 . 3FG A  1 7 ? 7.739   -2.099  7.843   1.00 4.33  ? 7    3FG A OD2 1 
HETATM 75  C  CG2 . 3FG A  1 7 ? 7.113   -2.752  5.681   1.00 1.77  ? 7    3FG A CG2 1 
HETATM 76  C  CB  . 3FG A  1 7 ? 6.145   -2.924  4.680   1.00 2.44  ? 7    3FG A CB  1 
HETATM 77  C  CA  . 3FG A  1 7 ? 6.530   -3.489  3.300   1.00 2.54  ? 7    3FG A CA  1 
HETATM 78  C  C   . 3FG A  1 7 ? 8.098   -3.428  3.065   1.00 3.22  ? 7    3FG A C   1 
HETATM 79  O  O   . 3FG A  1 7 ? 8.526   -2.247  2.898   1.00 3.30  ? 7    3FG A O   1 
HETATM 80  O  OXT . 3FG A  1 7 ? 8.739   -4.448  3.059   1.00 2.62  ? 7    3FG A OXT 1 
HETATM 81  N  N   . MLU B  1 1 ? 3.139   -8.468  -11.366 1.00 14.57 ? 1    MLU B N   1 
HETATM 82  C  CN  . MLU B  1 1 ? 3.228   -9.876  -11.843 1.00 15.55 ? 1    MLU B CN  1 
HETATM 83  C  CA  . MLU B  1 1 ? 2.938   -8.343  -9.890  1.00 12.76 ? 1    MLU B CA  1 
HETATM 84  C  C   . MLU B  1 1 ? 4.279   -8.559  -9.180  1.00 11.59 ? 1    MLU B C   1 
HETATM 85  O  O   . MLU B  1 1 ? 5.311   -8.178  -9.691  1.00 12.77 ? 1    MLU B O   1 
HETATM 86  C  CB  . MLU B  1 1 ? 2.431   -6.971  -9.510  1.00 13.49 ? 1    MLU B CB  1 
HETATM 87  C  CG  . MLU B  1 1 ? 1.024   -6.558  -9.973  1.00 15.33 ? 1    MLU B CG  1 
HETATM 88  C  CD1 . MLU B  1 1 ? -0.027  -7.424  -9.363  1.00 14.11 ? 1    MLU B CD1 1 
HETATM 89  C  CD2 . MLU B  1 1 ? 0.790   -5.103  -9.578  1.00 15.66 ? 1    MLU B CD2 1 
HETATM 90  N  N   . OMZ B  1 2 ? 4.241   -9.160  -7.975  1.00 6.23  ? 2    OMZ B N   1 
HETATM 91  C  CA  . OMZ B  1 2 ? 5.468   -9.361  -7.239  1.00 6.63  ? 2    OMZ B CA  1 
HETATM 92  C  C   . OMZ B  1 2 ? 5.450   -8.608  -5.885  1.00 5.54  ? 2    OMZ B C   1 
HETATM 93  O  O   . OMZ B  1 2 ? 6.479   -8.531  -5.256  1.00 4.83  ? 2    OMZ B O   1 
HETATM 94  C  CB  . OMZ B  1 2 ? 5.790   -10.882 -6.955  1.00 8.09  ? 2    OMZ B CB  1 
HETATM 95  O  OC  . OMZ B  1 2 ? 5.802   -11.592 -8.170  1.00 10.82 ? 2    OMZ B OC  1 
HETATM 96  C  CG  . OMZ B  1 2 ? 4.755   -11.398 -6.019  1.00 6.88  ? 2    OMZ B CG  1 
HETATM 97  C  CD1 . OMZ B  1 2 ? 4.997   -11.334 -4.641  1.00 5.74  ? 2    OMZ B CD1 1 
HETATM 98  C  CD2 . OMZ B  1 2 ? 3.528   -11.906 -6.477  1.00 7.61  ? 2    OMZ B CD2 1 
HETATM 99  C  CE1 . OMZ B  1 2 ? 4.030   -11.758 -3.754  1.00 5.06  ? 2    OMZ B CE1 1 
HETATM 100 CL CL  . OMZ B  1 2 ? 4.350   -11.636 -2.062  1.00 7.17  ? 2    OMZ B CL  1 
HETATM 101 C  CE2 . OMZ B  1 2 ? 2.571   -12.329 -5.572  1.00 6.52  ? 2    OMZ B CE2 1 
HETATM 102 C  CZ  . OMZ B  1 2 ? 2.829   -12.246 -4.203  1.00 6.30  ? 2    OMZ B CZ  1 
HETATM 103 O  OH  . OMZ B  1 2 ? 1.855   -12.646 -3.311  1.00 6.58  ? 2    OMZ B OH  1 
ATOM   104 N  N   . ASN B  1 3 ? 4.285   -8.067  -5.469  1.00 3.78  ? 3    ASN B N   1 
ATOM   105 C  CA  . ASN B  1 3 ? 4.254   -6.952  -4.485  1.00 4.15  ? 3    ASN B CA  1 
ATOM   106 C  C   . ASN B  1 3 ? 3.343   -7.259  -3.282  1.00 3.60  ? 3    ASN B C   1 
ATOM   107 O  O   . ASN B  1 3 ? 3.840   -7.211  -2.133  1.00 4.79  ? 3    ASN B O   1 
ATOM   108 C  CB  . ASN B  1 3 ? 3.856   -5.641  -5.169  1.00 4.32  ? 3    ASN B CB  1 
ATOM   109 C  CG  . ASN B  1 3 ? 4.655   -5.327  -6.424  1.00 3.96  ? 3    ASN B CG  1 
ATOM   110 O  OD1 . ASN B  1 3 ? 5.847   -5.635  -6.508  1.00 6.52  ? 3    ASN B OD1 1 
ATOM   111 N  ND2 . ASN B  1 3 ? 3.986   -4.733  -7.393  1.00 2.94  ? 3    ASN B ND2 1 
HETATM 112 N  N   . GHP B  1 4 ? 2.079   -7.522  -3.523  1.00 2.64  ? 4    GHP B N   1 
HETATM 113 C  CA  . GHP B  1 4 ? 1.111   -7.767  -2.447  1.00 3.65  ? 4    GHP B CA  1 
HETATM 114 C  C   . GHP B  1 4 ? -0.134  -6.956  -2.726  1.00 2.99  ? 4    GHP B C   1 
HETATM 115 O  O   . GHP B  1 4 ? -0.667  -6.937  -3.829  1.00 4.14  ? 4    GHP B O   1 
HETATM 116 C  C1  . GHP B  1 4 ? 0.742   -9.243  -2.258  1.00 4.06  ? 4    GHP B C1  1 
HETATM 117 C  C2  . GHP B  1 4 ? -0.315  -9.599  -1.481  1.00 5.47  ? 4    GHP B C2  1 
HETATM 118 C  C3  . GHP B  1 4 ? -0.662  -10.947 -1.297  1.00 6.15  ? 4    GHP B C3  1 
HETATM 119 C  C4  . GHP B  1 4 ? 0.076   -11.953 -1.906  1.00 6.90  ? 4    GHP B C4  1 
HETATM 120 O  O4  . GHP B  1 4 ? -0.238  -13.305 -1.738  1.00 6.44  ? 4    GHP B O4  1 
HETATM 121 C  C5  . GHP B  1 4 ? 1.152   -11.597 -2.709  1.00 5.99  ? 4    GHP B C5  1 
HETATM 122 C  C6  . GHP B  1 4 ? 1.474   -10.252 -2.878  1.00 5.66  ? 4    GHP B C6  1 
HETATM 123 N  N   . GHP B  1 5 ? -0.601  -6.282  -1.643  1.00 3.21  ? 5    GHP B N   1 
HETATM 124 C  CA  . GHP B  1 5 ? -1.956  -5.804  -1.564  1.00 3.93  ? 5    GHP B CA  1 
HETATM 125 C  C   . GHP B  1 5 ? -2.457  -5.932  -0.093  1.00 3.27  ? 5    GHP B C   1 
HETATM 126 O  O   . GHP B  1 5 ? -1.625  -5.903  0.811   1.00 4.11  ? 5    GHP B O   1 
HETATM 127 C  C1  . GHP B  1 5 ? -2.272  -4.360  -1.994  1.00 3.02  ? 5    GHP B C1  1 
HETATM 128 C  C2  . GHP B  1 5 ? -3.300  -4.141  -2.889  1.00 3.06  ? 5    GHP B C2  1 
HETATM 129 C  C3  . GHP B  1 5 ? -3.720  -2.855  -3.265  1.00 3.96  ? 5    GHP B C3  1 
HETATM 130 C  C4  . GHP B  1 5 ? -3.050  -1.756  -2.697  1.00 3.50  ? 5    GHP B C4  1 
HETATM 131 O  O4  . GHP B  1 5 ? -3.452  -0.497  -3.053  1.00 2.59  ? 5    GHP B O4  1 
HETATM 132 C  C5  . GHP B  1 5 ? -2.008  -1.970  -1.803  1.00 4.07  ? 5    GHP B C5  1 
HETATM 133 C  C6  . GHP B  1 5 ? -1.608  -3.256  -1.444  1.00 3.61  ? 5    GHP B C6  1 
HETATM 134 N  N   . OMY B  1 6 ? -3.768  -6.069  0.158   1.00 3.53  ? 6    OMY B N   1 
HETATM 135 C  CA  . OMY B  1 6 ? -4.861  -6.146  -0.761  1.00 4.00  ? 6    OMY B CA  1 
HETATM 136 O  OCZ . OMY B  1 6 ? -1.754  -11.333 -0.514  1.00 6.25  ? 6    OMY B OCZ 1 
HETATM 137 C  CE2 . OMY B  1 6 ? -3.221  -9.941  0.749   1.00 5.58  ? 6    OMY B CE2 1 
HETATM 138 C  CE1 . OMY B  1 6 ? -3.443  -9.936  -1.643  1.00 6.11  ? 6    OMY B CE1 1 
HETATM 139 C  CZ  . OMY B  1 6 ? -2.797  -10.414 -0.482  1.00 5.22  ? 6    OMY B CZ  1 
HETATM 140 C  CG  . OMY B  1 6 ? -4.857  -8.537  -0.341  1.00 5.18  ? 6    OMY B CG  1 
HETATM 141 C  CD2 . OMY B  1 6 ? -4.247  -9.015  0.829   1.00 6.23  ? 6    OMY B CD2 1 
HETATM 142 C  CD1 . OMY B  1 6 ? -4.446  -9.023  -1.577  1.00 4.74  ? 6    OMY B CD1 1 
HETATM 143 C  CB  . OMY B  1 6 ? -5.801  -7.353  -0.324  1.00 3.51  ? 6    OMY B CB  1 
HETATM 144 CL CL  . OMY B  1 6 ? -2.981  -10.489 -3.250  1.00 9.80  ? 6    OMY B CL  1 
HETATM 145 O  O   . OMY B  1 6 ? -5.690  -4.025  0.066   1.00 3.86  ? 6    OMY B O   1 
HETATM 146 C  C   . OMY B  1 6 ? -5.631  -4.814  -0.870  1.00 3.58  ? 6    OMY B C   1 
HETATM 147 O  ODE . OMY B  1 6 ? -6.330  -7.094  0.931   1.00 4.18  ? 6    OMY B ODE 1 
HETATM 148 N  N   . 3FG B  1 7 ? -6.197  -4.590  -2.053  1.00 4.03  ? 7    3FG B N   1 
HETATM 149 O  OD1 . 3FG B  1 7 ? -3.293  -2.272  -5.992  1.00 4.69  ? 7    3FG B OD1 1 
HETATM 150 C  CD1 . 3FG B  1 7 ? -4.561  -2.476  -5.583  1.00 3.80  ? 7    3FG B CD1 1 
HETATM 151 C  CG1 . 3FG B  1 7 ? -4.861  -2.759  -4.254  1.00 4.84  ? 7    3FG B CG1 1 
HETATM 152 C  CZ  . 3FG B  1 7 ? -5.579  -2.393  -6.555  1.00 4.91  ? 7    3FG B CZ  1 
HETATM 153 C  CD2 . 3FG B  1 7 ? -6.899  -2.590  -6.197  1.00 5.11  ? 7    3FG B CD2 1 
HETATM 154 O  OD2 . 3FG B  1 7 ? -7.922  -2.537  -7.062  1.00 6.96  ? 7    3FG B OD2 1 
HETATM 155 C  CG2 . 3FG B  1 7 ? -7.228  -2.868  -4.845  1.00 4.77  ? 7    3FG B CG2 1 
HETATM 156 C  CB  . 3FG B  1 7 ? -6.222  -2.951  -3.877  1.00 3.69  ? 7    3FG B CB  1 
HETATM 157 C  CA  . 3FG B  1 7 ? -6.565  -3.241  -2.405  1.00 4.78  ? 7    3FG B CA  1 
HETATM 158 C  C   . 3FG B  1 7 ? -8.083  -2.981  -2.065  1.00 6.95  ? 7    3FG B C   1 
HETATM 159 O  O   . 3FG B  1 7 ? -8.400  -1.759  -2.113  1.00 5.70  ? 7    3FG B O   1 
HETATM 160 O  OXT . 3FG B  1 7 ? -8.796  -3.922  -1.778  1.00 7.77  ? 7    3FG B OXT 1 
HETATM 161 N  N   . MLU C  1 1 ? 13.905  10.188  14.053  1.00 16.72 ? 1    MLU C N   1 
HETATM 162 C  CN  . MLU C  1 1 ? 13.272  10.761  15.274  1.00 18.63 ? 1    MLU C CN  1 
HETATM 163 C  CA  . MLU C  1 1 ? 13.067  9.166   13.344  1.00 15.82 ? 1    MLU C CA  1 
HETATM 164 C  C   . MLU C  1 1 ? 13.265  9.344   11.835  1.00 14.49 ? 1    MLU C C   1 
HETATM 165 O  O   . MLU C  1 1 ? 14.375  9.507   11.392  1.00 14.53 ? 1    MLU C O   1 
HETATM 166 C  CB  . MLU C  1 1 ? 13.480  7.755   13.715  1.00 18.06 ? 1    MLU C CB  1 
HETATM 167 C  CG  . MLU C  1 1 ? 13.013  7.176   15.066  1.00 20.04 ? 1    MLU C CG  1 
HETATM 168 C  CD1 . MLU C  1 1 ? 11.623  7.600   15.396  1.00 20.03 ? 1    MLU C CD1 1 
HETATM 169 C  CD2 . MLU C  1 1 ? 13.082  5.656   14.989  1.00 21.87 ? 1    MLU C CD2 1 
HETATM 170 N  N   . OMZ C  1 2 ? 12.167  9.302   11.037  1.00 10.53 ? 2    OMZ C N   1 
HETATM 171 C  CA  . OMZ C  1 2 ? 12.340  9.459   9.598   1.00 9.03  ? 2    OMZ C CA  1 
HETATM 172 C  C   . OMZ C  1 2 ? 11.680  8.317   8.775   1.00 8.77  ? 2    OMZ C C   1 
HETATM 173 O  O   . OMZ C  1 2 ? 11.859  8.274   7.576   1.00 8.06  ? 2    OMZ C O   1 
HETATM 174 C  CB  . OMZ C  1 2 ? 11.793  10.832  9.062   1.00 7.79  ? 2    OMZ C CB  1 
HETATM 175 O  OC  . OMZ C  1 2 ? 12.418  11.896  9.745   1.00 9.19  ? 2    OMZ C OC  1 
HETATM 176 C  CG  . OMZ C  1 2 ? 10.296  10.873  9.213   1.00 6.11  ? 2    OMZ C CG  1 
HETATM 177 C  CD1 . OMZ C  1 2 ? 9.490   10.704  8.075   1.00 6.71  ? 2    OMZ C CD1 1 
HETATM 178 C  CD2 . OMZ C  1 2 ? 9.674   11.052  10.460  1.00 6.42  ? 2    OMZ C CD2 1 
HETATM 179 C  CE1 . OMZ C  1 2 ? 8.110   10.701  8.187   1.00 5.64  ? 2    OMZ C CE1 1 
HETATM 180 CL CL  . OMZ C  1 2 ? 7.150   10.482  6.772   1.00 8.60  ? 2    OMZ C CL  1 
HETATM 181 C  CE2 . OMZ C  1 2 ? 8.294   11.044  10.549  1.00 6.50  ? 2    OMZ C CE2 1 
HETATM 182 C  CZ  . OMZ C  1 2 ? 7.514   10.859  9.403   1.00 6.17  ? 2    OMZ C CZ  1 
HETATM 183 O  OH  . OMZ C  1 2 ? 6.132   10.820  9.522   1.00 6.31  ? 2    OMZ C OH  1 
ATOM   184 N  N   . ASN C  1 3 ? 10.933  7.435   9.439   1.00 8.32  ? 3    ASN C N   1 
ATOM   185 C  CA  . ASN C  1 3 ? 10.522  6.157   8.833   1.00 7.75  ? 3    ASN C CA  1 
ATOM   186 C  C   . ASN C  1 3 ? 9.007   6.115   8.601   1.00 6.67  ? 3    ASN C C   1 
ATOM   187 O  O   . ASN C  1 3 ? 8.595   6.052   7.422   1.00 7.17  ? 3    ASN C O   1 
ATOM   188 C  CB  . ASN C  1 3 ? 10.998  5.007   9.698   1.00 7.14  ? 3    ASN C CB  1 
ATOM   189 C  CG  . ASN C  1 3 ? 12.501  4.898   9.806   1.00 10.08 ? 3    ASN C CG  1 
ATOM   190 O  OD1 . ASN C  1 3 ? 13.224  5.066   8.810   1.00 11.30 ? 3    ASN C OD1 1 
ATOM   191 N  ND2 . ASN C  1 3 ? 12.958  4.626   11.017  1.00 10.82 ? 3    ASN C ND2 1 
HETATM 192 N  N   . GHP C  1 4 ? 8.228   6.141   9.665   1.00 4.62  ? 4    GHP C N   1 
HETATM 193 C  CA  . GHP C  1 4 ? 6.777   5.870   9.587   1.00 4.43  ? 4    GHP C CA  1 
HETATM 194 C  C   . GHP C  1 4 ? 6.424   4.809   10.607  1.00 4.58  ? 4    GHP C C   1 
HETATM 195 O  O   . GHP C  1 4 ? 6.822   4.848   11.764  1.00 5.71  ? 4    GHP C O   1 
HETATM 196 C  C1  . GHP C  1 4 ? 5.910   7.103   9.799   1.00 4.68  ? 4    GHP C C1  1 
HETATM 197 C  C2  . GHP C  1 4 ? 4.623   6.985   10.239  1.00 3.15  ? 4    GHP C C2  1 
HETATM 198 C  C3  . GHP C  1 4 ? 3.824   8.121   10.445  1.00 4.63  ? 4    GHP C C3  1 
HETATM 199 C  C4  . GHP C  1 4 ? 4.343   9.392   10.202  1.00 4.84  ? 4    GHP C C4  1 
HETATM 200 O  O4  . GHP C  1 4 ? 3.593   10.550  10.398  1.00 5.23  ? 4    GHP C O4  1 
HETATM 201 C  C5  . GHP C  1 4 ? 5.649   9.512   9.753   1.00 4.37  ? 4    GHP C C5  1 
HETATM 202 C  C6  . GHP C  1 4 ? 6.416   8.376   9.558   1.00 4.15  ? 4    GHP C C6  1 
HETATM 203 N  N   . GHP C  1 5 ? 5.620   3.835   10.123  1.00 3.88  ? 5    GHP C N   1 
HETATM 204 C  CA  . GHP C  1 5 ? 4.962   2.912   10.987  1.00 5.10  ? 5    GHP C CA  1 
HETATM 205 C  C   . GHP C  1 5 ? 3.639   2.446   10.327  1.00 3.61  ? 5    GHP C C   1 
HETATM 206 O  O   . GHP C  1 5 ? 3.587   2.389   9.099   1.00 4.27  ? 5    GHP C O   1 
HETATM 207 C  C1  . GHP C  1 5 ? 5.673   1.626   11.404  1.00 5.25  ? 5    GHP C C1  1 
HETATM 208 C  C2  . GHP C  1 5 ? 5.765   1.331   12.743  1.00 7.16  ? 5    GHP C C2  1 
HETATM 209 C  C3  . GHP C  1 5 ? 6.279   0.119   13.203  1.00 8.81  ? 5    GHP C C3  1 
HETATM 210 C  C4  . GHP C  1 5 ? 6.722   -0.823  12.253  1.00 9.51  ? 5    GHP C C4  1 
HETATM 211 O  O4  . GHP C  1 5 ? 7.225   -2.019  12.714  1.00 10.38 ? 5    GHP C O4  1 
HETATM 212 C  C5  . GHP C  1 5 ? 6.644   -0.529  10.900  1.00 7.40  ? 5    GHP C C5  1 
HETATM 213 C  C6  . GHP C  1 5 ? 6.128   0.687   10.465  1.00 6.82  ? 5    GHP C C6  1 
HETATM 214 N  N   . OMY C  1 6 ? 2.607   2.108   11.104  1.00 4.13  ? 6    OMY C N   1 
HETATM 215 C  CA  . OMY C  1 6 ? 2.519   2.129   12.519  1.00 4.89  ? 6    OMY C CA  1 
HETATM 216 O  OCZ . OMY C  1 6 ? 2.490   8.033   10.904  1.00 5.56  ? 6    OMY C OCZ 1 
HETATM 217 C  CE2 . OMY C  1 6 ? 1.267   5.963   10.662  1.00 3.83  ? 6    OMY C CE2 1 
HETATM 218 C  CE1 . OMY C  1 6 ? 2.556   6.358   12.664  1.00 5.53  ? 6    OMY C CE1 1 
HETATM 219 C  CZ  . OMY C  1 6 ? 2.108   6.799   11.413  1.00 4.81  ? 6    OMY C CZ  1 
HETATM 220 C  CG  . OMY C  1 6 ? 1.374   4.285   12.432  1.00 4.36  ? 6    OMY C CG  1 
HETATM 221 C  CD2 . OMY C  1 6 ? 0.900   4.716   11.170  1.00 3.91  ? 6    OMY C CD2 1 
HETATM 222 C  CD1 . OMY C  1 6 ? 2.202   5.135   13.182  1.00 4.09  ? 6    OMY C CD1 1 
HETATM 223 C  CB  . OMY C  1 6 ? 1.168   2.859   12.930  1.00 4.39  ? 6    OMY C CB  1 
HETATM 224 CL CL  . OMY C  1 6 ? 3.629   7.394   13.601  1.00 6.58  ? 6    OMY C CL  1 
HETATM 225 O  O   . OMY C  1 6 ? 2.159   -0.278  12.521  1.00 6.61  ? 6    OMY C O   1 
HETATM 226 C  C   . OMY C  1 6 ? 2.628   0.702   13.115  1.00 8.07  ? 6    OMY C C   1 
HETATM 227 O  ODE . OMY C  1 6 ? 0.091   2.197   12.317  1.00 3.99  ? 6    OMY C ODE 1 
HETATM 228 N  N   . 3FG C  1 7 ? 3.270   0.616   14.293  1.00 9.12  ? 7    3FG C N   1 
HETATM 229 O  OD1 . 3FG C  1 7 ? 8.673   0.403   14.712  1.00 12.02 ? 7    3FG C OD1 1 
HETATM 230 C  CD1 . 3FG C  1 7 ? 7.539   0.061   15.352  1.00 11.27 ? 7    3FG C CD1 1 
HETATM 231 C  CG1 . 3FG C  1 7 ? 6.327   -0.101  14.679  1.00 10.44 ? 7    3FG C CG1 1 
HETATM 232 C  CZ  . 3FG C  1 7 ? 7.624   -0.130  16.747  1.00 12.76 ? 7    3FG C CZ  1 
HETATM 233 C  CD2 . 3FG C  1 7 ? 6.496   -0.483  17.465  1.00 14.12 ? 7    3FG C CD2 1 
HETATM 234 O  OD2 . 3FG C  1 7 ? 6.480   -0.688  18.791  1.00 15.54 ? 7    3FG C OD2 1 
HETATM 235 C  CG2 . 3FG C  1 7 ? 5.263   -0.655  16.789  1.00 12.55 ? 7    3FG C CG2 1 
HETATM 236 C  CB  . 3FG C  1 7 ? 5.176   -0.466  15.415  1.00 10.61 ? 7    3FG C CB  1 
HETATM 237 C  CA  . 3FG C  1 7 ? 3.840   -0.662  14.692  1.00 11.91 ? 7    3FG C CA  1 
HETATM 238 C  C   . 3FG C  1 7 ? 2.821   -1.498  15.564  1.00 11.94 ? 7    3FG C C   1 
HETATM 239 O  O   . 3FG C  1 7 ? 3.115   -2.730  15.604  1.00 13.05 ? 7    3FG C O   1 
HETATM 240 O  OXT . 3FG C  1 7 ? 1.892   -0.934  16.093  1.00 12.66 ? 7    3FG C OXT 1 
HETATM 241 N  N   . MLU D  1 1 ? -6.233  -0.691  2.769   1.00 7.19  ? 1    MLU D N   1 
HETATM 242 C  CN  . MLU D  1 1 ? -6.324  -0.926  1.303   1.00 7.21  ? 1    MLU D CN  1 
HETATM 243 C  CA  . MLU D  1 1 ? -4.833  -0.580  3.295   1.00 5.76  ? 1    MLU D CA  1 
HETATM 244 C  C   . MLU D  1 1 ? -4.907  -0.786  4.813   1.00 4.90  ? 1    MLU D C   1 
HETATM 245 O  O   . MLU D  1 1 ? -5.297  -1.846  5.261   1.00 5.19  ? 1    MLU D O   1 
HETATM 246 C  CB  . MLU D  1 1 ? -3.958  -1.654  2.666   1.00 8.22  ? 1    MLU D CB  1 
HETATM 247 C  CG  . MLU D  1 1 ? -2.540  -1.840  3.199   1.00 7.51  ? 1    MLU D CG  1 
HETATM 248 C  CD1 . MLU D  1 1 ? -2.015  -3.151  2.781   1.00 9.37  ? 1    MLU D CD1 1 
HETATM 249 C  CD2 . MLU D  1 1 ? -1.664  -0.727  2.645   1.00 10.01 ? 1    MLU D CD2 1 
HETATM 250 N  N   . OMZ D  1 2 ? -4.537  0.240   5.615   1.00 2.82  ? 2    OMZ D N   1 
HETATM 251 C  CA  . OMZ D  1 2 ? -4.620  0.048   7.043   1.00 3.89  ? 2    OMZ D CA  1 
HETATM 252 C  C   . OMZ D  1 2 ? -3.227  0.026   7.750   1.00 4.12  ? 2    OMZ D C   1 
HETATM 253 O  O   . OMZ D  1 2 ? -3.196  -0.156  8.955   1.00 4.03  ? 2    OMZ D O   1 
HETATM 254 C  CB  . OMZ D  1 2 ? -5.549  1.126   7.752   1.00 4.01  ? 2    OMZ D CB  1 
HETATM 255 O  OC  . OMZ D  1 2 ? -6.770  1.217   7.050   1.00 4.06  ? 2    OMZ D OC  1 
HETATM 256 C  CG  . OMZ D  1 2 ? -4.843  2.447   7.791   1.00 3.23  ? 2    OMZ D CG  1 
HETATM 257 C  CD1 . OMZ D  1 2 ? -4.162  2.832   8.956   1.00 4.14  ? 2    OMZ D CD1 1 
HETATM 258 C  CD2 . OMZ D  1 2 ? -4.818  3.302   6.677   1.00 4.60  ? 2    OMZ D CD2 1 
HETATM 259 C  CE1 . OMZ D  1 2 ? -3.467  4.039   8.988   1.00 4.52  ? 2    OMZ D CE1 1 
HETATM 260 CL CL  . OMZ D  1 2 ? -2.606  4.474   10.420  1.00 6.56  ? 2    OMZ D CL  1 
HETATM 261 C  CE2 . OMZ D  1 2 ? -4.126  4.491   6.728   1.00 4.82  ? 2    OMZ D CE2 1 
HETATM 262 C  CZ  . OMZ D  1 2 ? -3.441  4.859   7.887   1.00 4.54  ? 2    OMZ D CZ  1 
HETATM 263 O  OH  . OMZ D  1 2 ? -2.715  6.047   7.905   1.00 4.55  ? 2    OMZ D OH  1 
ATOM   264 N  N   . ASN D  1 3 ? -2.120  0.194   6.992   1.00 3.84  ? 3    ASN D N   1 
ATOM   265 C  CA  . ASN D  1 3 ? -0.759  -0.150  7.496   1.00 3.95  ? 3    ASN D CA  1 
ATOM   266 C  C   . ASN D  1 3 ? 0.015   1.098   7.899   1.00 3.71  ? 3    ASN D C   1 
ATOM   267 O  O   . ASN D  1 3 ? 0.381   1.221   9.085   1.00 3.81  ? 3    ASN D O   1 
ATOM   268 C  CB  . ASN D  1 3 ? 0.021   -0.962  6.474   1.00 3.37  ? 3    ASN D CB  1 
ATOM   269 C  CG  . ASN D  1 3 ? -0.337  -2.428  6.413   1.00 5.29  ? 3    ASN D CG  1 
ATOM   270 O  OD1 . ASN D  1 3 ? -1.335  -2.861  7.007   1.00 6.69  ? 3    ASN D OD1 1 
ATOM   271 N  ND2 . ASN D  1 3 ? 0.484   -3.184  5.684   1.00 4.19  ? 3    ASN D ND2 1 
HETATM 272 N  N   . GHP D  1 4 ? 0.271   1.971   6.949   1.00 3.85  ? 4    GHP D N   1 
HETATM 273 C  CA  . GHP D  1 4 ? 1.242   3.068   7.129   1.00 3.44  ? 4    GHP D CA  1 
HETATM 274 C  C   . GHP D  1 4 ? 2.198   3.041   5.955   1.00 3.73  ? 4    GHP D C   1 
HETATM 275 O  O   . GHP D  1 4 ? 1.803   3.033   4.790   1.00 2.99  ? 4    GHP D O   1 
HETATM 276 C  C1  . GHP D  1 4 ? 0.591   4.448   7.231   1.00 3.57  ? 4    GHP D C1  1 
HETATM 277 C  C2  . GHP D  1 4 ? 1.334   5.568   7.002   1.00 3.31  ? 4    GHP D C2  1 
HETATM 278 C  C3  . GHP D  1 4 ? 0.767   6.841   7.069   1.00 4.75  ? 4    GHP D C3  1 
HETATM 279 C  C4  . GHP D  1 4 ? -0.577  6.996   7.374   1.00 4.44  ? 4    GHP D C4  1 
HETATM 280 O  O4  . GHP D  1 4 ? -1.165  8.260   7.449   1.00 6.33  ? 4    GHP D O4  1 
HETATM 281 C  C5  . GHP D  1 4 ? -1.349  5.855   7.608   1.00 3.66  ? 4    GHP D C5  1 
HETATM 282 C  C6  . GHP D  1 4 ? -0.756  4.596   7.532   1.00 2.69  ? 4    GHP D C6  1 
HETATM 283 N  N   . GHP D  1 5 ? 3.504   3.042   6.308   1.00 3.62  ? 5    GHP D N   1 
HETATM 284 C  CA  . GHP D  1 5 ? 4.538   3.386   5.369   1.00 3.47  ? 5    GHP D CA  1 
HETATM 285 C  C   . GHP D  1 5 ? 5.697   4.089   6.120   1.00 4.20  ? 5    GHP D C   1 
HETATM 286 O  O   . GHP D  1 5 ? 5.879   3.818   7.314   1.00 3.83  ? 5    GHP D O   1 
HETATM 287 C  C1  . GHP D  1 5 ? 5.211   2.319   4.506   1.00 3.35  ? 5    GHP D C1  1 
HETATM 288 C  C2  . GHP D  1 5 ? 5.225   2.491   3.136   1.00 3.49  ? 5    GHP D C2  1 
HETATM 289 C  C3  . GHP D  1 5 ? 5.953   1.656   2.280   1.00 3.01  ? 5    GHP D C3  1 
HETATM 290 C  C4  . GHP D  1 5 ? 6.686   0.606   2.857   1.00 2.24  ? 5    GHP D C4  1 
HETATM 291 O  O4  . GHP D  1 5 ? 7.404   -0.200  2.027   1.00 1.86  ? 5    GHP D O4  1 
HETATM 292 C  C5  . GHP D  1 5 ? 6.661   0.422   4.233   1.00 1.50  ? 5    GHP D C5  1 
HETATM 293 C  C6  . GHP D  1 5 ? 5.932   1.261   5.060   1.00 2.50  ? 5    GHP D C6  1 
HETATM 294 N  N   . OMY D  1 6 ? 6.464   4.970   5.447   1.00 5.26  ? 6    OMY D N   1 
HETATM 295 C  CA  . OMY D  1 6 ? 6.348   5.381   4.093   1.00 3.25  ? 6    OMY D CA  1 
HETATM 296 O  OCZ . OMY D  1 6 ? 1.516   7.994   6.828   1.00 6.32  ? 6    OMY D OCZ 1 
HETATM 297 C  CE2 . OMY D  1 6 ? 3.912   8.009   6.765   1.00 5.03  ? 6    OMY D CE2 1 
HETATM 298 C  CE1 . OMY D  1 6 ? 2.716   7.378   4.786   1.00 5.26  ? 6    OMY D CE1 1 
HETATM 299 C  CZ  . OMY D  1 6 ? 2.702   7.794   6.120   1.00 4.41  ? 6    OMY D CZ  1 
HETATM 300 C  CG  . OMY D  1 6 ? 5.107   7.376   4.756   1.00 4.18  ? 6    OMY D CG  1 
HETATM 301 C  CD2 . OMY D  1 6 ? 5.109   7.805   6.092   1.00 4.80  ? 6    OMY D CD2 1 
HETATM 302 C  CD1 . OMY D  1 6 ? 3.883   7.173   4.106   1.00 4.69  ? 6    OMY D CD1 1 
HETATM 303 C  CB  . OMY D  1 6 ? 6.385   6.963   4.028   1.00 4.89  ? 6    OMY D CB  1 
HETATM 304 CL CL  . OMY D  1 6 ? 1.206   7.087   3.926   1.00 7.30  ? 6    OMY D CL  1 
HETATM 305 O  O   . OMY D  1 6 ? 8.549   4.499   3.656   1.00 4.89  ? 6    OMY D O   1 
HETATM 306 C  C   . OMY D  1 6 ? 7.434   4.759   3.209   1.00 6.30  ? 6    OMY D C   1 
HETATM 307 O  ODE . OMY D  1 6 ? 7.561   7.398   4.644   1.00 3.62  ? 6    OMY D ODE 1 
HETATM 308 N  N   . 3FG D  1 7 ? 7.064   4.548   1.940   1.00 4.26  ? 7    3FG D N   1 
HETATM 309 O  OD1 . 3FG D  1 7 ? 4.120   0.353   0.450   1.00 2.55  ? 7    3FG D OD1 1 
HETATM 310 C  CD1 . 3FG D  1 7 ? 4.984   1.289   -0.024  1.00 3.42  ? 7    3FG D CD1 1 
HETATM 311 C  CG1 . 3FG D  1 7 ? 5.903   1.950   0.800   1.00 3.56  ? 7    3FG D CG1 1 
HETATM 312 C  CZ  . 3FG D  1 7 ? 4.918   1.584   -1.400  1.00 2.70  ? 7    3FG D CZ  1 
HETATM 313 C  CD2 . 3FG D  1 7 ? 5.768   2.527   -1.957  1.00 2.69  ? 7    3FG D CD2 1 
HETATM 314 O  OD2 . 3FG D  1 7 ? 5.769   2.866   -3.258  1.00 3.59  ? 7    3FG D OD2 1 
HETATM 315 C  CG2 . 3FG D  1 7 ? 6.708   3.192   -1.141  1.00 2.83  ? 7    3FG D CG2 1 
HETATM 316 C  CB  . 3FG D  1 7 ? 6.775   2.905   0.221   1.00 2.59  ? 7    3FG D CB  1 
HETATM 317 C  CA  . 3FG D  1 7 ? 7.770   3.605   1.128   1.00 3.92  ? 7    3FG D CA  1 
HETATM 318 C  C   . 3FG D  1 7 ? 8.940   4.306   0.338   1.00 4.29  ? 7    3FG D C   1 
HETATM 319 O  O   . 3FG D  1 7 ? 9.792   3.473   -0.102  1.00 4.52  ? 7    3FG D O   1 
HETATM 320 O  OXT . 3FG D  1 7 ? 8.960   5.523   0.259   1.00 5.38  ? 7    3FG D OXT 1 
HETATM 321 N  N   . MLU E  1 1 ? -14.292 6.881   -15.779 1.00 9.03  ? 1    MLU E N   1 
HETATM 322 C  CN  . MLU E  1 1 ? -14.165 6.553   -17.218 1.00 10.09 ? 1    MLU E CN  1 
HETATM 323 C  CA  . MLU E  1 1 ? -13.400 6.068   -14.884 1.00 10.03 ? 1    MLU E CA  1 
HETATM 324 C  C   . MLU E  1 1 ? -13.704 6.463   -13.415 1.00 8.25  ? 1    MLU E C   1 
HETATM 325 O  O   . MLU E  1 1 ? -14.843 6.513   -13.025 1.00 7.93  ? 1    MLU E O   1 
HETATM 326 C  CB  . MLU E  1 1 ? -13.683 4.594   -15.082 1.00 11.69 ? 1    MLU E CB  1 
HETATM 327 C  CG  . MLU E  1 1 ? -12.501 3.612   -15.216 1.00 14.85 ? 1    MLU E CG  1 
HETATM 328 C  CD1 . MLU E  1 1 ? -11.403 4.180   -16.043 1.00 15.90 ? 1    MLU E CD1 1 
HETATM 329 C  CD2 . MLU E  1 1 ? -11.987 3.264   -13.837 1.00 18.37 ? 1    MLU E CD2 1 
HETATM 330 N  N   . OMZ E  1 2 ? -12.665 6.738   -12.598 1.00 5.23  ? 2    OMZ E N   1 
HETATM 331 C  CA  . OMZ E  1 2 ? -12.944 7.098   -11.217 1.00 4.67  ? 2    OMZ E CA  1 
HETATM 332 C  C   . OMZ E  1 2 ? -12.203 6.178   -10.210 1.00 5.62  ? 2    OMZ E C   1 
HETATM 333 O  O   . OMZ E  1 2 ? -12.457 6.268   -9.022  1.00 5.38  ? 2    OMZ E O   1 
HETATM 334 C  CB  . OMZ E  1 2 ? -12.599 8.607   -10.874 1.00 5.76  ? 2    OMZ E CB  1 
HETATM 335 O  OC  . OMZ E  1 2 ? -13.302 9.463   -11.751 1.00 6.02  ? 2    OMZ E OC  1 
HETATM 336 C  CG  . OMZ E  1 2 ? -11.116 8.809   -10.990 1.00 4.55  ? 2    OMZ E CG  1 
HETATM 337 C  CD1 . OMZ E  1 2 ? -10.324 8.745   -9.832  1.00 5.37  ? 2    OMZ E CD1 1 
HETATM 338 C  CD2 . OMZ E  1 2 ? -10.487 9.040   -12.228 1.00 5.83  ? 2    OMZ E CD2 1 
HETATM 339 C  CE1 . OMZ E  1 2 ? -8.946  8.896   -9.915  1.00 4.49  ? 2    OMZ E CE1 1 
HETATM 340 CL CL  . OMZ E  1 2 ? -7.984  8.796   -8.452  1.00 6.85  ? 2    OMZ E CL  1 
HETATM 341 C  CE2 . OMZ E  1 2 ? -9.118  9.185   -12.292 1.00 4.64  ? 2    OMZ E CE2 1 
HETATM 342 C  CZ  . OMZ E  1 2 ? -8.348  9.104   -11.130 1.00 4.22  ? 2    OMZ E CZ  1 
HETATM 343 O  OH  . OMZ E  1 2 ? -6.977  9.216   -11.229 1.00 4.61  ? 2    OMZ E OH  1 
ATOM   344 N  N   . ASN E  1 3 ? -11.300 5.325   -10.711 1.00 4.88  ? 3    ASN E N   1 
ATOM   345 C  CA  . ASN E  1 3 ? -10.710 4.270   -9.874  1.00 5.11  ? 3    ASN E CA  1 
ATOM   346 C  C   . ASN E  1 3 ? -9.178  4.492   -9.669  1.00 3.90  ? 3    ASN E C   1 
ATOM   347 O  O   . ASN E  1 3 ? -8.762  4.846   -8.544  1.00 3.78  ? 3    ASN E O   1 
ATOM   348 C  CB  . ASN E  1 3 ? -11.040 2.895   -10.449 1.00 5.46  ? 3    ASN E CB  1 
ATOM   349 C  CG  . ASN E  1 3 ? -10.531 1.745   -9.590  1.00 6.04  ? 3    ASN E CG  1 
ATOM   350 O  OD1 . ASN E  1 3 ? -9.579  1.914   -8.810  1.00 6.81  ? 3    ASN E OD1 1 
ATOM   351 N  ND2 . ASN E  1 3 ? -11.181 0.583   -9.733  1.00 6.20  ? 3    ASN E ND2 1 
HETATM 352 N  N   . GHP E  1 4 ? -8.376  4.292   -10.693 1.00 3.60  ? 4    GHP E N   1 
HETATM 353 C  CA  . GHP E  1 4 ? -6.916  4.265   -10.522 1.00 2.94  ? 4    GHP E CA  1 
HETATM 354 C  C   . GHP E  1 4 ? -6.379  3.140   -11.362 1.00 3.35  ? 4    GHP E C   1 
HETATM 355 O  O   . GHP E  1 4 ? -6.681  3.016   -12.542 1.00 5.12  ? 4    GHP E O   1 
HETATM 356 C  C1  . GHP E  1 4 ? -6.229  5.571   -10.897 1.00 3.20  ? 4    GHP E C1  1 
HETATM 357 C  C2  . GHP E  1 4 ? -4.923  5.579   -11.266 1.00 2.48  ? 4    GHP E C2  1 
HETATM 358 C  C3  . GHP E  1 4 ? -4.278  6.771   -11.628 1.00 4.00  ? 4    GHP E C3  1 
HETATM 359 C  C4  . GHP E  1 4 ? -4.979  7.970   -11.617 1.00 4.91  ? 4    GHP E C4  1 
HETATM 360 O  O4  . GHP E  1 4 ? -4.378  9.164   -11.986 1.00 4.99  ? 4    GHP E O4  1 
HETATM 361 C  C5  . GHP E  1 4 ? -6.310  7.976   -11.233 1.00 4.11  ? 4    GHP E C5  1 
HETATM 362 C  C6  . GHP E  1 4 ? -6.919  6.776   -10.879 1.00 3.24  ? 4    GHP E C6  1 
HETATM 363 N  N   . GHP E  1 5 ? -5.538  2.306   -10.713 1.00 3.45  ? 5    GHP E N   1 
HETATM 364 C  CA  . GHP E  1 5 ? -4.751  1.348   -11.452 1.00 3.88  ? 5    GHP E CA  1 
HETATM 365 C  C   . GHP E  1 5 ? -3.415  1.093   -10.692 1.00 4.20  ? 5    GHP E C   1 
HETATM 366 O  O   . GHP E  1 5 ? -3.430  1.102   -9.464  1.00 5.09  ? 5    GHP E O   1 
HETATM 367 C  C1  . GHP E  1 5 ? -5.326  -0.035  -11.788 1.00 4.48  ? 5    GHP E C1  1 
HETATM 368 C  C2  . GHP E  1 5 ? -5.293  -0.457  -13.095 1.00 4.04  ? 5    GHP E C2  1 
HETATM 369 C  C3  . GHP E  1 5 ? -5.694  -1.739  -13.502 1.00 4.83  ? 5    GHP E C3  1 
HETATM 370 C  C4  . GHP E  1 5 ? -6.154  -2.618  -12.512 1.00 5.70  ? 5    GHP E C4  1 
HETATM 371 O  O4  . GHP E  1 5 ? -6.550  -3.871  -12.881 1.00 6.84  ? 5    GHP E O4  1 
HETATM 372 C  C5  . GHP E  1 5 ? -6.200  -2.197  -11.191 1.00 5.30  ? 5    GHP E C5  1 
HETATM 373 C  C6  . GHP E  1 5 ? -5.795  -0.921  -10.813 1.00 4.58  ? 5    GHP E C6  1 
HETATM 374 N  N   . OMY E  1 6 ? -2.298  0.866   -11.394 1.00 3.92  ? 6    OMY E N   1 
HETATM 375 C  CA  . OMY E  1 6 ? -2.129  0.819   -12.812 1.00 3.79  ? 6    OMY E CA  1 
HETATM 376 O  OCZ . OMY E  1 6 ? -2.929  6.807   -12.015 1.00 3.55  ? 6    OMY E OCZ 1 
HETATM 377 C  CE2 . OMY E  1 6 ? -1.443  5.008   -11.483 1.00 4.06  ? 6    OMY E CE2 1 
HETATM 378 C  CE1 . OMY E  1 6 ? -2.733  4.917   -13.512 1.00 2.98  ? 6    OMY E CE1 1 
HETATM 379 C  CZ  . OMY E  1 6 ? -2.379  5.590   -12.345 1.00 3.43  ? 6    OMY E CZ  1 
HETATM 380 C  CG  . OMY E  1 6 ? -1.268  3.095   -12.958 1.00 3.54  ? 6    OMY E CG  1 
HETATM 381 C  CD2 . OMY E  1 6 ? -0.885  3.767   -11.791 1.00 4.39  ? 6    OMY E CD2 1 
HETATM 382 C  CD1 . OMY E  1 6 ? -2.198  3.696   -13.832 1.00 4.23  ? 6    OMY E CD1 1 
HETATM 383 C  CB  . OMY E  1 6 ? -0.854  1.662   -13.238 1.00 4.12  ? 6    OMY E CB  1 
HETATM 384 CL CL  . OMY E  1 6 ? -3.906  5.649   -14.622 1.00 5.17  ? 6    OMY E CL  1 
HETATM 385 O  O   . OMY E  1 6 ? -1.561  -1.518  -12.556 1.00 4.72  ? 6    OMY E O   1 
HETATM 386 C  C   . OMY E  1 6 ? -2.048  -0.650  -13.286 1.00 5.00  ? 6    OMY E C   1 
HETATM 387 O  ODE . OMY E  1 6 ? 0.240   1.248   -12.492 1.00 5.01  ? 6    OMY E ODE 1 
HETATM 388 N  N   . 3FG E  1 7 ? -2.557  -0.916  -14.493 1.00 5.34  ? 7    3FG E N   1 
HETATM 389 O  OD1 . 3FG E  1 7 ? -7.969  -1.795  -15.244 1.00 5.22  ? 7    3FG E OD1 1 
HETATM 390 C  CD1 . 3FG E  1 7 ? -6.735  -1.990  -15.781 1.00 6.11  ? 7    3FG E CD1 1 
HETATM 391 C  CG1 . 3FG E  1 7 ? -5.578  -1.996  -14.985 1.00 5.57  ? 7    3FG E CG1 1 
HETATM 392 C  CZ  . 3FG E  1 7 ? -6.650  -2.183  -17.185 1.00 5.47  ? 7    3FG E CZ  1 
HETATM 393 C  CD2 . 3FG E  1 7 ? -5.404  -2.382  -17.784 1.00 7.29  ? 7    3FG E CD2 1 
HETATM 394 O  OD2 . 3FG E  1 7 ? -5.200  -2.560  -19.107 1.00 5.75  ? 7    3FG E OD2 1 
HETATM 395 C  CG2 . 3FG E  1 7 ? -4.245  -2.405  -16.977 1.00 6.16  ? 7    3FG E CG2 1 
HETATM 396 C  CB  . 3FG E  1 7 ? -4.326  -2.218  -15.603 1.00 6.11  ? 7    3FG E CB  1 
HETATM 397 C  CA  . 3FG E  1 7 ? -3.051  -2.253  -14.750 1.00 5.40  ? 7    3FG E CA  1 
HETATM 398 C  C   . 3FG E  1 7 ? -1.955  -3.170  -15.432 1.00 7.47  ? 7    3FG E C   1 
HETATM 399 O  O   . 3FG E  1 7 ? -2.218  -4.403  -15.337 1.00 8.55  ? 7    3FG E O   1 
HETATM 400 O  OXT . 3FG E  1 7 ? -1.004  -2.666  -15.969 1.00 8.03  ? 7    3FG E OXT 1 
HETATM 401 N  N   . MLU F  1 1 ? 6.763   -1.163  -2.962  1.00 3.98  ? 1    MLU F N   1 
HETATM 402 C  CN  . MLU F  1 1 ? 7.565   -0.217  -3.797  1.00 4.88  ? 1    MLU F CN  1 
HETATM 403 C  CA  . MLU F  1 1 ? 5.317   -1.270  -3.347  1.00 3.40  ? 1    MLU F CA  1 
HETATM 404 C  C   . MLU F  1 1 ? 5.269   -1.782  -4.803  1.00 4.69  ? 1    MLU F C   1 
HETATM 405 O  O   . MLU F  1 1 ? 5.732   -2.859  -5.079  1.00 4.41  ? 1    MLU F O   1 
HETATM 406 C  CB  . MLU F  1 1 ? 4.600   -2.232  -2.412  1.00 3.23  ? 1    MLU F CB  1 
HETATM 407 C  CG  . MLU F  1 1 ? 3.112   -2.555  -2.670  1.00 2.95  ? 1    MLU F CG  1 
HETATM 408 C  CD1 . MLU F  1 1 ? 2.629   -3.606  -1.731  1.00 2.99  ? 1    MLU F CD1 1 
HETATM 409 C  CD2 . MLU F  1 1 ? 2.270   -1.300  -2.509  1.00 2.93  ? 1    MLU F CD2 1 
HETATM 410 N  N   . OMZ F  1 2 ? 4.713   -0.977  -5.746  1.00 4.76  ? 2    OMZ F N   1 
HETATM 411 C  CA  . OMZ F  1 2 ? 4.693   -1.447  -7.118  1.00 4.03  ? 2    OMZ F CA  1 
HETATM 412 C  C   . OMZ F  1 2 ? 3.254   -1.507  -7.752  1.00 5.51  ? 2    OMZ F C   1 
HETATM 413 O  O   . OMZ F  1 2 ? 3.129   -1.972  -8.882  1.00 3.59  ? 2    OMZ F O   1 
HETATM 414 C  CB  . OMZ F  1 2 ? 5.646   -0.576  -8.053  1.00 4.96  ? 2    OMZ F CB  1 
HETATM 415 O  OC  . OMZ F  1 2 ? 6.931   -0.488  -7.468  1.00 4.11  ? 2    OMZ F OC  1 
HETATM 416 C  CG  . OMZ F  1 2 ? 5.045   0.782   -8.248  1.00 3.03  ? 2    OMZ F CG  1 
HETATM 417 C  CD1 . OMZ F  1 2 ? 4.297   1.035   -9.413  1.00 3.58  ? 2    OMZ F CD1 1 
HETATM 418 C  CD2 . OMZ F  1 2 ? 5.178   1.794   -7.285  1.00 2.44  ? 2    OMZ F CD2 1 
HETATM 419 C  CE1 . OMZ F  1 2 ? 3.692   2.270   -9.594  1.00 3.52  ? 2    OMZ F CE1 1 
HETATM 420 CL CL  . OMZ F  1 2 ? 2.754   2.547   -11.032 1.00 5.38  ? 2    OMZ F CL  1 
HETATM 421 C  CE2 . OMZ F  1 2 ? 4.570   3.014   -7.479  1.00 3.83  ? 2    OMZ F CE2 1 
HETATM 422 C  CZ  . OMZ F  1 2 ? 3.819   3.250   -8.634  1.00 3.59  ? 2    OMZ F CZ  1 
HETATM 423 O  OH  . OMZ F  1 2 ? 3.195   4.472   -8.782  1.00 3.69  ? 2    OMZ F OH  1 
ATOM   424 N  N   . ASN F  1 3 ? 2.220   -1.050  -7.011  1.00 3.35  ? 3    ASN F N   1 
ATOM   425 C  CA  . ASN F  1 3 ? 0.814   -1.341  -7.369  1.00 3.85  ? 3    ASN F CA  1 
ATOM   426 C  C   . ASN F  1 3 ? 0.120   -0.106  -7.977  1.00 4.42  ? 3    ASN F C   1 
ATOM   427 O  O   . ASN F  1 3 ? -0.211  -0.128  -9.185  1.00 5.35  ? 3    ASN F O   1 
ATOM   428 C  CB  . ASN F  1 3 ? 0.049   -1.861  -6.152  1.00 3.62  ? 3    ASN F CB  1 
ATOM   429 C  CG  . ASN F  1 3 ? 0.361   -3.295  -5.747  1.00 4.38  ? 3    ASN F CG  1 
ATOM   430 O  OD1 . ASN F  1 3 ? 1.350   -3.887  -6.195  1.00 3.93  ? 3    ASN F OD1 1 
ATOM   431 N  ND2 . ASN F  1 3 ? -0.499  -3.836  -4.890  1.00 5.09  ? 3    ASN F ND2 1 
HETATM 432 N  N   . GHP F  1 4 ? -0.097  0.909   -7.168  1.00 3.69  ? 4    GHP F N   1 
HETATM 433 C  CA  . GHP F  1 4 ? -0.973  2.028   -7.523  1.00 2.32  ? 4    GHP F CA  1 
HETATM 434 C  C   . GHP F  1 4 ? -1.914  2.290   -6.373  1.00 3.99  ? 4    GHP F C   1 
HETATM 435 O  O   . GHP F  1 4 ? -1.520  2.492   -5.220  1.00 2.74  ? 4    GHP F O   1 
HETATM 436 C  C1  . GHP F  1 4 ? -0.231  3.305   -7.865  1.00 4.20  ? 4    GHP F C1  1 
HETATM 437 C  C2  . GHP F  1 4 ? -0.889  4.507   -7.884  1.00 3.31  ? 4    GHP F C2  1 
HETATM 438 C  C3  . GHP F  1 4 ? -0.205  5.693   -8.190  1.00 4.83  ? 4    GHP F C3  1 
HETATM 439 C  C4  . GHP F  1 4 ? 1.148   5.659   -8.479  1.00 4.40  ? 4    GHP F C4  1 
HETATM 440 O  O4  . GHP F  1 4 ? 1.842   6.811   -8.781  1.00 4.77  ? 4    GHP F O4  1 
HETATM 441 C  C5  . GHP F  1 4 ? 1.822   4.444   -8.469  1.00 3.86  ? 4    GHP F C5  1 
HETATM 442 C  C6  . GHP F  1 4 ? 1.127   3.281   -8.160  1.00 3.43  ? 4    GHP F C6  1 
HETATM 443 N  N   . GHP F  1 5 ? -3.210  2.316   -6.730  1.00 1.98  ? 5    GHP F N   1 
HETATM 444 C  CA  . GHP F  1 5 ? -4.151  2.958   -5.890  1.00 3.17  ? 5    GHP F CA  1 
HETATM 445 C  C   . GHP F  1 5 ? -5.264  3.602   -6.762  1.00 3.39  ? 5    GHP F C   1 
HETATM 446 O  O   . GHP F  1 5 ? -5.493  3.111   -7.869  1.00 2.59  ? 5    GHP F O   1 
HETATM 447 C  C1  . GHP F  1 5 ? -4.874  2.151   -4.819  1.00 2.64  ? 5    GHP F C1  1 
HETATM 448 C  C2  . GHP F  1 5 ? -4.784  2.564   -3.512  1.00 2.01  ? 5    GHP F C2  1 
HETATM 449 C  C3  . GHP F  1 5 ? -5.490  1.936   -2.483  1.00 3.24  ? 5    GHP F C3  1 
HETATM 450 C  C4  . GHP F  1 5 ? -6.306  0.845   -2.812  1.00 2.82  ? 5    GHP F C4  1 
HETATM 451 O  O4  . GHP F  1 5 ? -6.990  0.237   -1.794  1.00 3.21  ? 5    GHP F O4  1 
HETATM 452 C  C5  . GHP F  1 5 ? -6.398  0.418   -4.126  1.00 2.23  ? 5    GHP F C5  1 
HETATM 453 C  C6  . GHP F  1 5 ? -5.693  1.057   -5.138  1.00 2.98  ? 5    GHP F C6  1 
HETATM 454 N  N   . OMY F  1 6 ? -5.931  4.669   -6.275  1.00 3.32  ? 6    OMY F N   1 
HETATM 455 C  CA  . OMY F  1 6 ? -5.739  5.336   -5.032  1.00 2.31  ? 6    OMY F CA  1 
HETATM 456 O  OCZ . OMY F  1 6 ? -0.841  6.942   -8.219  1.00 4.79  ? 6    OMY F OCZ 1 
HETATM 457 C  CE2 . OMY F  1 6 ? -3.244  7.113   -8.228  1.00 4.26  ? 6    OMY F CE2 1 
HETATM 458 C  CE1 . OMY F  1 6 ? -2.070  6.946   -6.136  1.00 3.61  ? 6    OMY F CE1 1 
HETATM 459 C  CZ  . OMY F  1 6 ? -2.036  7.001   -7.524  1.00 4.58  ? 6    OMY F CZ  1 
HETATM 460 C  CG  . OMY F  1 6 ? -4.448  7.078   -6.116  1.00 3.20  ? 6    OMY F CG  1 
HETATM 461 C  CD2 . OMY F  1 6 ? -4.445  7.158   -7.532  1.00 3.69  ? 6    OMY F CD2 1 
HETATM 462 C  CD1 . OMY F  1 6 ? -3.235  6.984   -5.426  1.00 2.40  ? 6    OMY F CD1 1 
HETATM 463 C  CB  . OMY F  1 6 ? -5.724  6.906   -5.325  1.00 4.11  ? 6    OMY F CB  1 
HETATM 464 CL CL  . OMY F  1 6 ? -0.567  6.822   -5.256  1.00 5.31  ? 6    OMY F CL  1 
HETATM 465 O  O   . OMY F  1 6 ? -7.902  4.522   -4.288  1.00 4.98  ? 6    OMY F O   1 
HETATM 466 C  C   . OMY F  1 6 ? -6.783  4.911   -3.961  1.00 3.98  ? 6    OMY F C   1 
HETATM 467 O  ODE . OMY F  1 6 ? -6.861  7.272   -6.054  1.00 3.31  ? 6    OMY F ODE 1 
HETATM 468 N  N   . 3FG F  1 7 ? -6.369  4.973   -2.671  1.00 4.10  ? 7    3FG F N   1 
HETATM 469 O  OD1 . 3FG F  1 7 ? -3.722  0.771   -0.540  1.00 3.38  ? 7    3FG F OD1 1 
HETATM 470 C  CD1 . 3FG F  1 7 ? -4.477  1.840   -0.185  1.00 3.26  ? 7    3FG F CD1 1 
HETATM 471 C  CG1 . 3FG F  1 7 ? -5.357  2.454   -1.084  1.00 3.37  ? 7    3FG F CG1 1 
HETATM 472 C  CZ  . 3FG F  1 7 ? -4.345  2.321   1.141   1.00 2.20  ? 7    3FG F CZ  1 
HETATM 473 C  CD2 . 3FG F  1 7 ? -5.093  3.411   1.559   1.00 2.34  ? 7    3FG F CD2 1 
HETATM 474 O  OD2 . 3FG F  1 7 ? -5.039  3.940   2.797   1.00 2.25  ? 7    3FG F OD2 1 
HETATM 475 C  CG2 . 3FG F  1 7 ? -5.987  4.036   0.649   1.00 3.54  ? 7    3FG F CG2 1 
HETATM 476 C  CB  . 3FG F  1 7 ? -6.118  3.563   -0.655  1.00 4.08  ? 7    3FG F CB  1 
HETATM 477 C  CA  . 3FG F  1 7 ? -7.093  4.224   -1.642  1.00 4.86  ? 7    3FG F CA  1 
HETATM 478 C  C   . 3FG F  1 7 ? -8.132  5.130   -0.887  1.00 5.57  ? 7    3FG F C   1 
HETATM 479 O  O   . 3FG F  1 7 ? -8.993  4.461   -0.247  1.00 5.45  ? 7    3FG F O   1 
HETATM 480 O  OXT . 3FG F  1 7 ? -8.027  6.327   -0.954  1.00 7.05  ? 7    3FG F OXT 1 
HETATM 481 C  C2  . DLS G  2 1 ? 8.265   -9.021  4.100   1.00 5.92  ? 1    DLS G C2  1 
HETATM 482 O  O1  . DLS G  2 1 ? 6.519   -9.741  5.555   1.00 6.04  ? 1    DLS G O1  1 
HETATM 483 C  C1  . DLS G  2 1 ? 7.316   -8.856  5.262   1.00 4.65  ? 1    DLS G C1  1 
HETATM 484 N  N   . DLS G  2 1 ? 7.429   -7.703  5.914   1.00 4.73  ? 1    DLS G N   1 
HETATM 485 C  CA  . DLS G  2 1 ? 6.531   -7.307  7.026   1.00 5.60  ? 1    DLS G CA  1 
HETATM 486 C  C   . DLS G  2 1 ? 5.114   -6.979  6.496   1.00 4.50  ? 1    DLS G C   1 
HETATM 487 O  O   . DLS G  2 1 ? 4.921   -6.576  5.340   1.00 4.92  ? 1    DLS G O   1 
HETATM 488 C  CB  . DLS G  2 1 ? 7.102   -6.075  7.781   1.00 7.17  ? 1    DLS G CB  1 
HETATM 489 C  CG  . DLS G  2 1 ? 8.222   -6.404  8.787   1.00 12.70 ? 1    DLS G CG  1 
HETATM 490 C  CD  . DLS G  2 1 ? 8.338   -5.335  9.886   1.00 16.48 ? 1    DLS G CD  1 
HETATM 491 C  CE  . DLS G  2 1 ? 7.529   -5.719  11.123  1.00 20.02 ? 1    DLS G CE  1 
HETATM 492 N  NZ  . DLS G  2 1 ? 8.364   -6.559  12.003  1.00 25.22 ? 1    DLS G NZ  1 
HETATM 493 C  CH3 . DLS G  2 1 ? 9.353   -8.661  12.597  1.00 27.21 ? 1    DLS G CH3 1 
HETATM 494 O  OH  . DLS G  2 1 ? 7.061   -8.407  11.955  1.00 27.48 ? 1    DLS G OH  1 
HETATM 495 C  CH  . DLS G  2 1 ? 8.147   -7.861  12.153  1.00 26.58 ? 1    DLS G CH  1 
HETATM 496 N  N   . DAL G  2 2 ? 4.126   -7.127  7.369   1.00 4.90  ? 2    DAL G N   1 
HETATM 497 C  CA  . DAL G  2 2 ? 2.713   -6.744  7.117   1.00 4.21  ? 2    DAL G CA  1 
HETATM 498 C  CB  . DAL G  2 2 ? 2.558   -5.271  7.539   1.00 3.33  ? 2    DAL G CB  1 
HETATM 499 C  C   . DAL G  2 2 ? 1.825   -7.716  7.926   1.00 5.00  ? 2    DAL G C   1 
HETATM 500 O  O   . DAL G  2 2 ? 2.302   -8.400  8.823   1.00 8.07  ? 2    DAL G O   1 
HETATM 501 N  N   . DAL G  2 3 ? 0.540   -7.785  7.612   1.00 3.90  ? 3    DAL G N   1 
HETATM 502 C  CA  . DAL G  2 3 ? -0.337  -8.738  8.310   1.00 4.57  ? 3    DAL G CA  1 
HETATM 503 C  CB  . DAL G  2 3 ? -0.273  -10.173 7.740   1.00 5.03  ? 3    DAL G CB  1 
HETATM 504 C  C   . DAL G  2 3 ? -1.795  -8.196  8.279   1.00 5.48  ? 3    DAL G C   1 
HETATM 505 O  O   . DAL G  2 3 ? -2.618  -8.697  9.081   1.00 5.32  ? 3    DAL G O   1 
HETATM 506 O  OXT . DAL G  2 3 ? -2.129  -7.268  7.478   1.00 3.78  ? 3    DAL G OXT 1 
HETATM 507 C  C2  . DLS H  2 1 ? -8.636  -9.092  -2.040  1.00 15.43 ? 1    DLS H C2  1 
HETATM 508 O  O1  . DLS H  2 1 ? -7.010  -9.885  -3.602  1.00 14.68 ? 1    DLS H O1  1 
HETATM 509 C  C1  . DLS H  2 1 ? -7.770  -8.975  -3.275  1.00 13.48 ? 1    DLS H C1  1 
HETATM 510 N  N   . DLS H  2 1 ? -7.910  -7.837  -3.952  1.00 13.55 ? 1    DLS H N   1 
HETATM 511 C  CA  . DLS H  2 1 ? -7.180  -7.569  -5.219  1.00 11.87 ? 1    DLS H CA  1 
HETATM 512 C  C   . DLS H  2 1 ? -5.695  -7.215  -4.895  1.00 10.63 ? 1    DLS H C   1 
HETATM 513 O  O   . DLS H  2 1 ? -5.385  -6.658  -3.838  1.00 5.98  ? 1    DLS H O   1 
HETATM 514 C  CB  . DLS H  2 1 ? -7.866  -6.410  -5.993  1.00 14.73 ? 1    DLS H CB  1 
HETATM 515 C  CG  . DLS H  2 1 ? -9.198  -6.795  -6.672  1.00 17.98 ? 1    DLS H CG  1 
HETATM 516 C  CD  . DLS H  2 1 ? -9.653  -5.754  -7.716  1.00 21.22 ? 1    DLS H CD  1 
HETATM 517 C  CE  . DLS H  2 1 ? -10.764 -6.304  -8.627  1.00 24.60 ? 1    DLS H CE  1 
HETATM 518 N  NZ  . DLS H  2 1 ? -10.160 -7.042  -9.762  1.00 28.71 ? 1    DLS H NZ  1 
HETATM 519 C  CH3 . DLS H  2 1 ? -10.108 -9.308  -8.925  1.00 30.99 ? 1    DLS H CH3 1 
HETATM 520 O  OH  . DLS H  2 1 ? -10.943 -8.708  -11.074 1.00 32.39 ? 1    DLS H OH  1 
HETATM 521 C  CH  . DLS H  2 1 ? -10.446 -8.320  -10.023 1.00 30.25 ? 1    DLS H CH  1 
HETATM 522 N  N   . DAL H  2 2 ? -4.791  -7.535  -5.814  1.00 9.76  ? 2    DAL H N   1 
HETATM 523 C  CA  . DAL H  2 2 ? -3.333  -7.303  -5.683  1.00 9.30  ? 2    DAL H CA  1 
HETATM 524 C  CB  . DAL H  2 2 ? -3.033  -5.942  -6.353  1.00 9.38  ? 2    DAL H CB  1 
HETATM 525 C  C   . DAL H  2 2 ? -2.596  -8.497  -6.355  1.00 8.26  ? 2    DAL H C   1 
HETATM 526 O  O   . DAL H  2 2 ? -3.197  -9.296  -7.088  1.00 9.64  ? 2    DAL H O   1 
HETATM 527 N  N   . DAL H  2 3 ? -1.294  -8.627  -6.110  1.00 8.09  ? 3    DAL H N   1 
HETATM 528 C  CA  . DAL H  2 3 ? -0.518  -9.757  -6.682  1.00 8.42  ? 3    DAL H CA  1 
HETATM 529 C  CB  . DAL H  2 3 ? -0.671  -11.091 -5.907  1.00 9.54  ? 3    DAL H CB  1 
HETATM 530 C  C   . DAL H  2 3 ? 0.976   -9.338  -6.758  1.00 8.43  ? 3    DAL H C   1 
HETATM 531 O  O   . DAL H  2 3 ? 1.731   -9.986  -7.523  1.00 8.85  ? 3    DAL H O   1 
HETATM 532 O  OXT . DAL H  2 3 ? 1.402   -8.366  -6.074  1.00 7.29  ? 3    DAL H OXT 1 
HETATM 533 C  C2  . DLS I  2 1 ? -0.077  4.735   16.364  1.00 20.64 ? 1    DLS I C2  1 
HETATM 534 O  O1  . DLS I  2 1 ? 1.854   6.053   16.866  1.00 21.74 ? 1    DLS I O1  1 
HETATM 535 C  C1  . DLS I  2 1 ? 1.376   4.922   16.745  1.00 20.58 ? 1    DLS I C1  1 
HETATM 536 N  N   . DLS I  2 1 ? 2.056   3.794   16.926  1.00 17.79 ? 1    DLS I N   1 
HETATM 537 C  CA  . DLS I  2 1 ? 3.470   3.767   17.381  1.00 17.15 ? 1    DLS I CA  1 
HETATM 538 C  C   . DLS I  2 1 ? 4.415   3.869   16.132  1.00 15.31 ? 1    DLS I C   1 
HETATM 539 O  O   . DLS I  2 1 ? 4.186   3.227   15.102  1.00 11.15 ? 1    DLS I O   1 
HETATM 540 C  CB  . DLS I  2 1 ? 3.733   2.460   18.185  1.00 20.35 ? 1    DLS I CB  1 
HETATM 541 C  CG  . DLS I  2 1 ? 3.254   2.496   19.658  1.00 24.67 ? 1    DLS I CG  1 
HETATM 542 C  CD  . DLS I  2 1 ? 2.772   1.121   20.164  1.00 29.18 ? 1    DLS I CD  1 
HETATM 543 C  CE  . DLS I  2 1 ? 3.933   0.134   20.375  1.00 33.90 ? 1    DLS I CE  1 
HETATM 544 N  NZ  . DLS I  2 1 ? 3.671   -1.128  19.635  1.00 37.61 ? 1    DLS I NZ  1 
HETATM 545 C  CH3 . DLS I  2 1 ? 3.564   -2.717  21.444  1.00 39.66 ? 1    DLS I CH3 1 
HETATM 546 O  OH  . DLS I  2 1 ? 4.836   -3.071  19.440  1.00 38.94 ? 1    DLS I OH  1 
HETATM 547 C  CH  . DLS I  2 1 ? 4.087   -2.320  20.075  1.00 38.34 ? 1    DLS I CH  1 
HETATM 548 N  N   . DAL I  2 2 ? 5.482   4.677   16.224  1.00 13.02 ? 2    DAL I N   1 
HETATM 549 C  CA  . DAL I  2 2 ? 6.548   4.759   15.177  1.00 11.19 ? 2    DAL I CA  1 
HETATM 550 C  CB  . DAL I  2 2 ? 7.617   3.700   15.523  1.00 10.34 ? 2    DAL I CB  1 
HETATM 551 C  C   . DAL I  2 2 ? 7.117   6.207   15.147  1.00 11.06 ? 2    DAL I C   1 
HETATM 552 O  O   . DAL I  2 2 ? 7.181   6.890   16.180  1.00 11.22 ? 2    DAL I O   1 
HETATM 553 N  N   . DAL I  2 3 ? 7.533   6.675   13.962  1.00 8.67  ? 3    DAL I N   1 
HETATM 554 C  CA  . DAL I  2 3 ? 8.096   8.044   13.837  1.00 8.36  ? 3    DAL I CA  1 
HETATM 555 C  CB  . DAL I  2 3 ? 7.048   9.128   13.481  1.00 8.29  ? 3    DAL I CB  1 
HETATM 556 C  C   . DAL I  2 3 ? 9.248   8.027   12.786  1.00 8.48  ? 3    DAL I C   1 
HETATM 557 O  O   . DAL I  2 3 ? 9.948   9.064   12.665  1.00 7.99  ? 3    DAL I O   1 
HETATM 558 O  OXT . DAL I  2 3 ? 9.470   6.996   12.084  1.00 7.50  ? 3    DAL I OXT 1 
HETATM 559 C  C2  . DLS J  2 1 ? 4.062   9.889   1.685   1.00 11.73 ? 1    DLS J C2  1 
HETATM 560 O  O1  . DLS J  2 1 ? 2.174   8.693   0.833   1.00 11.78 ? 1    DLS J O1  1 
HETATM 561 C  C1  . DLS J  2 1 ? 3.402   8.764   0.926   1.00 9.96  ? 1    DLS J C1  1 
HETATM 562 N  N   . DLS J  2 1 ? 4.238   7.901   0.387   1.00 7.69  ? 1    DLS J N   1 
HETATM 563 C  CA  . DLS J  2 1 ? 3.776   6.674   -0.318  1.00 5.96  ? 1    DLS J CA  1 
HETATM 564 C  C   . DLS J  2 1 ? 3.445   5.582   0.739   1.00 4.03  ? 1    DLS J C   1 
HETATM 565 O  O   . DLS J  2 1 ? 4.277   5.248   1.587   1.00 3.91  ? 1    DLS J O   1 
HETATM 566 C  CB  . DLS J  2 1 ? 4.872   6.176   -1.290  1.00 3.27  ? 1    DLS J CB  1 
HETATM 567 C  CG  . DLS J  2 1 ? 4.914   6.927   -2.633  1.00 4.41  ? 1    DLS J CG  1 
HETATM 568 C  CD  . DLS J  2 1 ? 6.158   6.556   -3.452  1.00 5.46  ? 1    DLS J CD  1 
HETATM 569 C  CE  . DLS J  2 1 ? 7.442   7.166   -2.865  1.00 6.40  ? 1    DLS J CE  1 
HETATM 570 N  NZ  . DLS J  2 1 ? 7.557   8.578   -3.274  1.00 8.23  ? 1    DLS J NZ  1 
HETATM 571 C  CH3 . DLS J  2 1 ? 7.091   10.928  -3.197  1.00 8.19  ? 1    DLS J CH3 1 
HETATM 572 O  OH  . DLS J  2 1 ? 6.756   9.463   -1.334  1.00 9.68  ? 1    DLS J OH  1 
HETATM 573 C  CH  . DLS J  2 1 ? 7.120   9.583   -2.514  1.00 9.13  ? 1    DLS J CH  1 
HETATM 574 N  N   . DAL J  2 2 ? 2.232   5.033   0.678   1.00 4.67  ? 2    DAL J N   1 
HETATM 575 C  CA  . DAL J  2 2 ? 1.726   4.032   1.646   1.00 4.24  ? 2    DAL J CA  1 
HETATM 576 C  CB  . DAL J  2 2 ? 2.047   2.642   1.073   1.00 4.19  ? 2    DAL J CB  1 
HETATM 577 C  C   . DAL J  2 2 ? 0.210   4.264   1.867   1.00 5.19  ? 2    DAL J C   1 
HETATM 578 O  O   . DAL J  2 2 ? -0.475  4.930   1.072   1.00 5.20  ? 2    DAL J O   1 
HETATM 579 N  N   . DAL J  2 3 ? -0.320  3.715   2.968   1.00 4.88  ? 3    DAL J N   1 
HETATM 580 C  CA  . DAL J  2 3 ? -1.743  3.930   3.330   1.00 3.95  ? 3    DAL J CA  1 
HETATM 581 C  CB  . DAL J  2 3 ? -2.004  5.254   4.102   1.00 2.47  ? 3    DAL J CB  1 
HETATM 582 C  C   . DAL J  2 3 ? -2.220  2.700   4.154   1.00 3.10  ? 3    DAL J C   1 
HETATM 583 O  O   . DAL J  2 3 ? -3.455  2.453   4.207   1.00 3.00  ? 3    DAL J O   1 
HETATM 584 O  OXT . DAL J  2 3 ? -1.378  1.975   4.742   1.00 3.65  ? 3    DAL J OXT 1 
HETATM 585 C  C2  . DLS K  2 1 ? 0.350   3.383   -16.551 1.00 9.54  ? 1    DLS K C2  1 
HETATM 586 O  O1  . DLS K  2 1 ? -1.635  4.416   -17.392 1.00 10.70 ? 1    DLS K O1  1 
HETATM 587 C  C1  . DLS K  2 1 ? -1.062  3.367   -17.103 1.00 11.21 ? 1    DLS K C1  1 
HETATM 588 N  N   . DLS K  2 1 ? -1.601  2.156   -17.235 1.00 10.33 ? 1    DLS K N   1 
HETATM 589 C  CA  . DLS K  2 1 ? -2.988  1.929   -17.751 1.00 11.38 ? 1    DLS K CA  1 
HETATM 590 C  C   . DLS K  2 1 ? -4.010  1.931   -16.572 1.00 8.86  ? 1    DLS K C   1 
HETATM 591 O  O   . DLS K  2 1 ? -3.793  1.311   -15.529 1.00 8.28  ? 1    DLS K O   1 
HETATM 592 C  CB  . DLS K  2 1 ? -3.070  0.575   -18.525 1.00 15.49 ? 1    DLS K CB  1 
HETATM 593 C  CG  . DLS K  2 1 ? -2.303  0.551   -19.863 1.00 20.81 ? 1    DLS K CG  1 
HETATM 594 C  CD  . DLS K  2 1 ? -2.694  1.727   -20.784 1.00 25.75 ? 1    DLS K CD  1 
HETATM 595 C  CE  . DLS K  2 1 ? -1.542  2.167   -21.712 1.00 29.64 ? 1    DLS K CE  1 
HETATM 596 N  NZ  . DLS K  2 1 ? -0.236  1.818   -21.111 1.00 33.53 ? 1    DLS K NZ  1 
HETATM 597 C  CH3 . DLS K  2 1 ? 1.833   2.162   -19.937 1.00 34.94 ? 1    DLS K CH3 1 
HETATM 598 O  OH  . DLS K  2 1 ? 0.096   3.800   -20.056 1.00 36.16 ? 1    DLS K OH  1 
HETATM 599 C  CH  . DLS K  2 1 ? 0.476   2.674   -20.376 1.00 34.78 ? 1    DLS K CH  1 
HETATM 600 N  N   . DAL K  2 2 ? -5.138  2.617   -16.753 1.00 7.23  ? 2    DAL K N   1 
HETATM 601 C  CA  . DAL K  2 2 ? -6.199  2.734   -15.723 1.00 5.56  ? 2    DAL K CA  1 
HETATM 602 C  CB  . DAL K  2 2 ? -7.128  1.517   -15.888 1.00 4.88  ? 2    DAL K CB  1 
HETATM 603 C  C   . DAL K  2 2 ? -6.931  4.080   -15.923 1.00 7.40  ? 2    DAL K C   1 
HETATM 604 O  O   . DAL K  2 2 ? -6.969  4.648   -17.028 1.00 6.12  ? 2    DAL K O   1 
HETATM 605 N  N   . DAL K  2 3 ? -7.522  4.593   -14.850 1.00 6.66  ? 3    DAL K N   1 
HETATM 606 C  CA  . DAL K  2 3 ? -8.227  5.886   -14.913 1.00 6.73  ? 3    DAL K CA  1 
HETATM 607 C  CB  . DAL K  2 3 ? -7.327  7.099   -14.597 1.00 7.39  ? 3    DAL K CB  1 
HETATM 608 C  C   . DAL K  2 3 ? -9.448  5.830   -13.950 1.00 5.74  ? 3    DAL K C   1 
HETATM 609 O  O   . DAL K  2 3 ? -10.336 6.694   -14.072 1.00 5.47  ? 3    DAL K O   1 
HETATM 610 O  OXT . DAL K  2 3 ? -9.537  4.929   -13.080 1.00 7.24  ? 3    DAL K OXT 1 
HETATM 611 C  C2  . DLS L  2 1 ? -3.904  10.006  -3.539  1.00 5.91  ? 1    DLS L C2  1 
HETATM 612 O  O1  . DLS L  2 1 ? -1.813  9.190   -2.777  1.00 6.40  ? 1    DLS L O1  1 
HETATM 613 C  C1  . DLS L  2 1 ? -3.031  9.109   -2.707  1.00 5.82  ? 1    DLS L C1  1 
HETATM 614 N  N   . DLS L  2 1 ? -3.693  8.260   -1.924  1.00 6.00  ? 1    DLS L N   1 
HETATM 615 C  CA  . DLS L  2 1 ? -3.039  7.248   -1.029  1.00 5.12  ? 1    DLS L CA  1 
HETATM 616 C  C   . DLS L  2 1 ? -2.710  5.974   -1.873  1.00 4.52  ? 1    DLS L C   1 
HETATM 617 O  O   . DLS L  2 1 ? -3.553  5.475   -2.635  1.00 3.22  ? 1    DLS L O   1 
HETATM 618 C  CB  . DLS L  2 1 ? -3.998  6.882   0.152   1.00 7.17  ? 1    DLS L CB  1 
HETATM 619 C  CG  . DLS L  2 1 ? -4.080  7.916   1.315   1.00 11.73 ? 1    DLS L CG  1 
HETATM 620 C  CD  . DLS L  2 1 ? -5.441  7.863   2.062   1.00 16.11 ? 1    DLS L CD  1 
HETATM 621 C  CE  . DLS L  2 1 ? -5.323  7.259   3.478   1.00 21.86 ? 1    DLS L CE  1 
HETATM 622 N  NZ  . DLS L  2 1 ? -6.684  7.021   4.069   1.00 25.20 ? 1    DLS L NZ  1 
HETATM 623 C  CH3 . DLS L  2 1 ? -5.746  7.227   6.290   1.00 26.71 ? 1    DLS L CH3 1 
HETATM 624 O  OH  . DLS L  2 1 ? -8.093  7.211   5.865   1.00 25.49 ? 1    DLS L OH  1 
HETATM 625 C  CH  . DLS L  2 1 ? -6.953  7.151   5.386   1.00 25.11 ? 1    DLS L CH  1 
HETATM 626 N  N   . DAL L  2 2 ? -1.500  5.427   -1.743  1.00 3.43  ? 2    DAL L N   1 
HETATM 627 C  CA  . DAL L  2 2 ? -1.112  4.190   -2.472  1.00 3.07  ? 2    DAL L CA  1 
HETATM 628 C  CB  . DAL L  2 2 ? -1.639  2.976   -1.655  1.00 3.18  ? 2    DAL L CB  1 
HETATM 629 C  C   . DAL L  2 2 ? 0.428   4.170   -2.661  1.00 2.71  ? 2    DAL L C   1 
HETATM 630 O  O   . DAL L  2 2 ? 1.172   4.893   -1.990  1.00 2.74  ? 2    DAL L O   1 
HETATM 631 N  N   . DAL L  2 3 ? 0.900   3.320   -3.581  1.00 2.86  ? 3    DAL L N   1 
HETATM 632 C  CA  . DAL L  2 3 ? 2.348   3.237   -3.870  1.00 2.18  ? 3    DAL L CA  1 
HETATM 633 C  CB  . DAL L  2 3 ? 2.870   4.375   -4.778  1.00 2.45  ? 3    DAL L CB  1 
HETATM 634 C  C   . DAL L  2 3 ? 2.652   1.849   -4.493  1.00 2.76  ? 3    DAL L C   1 
HETATM 635 O  O   . DAL L  2 3 ? 3.849   1.454   -4.509  1.00 1.37  ? 3    DAL L O   1 
HETATM 636 O  OXT . DAL L  2 3 ? 1.711   1.147   -4.970  1.00 2.71  ? 3    DAL L OXT 1 
HETATM 637 C  C2  . BGC M  3 . ? -0.306  -14.984 2.973   1.00 5.35  ? 1    BGC M C2  1 
HETATM 638 C  C3  . BGC M  3 . ? -0.508  -15.922 1.800   1.00 6.82  ? 1    BGC M C3  1 
HETATM 639 C  C4  . BGC M  3 . ? -2.008  -15.851 1.395   1.00 6.08  ? 1    BGC M C4  1 
HETATM 640 C  C5  . BGC M  3 . ? -2.407  -14.379 1.161   1.00 7.35  ? 1    BGC M C5  1 
HETATM 641 C  C6  . BGC M  3 . ? -3.921  -14.155 0.805   1.00 7.83  ? 1    BGC M C6  1 
HETATM 642 C  C1  . BGC M  3 . ? -0.825  -13.607 2.697   1.00 5.36  ? 1    BGC M C1  1 
HETATM 643 O  O2  . BGC M  3 . ? 1.119   -14.937 3.279   1.00 4.98  ? 1    BGC M O2  1 
HETATM 644 O  O3  . BGC M  3 . ? -0.129  -17.257 2.078   1.00 6.23  ? 1    BGC M O3  1 
HETATM 645 O  O4  . BGC M  3 . ? -2.216  -16.581 0.196   1.00 7.22  ? 1    BGC M O4  1 
HETATM 646 O  O5  . BGC M  3 . ? -2.183  -13.644 2.347   1.00 5.94  ? 1    BGC M O5  1 
HETATM 647 O  O6  . BGC M  3 . ? -4.744  -14.580 1.800   1.00 10.67 ? 1    BGC M O6  1 
HETATM 648 C  C1  . RER M  3 . ? 1.569   -15.693 4.391   1.00 4.96  ? 2    RER M C1  1 
HETATM 649 C  C2  . RER M  3 . ? 3.080   -15.784 4.266   1.00 4.02  ? 2    RER M C2  1 
HETATM 650 C  C3  . RER M  3 . ? 3.802   -14.494 4.663   1.00 5.16  ? 2    RER M C3  1 
HETATM 651 N  N3  . RER M  3 . ? 5.262   -14.852 4.946   1.00 4.91  ? 2    RER M N3  1 
HETATM 652 C  C3A . RER M  3 . ? 3.868   -13.485 3.554   1.00 3.64  ? 2    RER M C3A 1 
HETATM 653 C  C4  . RER M  3 . ? 3.193   -13.838 5.937   1.00 4.90  ? 2    RER M C4  1 
HETATM 654 O  O4  . RER M  3 . ? 3.605   -14.767 7.029   1.00 5.02  ? 2    RER M O4  1 
HETATM 655 C  C5  . RER M  3 . ? 1.669   -13.776 5.838   1.00 4.79  ? 2    RER M C5  1 
HETATM 656 O  O5  . RER M  3 . ? 1.118   -15.066 5.562   1.00 3.94  ? 2    RER M O5  1 
HETATM 657 C  C5A . RER M  3 . ? 1.007   -13.289 7.143   1.00 4.87  ? 2    RER M C5A 1 
HETATM 658 C  C2  . BGC N  3 . ? -0.639  -15.412 -2.726  1.00 10.58 ? 1    BGC N C2  1 
HETATM 659 C  C3  . BGC N  3 . ? -1.389  -16.195 -3.781  1.00 14.00 ? 1    BGC N C3  1 
HETATM 660 C  C4  . BGC N  3 . ? -2.871  -15.733 -3.769  1.00 15.23 ? 1    BGC N C4  1 
HETATM 661 C  C5  . BGC N  3 . ? -2.934  -14.210 -3.893  1.00 15.82 ? 1    BGC N C5  1 
HETATM 662 C  C6  . BGC N  3 . ? -4.391  -13.630 -3.792  1.00 16.19 ? 1    BGC N C6  1 
HETATM 663 C  C1  . BGC N  3 . ? -0.836  -13.935 -2.849  1.00 10.29 ? 1    BGC N C1  1 
HETATM 664 O  O2  . BGC N  3 . ? 0.758   -15.749 -2.878  1.00 9.00  ? 1    BGC N O2  1 
HETATM 665 O  O3  . BGC N  3 . ? -1.301  -17.588 -3.594  1.00 12.86 ? 1    BGC N O3  1 
HETATM 666 O  O4  . BGC N  3 . ? -3.587  -16.299 -4.865  1.00 17.52 ? 1    BGC N O4  1 
HETATM 667 O  O5  . BGC N  3 . ? -2.204  -13.612 -2.838  1.00 12.96 ? 1    BGC N O5  1 
HETATM 668 O  O6  . BGC N  3 . ? -5.070  -14.123 -2.718  1.00 19.11 ? 1    BGC N O6  1 
HETATM 669 C  C1  . RER N  3 . ? 1.331   -16.568 -1.874  1.00 8.85  ? 2    RER N C1  1 
HETATM 670 C  C2  . RER N  3 . ? 2.565   -17.174 -2.501  1.00 10.15 ? 2    RER N C2  1 
HETATM 671 C  C3  . RER N  3 . ? 3.733   -16.192 -2.578  1.00 11.58 ? 2    RER N C3  1 
HETATM 672 N  N3  . RER N  3 . ? 5.003   -17.004 -2.717  1.00 13.38 ? 2    RER N N3  1 
HETATM 673 C  C3A . RER N  3 . ? 3.700   -15.316 -3.793  1.00 12.32 ? 2    RER N C3A 1 
HETATM 674 C  C4  . RER N  3 . ? 3.873   -15.333 -1.308  1.00 10.12 ? 2    RER N C4  1 
HETATM 675 O  O4  . RER N  3 . ? 4.253   -16.359 -0.305  1.00 13.11 ? 2    RER N O4  1 
HETATM 676 C  C5  . RER N  3 . ? 2.542   -14.717 -0.947  1.00 8.85  ? 2    RER N C5  1 
HETATM 677 O  O5  . RER N  3 . ? 1.590   -15.759 -0.736  1.00 6.73  ? 2    RER N O5  1 
HETATM 678 C  C5A . RER N  3 . ? 2.610   -13.884 0.342   1.00 8.98  ? 2    RER N C5A 1 
HETATM 679 C  C2  . BGC O  3 . ? 1.722   11.881  9.931   1.00 4.04  ? 1    BGC O C2  1 
HETATM 680 C  C3  . BGC O  3 . ? 0.573   12.146  9.001   1.00 4.57  ? 1    BGC O C3  1 
HETATM 681 C  C4  . BGC O  3 . ? 1.142   12.344  7.572   1.00 5.40  ? 1    BGC O C4  1 
HETATM 682 C  C5  . BGC O  3 . ? 2.095   11.179  7.209   1.00 5.34  ? 1    BGC O C5  1 
HETATM 683 C  C6  . BGC O  3 . ? 2.888   11.418  5.876   1.00 7.38  ? 1    BGC O C6  1 
HETATM 684 C  C1  . BGC O  3 . ? 2.546   10.737  9.486   1.00 5.63  ? 1    BGC O C1  1 
HETATM 685 O  O2  . BGC O  3 . ? 1.181   11.664  11.249  1.00 4.15  ? 1    BGC O O2  1 
HETATM 686 O  O3  . BGC O  3 . ? -0.173  13.275  9.388   1.00 5.39  ? 1    BGC O O3  1 
HETATM 687 O  O4  . BGC O  3 . ? 0.081   12.387  6.613   1.00 4.14  ? 1    BGC O O4  1 
HETATM 688 O  O5  . BGC O  3 . ? 3.092   11.008  8.220   1.00 6.50  ? 1    BGC O O5  1 
HETATM 689 O  O6  . BGC O  3 . ? 3.565   12.602  5.911   1.00 9.03  ? 1    BGC O O6  1 
HETATM 690 C  C1  . RER O  3 . ? 1.365   12.729  12.167  1.00 6.00  ? 2    RER O C1  1 
HETATM 691 C  C2  . RER O  3 . ? 0.502   12.404  13.373  1.00 6.59  ? 2    RER O C2  1 
HETATM 692 C  C3  . RER O  3 . ? 1.144   11.401  14.329  1.00 6.41  ? 2    RER O C3  1 
HETATM 693 N  N3  . RER O  3 . ? 0.435   11.557  15.664  1.00 5.77  ? 2    RER O N3  1 
HETATM 694 C  C3A . RER O  3 . ? 0.936   9.961   13.928  1.00 5.47  ? 2    RER O C3A 1 
HETATM 695 C  C4  . RER O  3 . ? 2.654   11.672  14.540  1.00 6.84  ? 2    RER O C4  1 
HETATM 696 O  O4  . RER O  3 . ? 2.630   12.997  15.242  1.00 7.97  ? 2    RER O O4  1 
HETATM 697 C  C5  . RER O  3 . ? 3.351   11.795  13.185  1.00 6.11  ? 2    RER O C5  1 
HETATM 698 O  O5  . RER O  3 . ? 2.762   12.859  12.444  1.00 5.56  ? 2    RER O O5  1 
HETATM 699 C  C5A . RER O  3 . ? 4.853   12.123  13.303  1.00 5.23  ? 2    RER O C5A 1 
HETATM 700 C  C2  . BGC P  3 . ? -2.805  9.779   6.831   1.00 5.88  ? 1    BGC P C2  1 
HETATM 701 C  C3  . BGC P  3 . ? -3.621  10.414  5.730   1.00 6.32  ? 1    BGC P C3  1 
HETATM 702 C  C4  . BGC P  3 . ? -2.682  10.737  4.532   1.00 7.32  ? 1    BGC P C4  1 
HETATM 703 C  C5  . BGC P  3 . ? -1.824  9.520   4.185   1.00 8.00  ? 1    BGC P C5  1 
HETATM 704 C  C6  . BGC P  3 . ? -0.729  9.812   3.089   1.00 10.50 ? 1    BGC P C6  1 
HETATM 705 C  C1  . BGC P  3 . ? -1.971  8.653   6.363   1.00 5.35  ? 1    BGC P C1  1 
HETATM 706 O  O2  . BGC P  3 . ? -3.730  9.359   7.862   1.00 6.68  ? 1    BGC P O2  1 
HETATM 707 O  O3  . BGC P  3 . ? -4.262  11.590  6.167   1.00 5.98  ? 1    BGC P O3  1 
HETATM 708 O  O4  . BGC P  3 . ? -3.449  11.075  3.379   1.00 8.20  ? 1    BGC P O4  1 
HETATM 709 O  O5  . BGC P  3 . ? -1.129  9.086   5.332   1.00 6.50  ? 1    BGC P O5  1 
HETATM 710 O  O6  . BGC P  3 . ? 0.100   10.834  3.455   1.00 14.10 ? 1    BGC P O6  1 
HETATM 711 C  C1  . RER P  3 . ? -3.776  10.191  9.011   1.00 7.27  ? 2    RER P C1  1 
HETATM 712 C  C2  . RER P  3 . ? -5.006  9.791   9.787   1.00 6.04  ? 2    RER P C2  1 
HETATM 713 C  C3  . RER P  3 . ? -4.814  8.525   10.623  1.00 6.34  ? 2    RER P C3  1 
HETATM 714 N  N3  . RER P  3 . ? -5.846  8.574   11.742  1.00 4.26  ? 2    RER P N3  1 
HETATM 715 C  C3A . RER P  3 . ? -5.111  7.261   9.855   1.00 4.58  ? 2    RER P C3A 1 
HETATM 716 C  C4  . RER P  3 . ? -3.403  8.423   11.286  1.00 5.54  ? 2    RER P C4  1 
HETATM 717 O  O4  . RER P  3 . ? -3.454  9.469   12.365  1.00 4.96  ? 2    RER P O4  1 
HETATM 718 C  C5  . RER P  3 . ? -2.316  8.754   10.280  1.00 5.93  ? 2    RER P C5  1 
HETATM 719 O  O5  . RER P  3 . ? -2.544  10.047  9.717   1.00 7.42  ? 2    RER P O5  1 
HETATM 720 C  C5A . RER P  3 . ? -0.910  8.781   10.907  1.00 4.72  ? 2    RER P C5A 1 
HETATM 721 C  C2  . BGC Q  3 . ? -2.811  10.859  -11.728 1.00 6.01  ? 1    BGC Q C2  1 
HETATM 722 C  C3  . BGC Q  3 . ? -1.940  11.661  -10.781 1.00 7.26  ? 1    BGC Q C3  1 
HETATM 723 C  C4  . BGC Q  3 . ? -2.805  12.035  -9.546  1.00 7.19  ? 1    BGC Q C4  1 
HETATM 724 C  C5  . BGC Q  3 . ? -3.465  10.767  -8.970  1.00 7.65  ? 1    BGC Q C5  1 
HETATM 725 C  C6  . BGC Q  3 . ? -4.436  11.024  -7.767  1.00 7.52  ? 1    BGC Q C6  1 
HETATM 726 C  C1  . BGC Q  3 . ? -3.500  9.715   -11.058 1.00 6.67  ? 1    BGC Q C1  1 
HETATM 727 O  O2  . BGC Q  3 . ? -1.970  10.362  -12.798 1.00 6.33  ? 1    BGC Q O2  1 
HETATM 728 O  O3  . BGC Q  3 . ? -1.402  12.830  -11.387 1.00 8.57  ? 1    BGC Q O3  1 
HETATM 729 O  O4  . BGC Q  3 . ? -1.995  12.638  -8.528  1.00 8.43  ? 1    BGC Q O4  1 
HETATM 730 O  O5  . BGC Q  3 . ? -4.252  10.148  -9.958  1.00 6.12  ? 1    BGC Q O5  1 
HETATM 731 O  O6  . BGC Q  3 . ? -5.388  11.955  -8.053  1.00 7.69  ? 1    BGC Q O6  1 
HETATM 732 C  C1  . RER Q  3 . ? -2.009  11.069  -14.031 1.00 7.14  ? 2    RER Q C1  1 
HETATM 733 C  C2  . RER Q  3 . ? -0.848  10.541  -14.843 1.00 7.27  ? 2    RER Q C2  1 
HETATM 734 C  C3  . RER Q  3 . ? -1.126  9.183   -15.497 1.00 7.88  ? 2    RER Q C3  1 
HETATM 735 N  N3  . RER Q  3 . ? -0.122  9.040   -16.620 1.00 7.62  ? 2    RER Q N3  1 
HETATM 736 C  C3A . RER Q  3 . ? -0.876  7.991   -14.594 1.00 6.09  ? 2    RER Q C3A 1 
HETATM 737 C  C4  . RER Q  3 . ? -2.546  9.084   -16.093 1.00 6.74  ? 2    RER Q C4  1 
HETATM 738 O  O4  . RER Q  3 . ? -2.476  10.026  -17.248 1.00 9.41  ? 2    RER Q O4  1 
HETATM 739 C  C5  . RER Q  3 . ? -3.580  9.547   -15.072 1.00 5.91  ? 2    RER Q C5  1 
HETATM 740 O  O5  . RER Q  3 . ? -3.294  10.877  -14.623 1.00 6.79  ? 2    RER Q O5  1 
HETATM 741 C  C5A . RER Q  3 . ? -5.005  9.561   -15.636 1.00 5.70  ? 2    RER Q C5A 1 
HETATM 742 C  C2  . BGC R  3 . ? 2.141   8.684   -10.151 1.00 4.02  ? 1    BGC R C2  1 
HETATM 743 C  C3  . BGC R  3 . ? 1.973   9.269   -11.539 1.00 4.30  ? 1    BGC R C3  1 
HETATM 744 C  C4  . BGC R  3 . ? 2.629   8.270   -12.536 1.00 4.29  ? 1    BGC R C4  1 
HETATM 745 C  C5  . BGC R  3 . ? 2.050   6.852   -12.342 1.00 3.78  ? 1    BGC R C5  1 
HETATM 746 C  C6  . BGC R  3 . ? 2.820   5.756   -13.154 1.00 4.22  ? 1    BGC R C6  1 
HETATM 747 C  C1  . BGC R  3 . ? 1.568   7.321   -10.059 1.00 4.52  ? 1    BGC R C1  1 
HETATM 748 O  O2  . BGC R  3 . ? 1.523   9.576   -9.188  1.00 3.11  ? 1    BGC R O2  1 
HETATM 749 O  O3  . BGC R  3 . ? 2.558   10.552  -11.658 1.00 5.25  ? 1    BGC R O3  1 
HETATM 750 O  O4  . BGC R  3 . ? 2.402   8.652   -13.892 1.00 4.89  ? 1    BGC R O4  1 
HETATM 751 O  O5  . BGC R  3 . ? 2.167   6.453   -10.988 1.00 4.61  ? 1    BGC R O5  1 
HETATM 752 O  O6  . BGC R  3 . ? 4.157   5.774   -12.852 1.00 6.07  ? 1    BGC R O6  1 
HETATM 753 C  C1  . RER R  3 . ? 2.418   10.329  -8.385  1.00 5.84  ? 2    RER R C1  1 
HETATM 754 C  C2  . RER R  3 . ? 1.605   11.404  -7.699  1.00 5.15  ? 2    RER R C2  1 
HETATM 755 C  C3  . RER R  3 . ? 0.899   10.936  -6.423  1.00 6.74  ? 2    RER R C3  1 
HETATM 756 N  N3  . RER R  3 . ? 0.673   12.170  -5.569  1.00 6.49  ? 2    RER R N3  1 
HETATM 757 C  C3A . RER R  3 . ? -0.479  10.381  -6.668  1.00 7.16  ? 2    RER R C3A 1 
HETATM 758 C  C4  . RER R  3 . ? 1.734   9.924   -5.588  1.00 5.28  ? 2    RER R C4  1 
HETATM 759 O  O4  . RER R  3 . ? 2.839   10.774  -5.057  1.00 5.48  ? 2    RER R O4  1 
HETATM 760 C  C5  . RER R  3 . ? 2.300   8.839   -6.480  1.00 5.60  ? 2    RER R C5  1 
HETATM 761 O  O5  . RER R  3 . ? 3.096   9.428   -7.515  1.00 4.25  ? 2    RER R O5  1 
HETATM 762 C  C5A . RER R  3 . ? 3.214   7.874   -5.710  1.00 5.37  ? 2    RER R C5A 1 
HETATM 763 O  O   . HOH S  4 . ? -2.494  -6.150  14.534  1.00 31.07 ? 2001 HOH A O   1 
HETATM 764 O  O   . HOH S  4 . ? -8.825  -9.973  3.576   1.00 40.58 ? 2002 HOH A O   1 
HETATM 765 O  O   . HOH S  4 . ? -10.524 -4.305  6.585   1.00 25.11 ? 2003 HOH A O   1 
HETATM 766 O  O   . HOH S  4 . ? -7.371  -11.677 0.688   1.00 35.73 ? 2004 HOH A O   1 
HETATM 767 O  O   . HOH S  4 . ? -5.128  -10.477 11.775  1.00 31.35 ? 2005 HOH A O   1 
HETATM 768 O  O   . HOH S  4 . ? -7.025  -7.760  3.619   1.00 21.12 ? 2006 HOH A O   1 
HETATM 769 O  O   . HOH S  4 . ? -9.547  -7.389  7.006   1.00 31.98 ? 2007 HOH A O   1 
HETATM 770 O  O   . HOH S  4 . ? -7.886  -3.617  5.782   1.00 10.25 ? 2008 HOH A O   1 
HETATM 771 O  O   . HOH S  4 . ? 8.362   -6.487  1.293   1.00 5.31  ? 2009 HOH A O   1 
HETATM 772 O  O   . HOH S  4 . ? 8.111   -3.560  -0.272  1.00 5.40  ? 2010 HOH A O   1 
HETATM 773 O  O   . HOH S  4 . ? 9.475   -5.757  5.347   1.00 2.84  ? 2011 HOH A O   1 
HETATM 774 O  O   . HOH S  4 . ? 3.042   -0.328  8.732   1.00 7.41  ? 2012 HOH A O   1 
HETATM 775 O  O   . HOH S  4 . ? -4.363  -14.518 4.409   1.00 21.21 ? 2013 HOH A O   1 
HETATM 776 O  O   . HOH S  4 . ? -1.764  -18.618 3.785   1.00 32.39 ? 2014 HOH A O   1 
HETATM 777 O  O   . HOH S  4 . ? -5.137  -17.451 0.169   1.00 41.62 ? 2015 HOH A O   1 
HETATM 778 O  O   . HOH S  4 . ? 5.631   -16.453 9.370   1.00 9.13  ? 2016 HOH A O   1 
HETATM 779 O  O   . HOH S  4 . ? 5.759   -17.050 6.702   1.00 5.60  ? 2017 HOH A O   1 
HETATM 780 O  O   . HOH S  4 . ? 5.075   -13.303 8.885   1.00 19.95 ? 2018 HOH A O   1 
HETATM 781 O  O   . HOH S  4 . ? 2.097   -16.689 8.207   1.00 8.30  ? 2019 HOH A O   1 
HETATM 782 O  O   . HOH S  4 . ? -0.956  -16.414 6.927   1.00 16.02 ? 2020 HOH A O   1 
HETATM 783 O  O   . HOH T  4 . ? 7.511   -13.808 -6.179  1.00 21.18 ? 2001 HOH B O   1 
HETATM 784 O  O   . HOH T  4 . ? 7.391   -6.265  -8.805  1.00 38.35 ? 2002 HOH B O   1 
HETATM 785 O  O   . HOH T  4 . ? 5.338   -3.969  -9.629  1.00 21.23 ? 2003 HOH B O   1 
HETATM 786 O  O   . HOH T  4 . ? 6.147   -5.619  -1.767  1.00 8.29  ? 2004 HOH B O   1 
HETATM 787 O  O   . HOH T  4 . ? -11.665 -7.370  -1.665  1.00 31.92 ? 2005 HOH B O   1 
HETATM 788 O  O   . HOH T  4 . ? -9.727  -2.786  2.404   1.00 20.74 ? 2006 HOH B O   1 
HETATM 789 O  O   . HOH T  4 . ? -8.617  -5.701  0.311   1.00 10.93 ? 2007 HOH B O   1 
HETATM 790 O  O   . HOH T  4 . ? -6.133  -4.270  2.714   1.00 17.11 ? 2008 HOH B O   1 
HETATM 791 O  O   . HOH T  4 . ? -10.461 -2.206  -0.169  1.00 10.10 ? 2009 HOH B O   1 
HETATM 792 O  O   . HOH T  4 . ? -2.979  -1.408  -8.365  1.00 8.30  ? 2010 HOH B O   1 
HETATM 793 O  O   . HOH T  4 . ? -9.681  -5.935  -3.093  1.00 23.36 ? 2011 HOH B O   1 
HETATM 794 O  O   . HOH T  4 . ? -10.324 -2.582  -6.189  1.00 18.75 ? 2012 HOH B O   1 
HETATM 795 O  O   . HOH T  4 . ? -2.014  -19.270 -1.681  1.00 22.06 ? 2013 HOH B O   1 
HETATM 796 O  O   . HOH T  4 . ? 5.605   -18.630 -4.488  1.00 26.21 ? 2014 HOH B O   1 
HETATM 797 O  O   . HOH T  4 . ? 2.515   -17.947 1.176   1.00 6.76  ? 2015 HOH B O   1 
HETATM 798 O  O   . HOH U  4 . ? -1.750  0.923   15.451  1.00 20.10 ? 2001 HOH C O   1 
HETATM 799 O  O   . HOH U  4 . ? 15.713  7.151   7.869   1.00 44.67 ? 2002 HOH C O   1 
HETATM 800 O  O   . HOH U  4 . ? -2.306  2.662   13.433  1.00 4.83  ? 2003 HOH C O   1 
HETATM 801 O  O   . HOH U  4 . ? 1.468   -1.842  10.276  1.00 26.64 ? 2004 HOH C O   1 
HETATM 802 O  O   . HOH U  4 . ? -0.939  -1.173  13.494  1.00 18.89 ? 2005 HOH C O   1 
HETATM 803 O  O   . HOH U  4 . ? 0.817   1.468   16.235  1.00 13.73 ? 2006 HOH C O   1 
HETATM 804 O  O   . HOH U  4 . ? -0.150  -3.807  14.446  1.00 36.30 ? 2007 HOH C O   1 
HETATM 805 O  O   . HOH U  4 . ? 9.174   2.219   12.288  1.00 18.69 ? 2008 HOH C O   1 
HETATM 806 O  O   . HOH U  4 . ? 0.697   15.873  9.586   1.00 25.74 ? 2009 HOH C O   1 
HETATM 807 O  O   . HOH U  4 . ? -2.347  13.639  6.859   1.00 16.55 ? 2010 HOH C O   1 
HETATM 808 O  O   . HOH U  4 . ? 4.937   13.172  8.290   1.00 7.91  ? 2011 HOH C O   1 
HETATM 809 O  O   . HOH U  4 . ? -2.220  12.436  10.890  1.00 5.98  ? 2012 HOH C O   1 
HETATM 810 O  O   . HOH U  4 . ? 4.859   13.362  16.988  1.00 29.09 ? 2013 HOH C O   1 
HETATM 811 O  O   . HOH U  4 . ? 2.503   15.475  14.025  1.00 12.82 ? 2014 HOH C O   1 
HETATM 812 O  O   . HOH V  4 . ? -7.941  1.470   2.857   1.00 14.17 ? 2001 HOH D O   1 
HETATM 813 O  O   . HOH V  4 . ? -10.105 0.679   4.477   1.00 11.14 ? 2002 HOH D O   1 
HETATM 814 O  O   . HOH V  4 . ? -8.210  3.386   6.425   1.00 8.22  ? 2003 HOH D O   1 
HETATM 815 O  O   . HOH V  4 . ? -7.859  -0.694  5.439   1.00 10.24 ? 2004 HOH D O   1 
HETATM 816 O  O   . HOH V  4 . ? -1.504  0.092   11.112  1.00 6.77  ? 2005 HOH D O   1 
HETATM 817 O  O   . HOH V  4 . ? 8.704   1.931   7.583   1.00 39.38 ? 2006 HOH D O   1 
HETATM 818 O  O   . HOH V  4 . ? 7.859   -0.723  -0.536  1.00 5.20  ? 2007 HOH D O   1 
HETATM 819 O  O   . HOH V  4 . ? 10.269  5.592   5.349   1.00 14.45 ? 2008 HOH D O   1 
HETATM 820 O  O   . HOH V  4 . ? 8.064   9.473   3.168   1.00 14.36 ? 2009 HOH D O   1 
HETATM 821 O  O   . HOH V  4 . ? 11.396  2.321   1.630   1.00 4.21  ? 2010 HOH D O   1 
HETATM 822 O  O   . HOH V  4 . ? 7.540   7.692   0.897   1.00 9.02  ? 2011 HOH D O   1 
HETATM 823 O  O   . HOH V  4 . ? -6.765  11.711  5.929   1.00 26.34 ? 2012 HOH D O   1 
HETATM 824 O  O   . HOH V  4 . ? -1.928  7.801   14.225  1.00 10.25 ? 2013 HOH D O   1 
HETATM 825 O  O   . HOH W  4 . ? -13.717 9.528   -14.556 1.00 11.68 ? 2001 HOH E O   1 
HETATM 826 O  O   . HOH W  4 . ? -11.219 6.722   -5.132  1.00 11.34 ? 2002 HOH E O   1 
HETATM 827 O  O   . HOH W  4 . ? -9.807  4.644   -6.156  1.00 6.64  ? 2003 HOH E O   1 
HETATM 828 O  O   . HOH W  4 . ? -8.280  0.256   -7.113  1.00 3.75  ? 2004 HOH E O   1 
HETATM 829 O  O   . HOH W  4 . ? -9.321  12.785  -9.739  1.00 32.29 ? 2005 HOH E O   1 
HETATM 830 O  O   . HOH W  4 . ? -7.997  -5.537  -11.178 1.00 33.58 ? 2006 HOH E O   1 
HETATM 831 O  O   . HOH W  4 . ? -4.590  -5.353  -13.829 1.00 9.03  ? 2007 HOH E O   1 
HETATM 832 O  O   . HOH W  4 . ? 1.944   0.211   -14.337 1.00 21.12 ? 2008 HOH E O   1 
HETATM 833 O  O   . HOH W  4 . ? -2.430  -3.475  -9.876  1.00 32.09 ? 2009 HOH E O   1 
HETATM 834 O  O   . HOH W  4 . ? -2.873  -2.788  -20.390 1.00 40.28 ? 2010 HOH E O   1 
HETATM 835 O  O   . HOH W  4 . ? 1.028   -4.321  -16.510 1.00 24.11 ? 2011 HOH E O   1 
HETATM 836 O  O   . HOH W  4 . ? -0.070  -0.127  -16.574 1.00 12.29 ? 2012 HOH E O   1 
HETATM 837 O  O   . HOH W  4 . ? -10.134 -1.892  -16.634 1.00 17.68 ? 2013 HOH E O   1 
HETATM 838 O  O   . HOH W  4 . ? -9.260  -0.565  -12.684 1.00 17.50 ? 2014 HOH E O   1 
HETATM 839 O  O   . HOH W  4 . ? -7.321  -2.468  -20.691 1.00 12.08 ? 2015 HOH E O   1 
HETATM 840 O  O   . HOH W  4 . ? -2.613  13.231  -5.162  1.00 30.99 ? 2016 HOH E O   1 
HETATM 841 O  O   . HOH W  4 . ? 1.059   12.733  -11.881 1.00 6.39  ? 2017 HOH E O   1 
HETATM 842 O  O   . HOH W  4 . ? -6.741  11.863  -10.294 1.00 18.45 ? 2018 HOH E O   1 
HETATM 843 O  O   . HOH W  4 . ? 0.095   10.914  -18.798 1.00 13.02 ? 2019 HOH E O   1 
HETATM 844 O  O   . HOH W  4 . ? -3.106  12.648  -17.467 1.00 21.60 ? 2020 HOH E O   1 
HETATM 845 O  O   . HOH W  4 . ? -0.233  6.730   -18.057 1.00 27.12 ? 2021 HOH E O   1 
HETATM 846 O  O   . HOH X  4 . ? 8.265   -3.526  -3.316  1.00 17.63 ? 2001 HOH F O   1 
HETATM 847 O  O   . HOH X  4 . ? 8.075   -3.061  -7.236  1.00 16.29 ? 2002 HOH F O   1 
HETATM 848 O  O   . HOH X  4 . ? 1.411   -1.550  -11.076 1.00 13.61 ? 2003 HOH F O   1 
HETATM 849 O  O   . HOH X  4 . ? 8.904   1.461   -7.451  1.00 28.70 ? 2004 HOH F O   1 
HETATM 850 O  O   . HOH X  4 . ? -6.543  10.729  -0.924  1.00 34.14 ? 2005 HOH F O   1 
HETATM 851 O  O   . HOH X  4 . ? -8.811  8.205   -4.525  1.00 16.65 ? 2006 HOH F O   1 
HETATM 852 O  O   . HOH X  4 . ? -8.611  1.793   0.144   1.00 2.57  ? 2007 HOH F O   1 
HETATM 853 O  O   . HOH X  4 . ? -6.572  8.205   -2.217  1.00 4.66  ? 2008 HOH F O   1 
HETATM 854 O  O   . HOH X  4 . ? -7.821  4.264   3.793   1.00 5.19  ? 2009 HOH F O   1 
HETATM 855 O  O   . HOH X  4 . ? 2.915   10.810  -15.381 1.00 12.80 ? 2010 HOH F O   1 
HETATM 856 O  O   . HOH X  4 . ? 2.588   14.007  -4.168  1.00 18.77 ? 2011 HOH F O   1 
HETATM 857 O  O   . HOH X  4 . ? 4.810   12.021  -6.043  1.00 25.12 ? 2012 HOH F O   1 
HETATM 858 O  O   . HOH X  4 . ? 0.102   14.641  -6.852  1.00 11.71 ? 2013 HOH F O   1 
HETATM 859 O  O   . HOH X  4 . ? 2.823   10.122  -2.458  1.00 13.22 ? 2014 HOH F O   1 
HETATM 860 O  O   . HOH Y  4 . ? 5.228   -8.439  9.851   1.00 19.07 ? 2001 HOH G O   1 
HETATM 861 O  O   . HOH Y  4 . ? 7.028   -12.476 4.970   1.00 7.17  ? 2002 HOH G O   1 
HETATM 862 O  O   . HOH Y  4 . ? -2.239  -10.466 11.072  1.00 14.05 ? 2003 HOH G O   1 
HETATM 863 O  O   . HOH Z  4 . ? 0.059   -14.681 -7.139  1.00 31.56 ? 2001 HOH H O   1 
HETATM 864 O  O   . HOH Z  4 . ? 0.897   -12.201 -9.168  1.00 25.81 ? 2002 HOH H O   1 
HETATM 865 O  O   . HOH AA 4 . ? 10.639  4.660   13.288  1.00 16.26 ? 2001 HOH I O   1 
HETATM 866 O  O   . HOH BA 4 . ? -0.102  7.491   0.372   1.00 20.73 ? 2001 HOH J O   1 
HETATM 867 O  O   . HOH BA 4 . ? 6.117   11.802  0.138   1.00 32.11 ? 2002 HOH J O   1 
HETATM 868 O  O   . HOH CA 4 . ? -2.006  5.021   -21.040 1.00 26.94 ? 2001 HOH K O   1 
HETATM 869 O  O   . HOH CA 4 . ? -5.418  3.627   -19.742 1.00 28.26 ? 2002 HOH K O   1 
HETATM 870 O  O   . HOH CA 4 . ? -4.604  6.088   -18.061 1.00 31.58 ? 2003 HOH K O   1 
HETATM 871 O  O   . HOH CA 4 . ? -10.638 6.878   -18.343 1.00 37.04 ? 2004 HOH K O   1 
HETATM 872 O  O   . HOH CA 4 . ? -10.612 8.570   -15.964 1.00 9.54  ? 2005 HOH K O   1 
HETATM 873 O  O   . HOH DA 4 . ? 0.877   7.922   -2.442  1.00 12.11 ? 2001 HOH L O   1 
HETATM 874 O  O   . HOH DA 4 . ? -0.721  11.540  -3.288  1.00 12.33 ? 2002 HOH L O   1 
# 
loop_
_pdbx_poly_seq_scheme.asym_id 
_pdbx_poly_seq_scheme.entity_id 
_pdbx_poly_seq_scheme.seq_id 
_pdbx_poly_seq_scheme.mon_id 
_pdbx_poly_seq_scheme.ndb_seq_num 
_pdbx_poly_seq_scheme.pdb_seq_num 
_pdbx_poly_seq_scheme.auth_seq_num 
_pdbx_poly_seq_scheme.pdb_mon_id 
_pdbx_poly_seq_scheme.auth_mon_id 
_pdbx_poly_seq_scheme.pdb_strand_id 
_pdbx_poly_seq_scheme.pdb_ins_code 
_pdbx_poly_seq_scheme.hetero 
A 1 1 MLU 1 1 1 MLU MLU A . n 
A 1 2 OMZ 2 2 2 OMZ OMZ A . n 
A 1 3 ASN 3 3 3 ASN ASN A . n 
A 1 4 GHP 4 4 4 GHP GHP A . n 
A 1 5 GHP 5 5 5 GHP GHP A . n 
A 1 6 OMY 6 6 6 OMY OMY A . n 
A 1 7 3FG 7 7 7 3FG 3FG A . n 
B 1 1 MLU 1 1 1 MLU MLU B . n 
B 1 2 OMZ 2 2 2 OMZ OMZ B . n 
B 1 3 ASN 3 3 3 ASN ASN B . n 
B 1 4 GHP 4 4 4 GHP GHP B . n 
B 1 5 GHP 5 5 5 GHP GHP B . n 
B 1 6 OMY 6 6 6 OMY OMY B . n 
B 1 7 3FG 7 7 7 3FG 3FG B . n 
C 1 1 MLU 1 1 1 MLU MLU C . n 
C 1 2 OMZ 2 2 2 OMZ OMZ C . n 
C 1 3 ASN 3 3 3 ASN ASN C . n 
C 1 4 GHP 4 4 4 GHP GHP C . n 
C 1 5 GHP 5 5 5 GHP GHP C . n 
C 1 6 OMY 6 6 6 OMY OMY C . n 
C 1 7 3FG 7 7 7 3FG 3FG C . n 
D 1 1 MLU 1 1 1 MLU MLU D . n 
D 1 2 OMZ 2 2 2 OMZ OMZ D . n 
D 1 3 ASN 3 3 3 ASN ASN D . n 
D 1 4 GHP 4 4 4 GHP GHP D . n 
D 1 5 GHP 5 5 5 GHP GHP D . n 
D 1 6 OMY 6 6 6 OMY OMY D . n 
D 1 7 3FG 7 7 7 3FG 3FG D . n 
E 1 1 MLU 1 1 1 MLU MLU E . n 
E 1 2 OMZ 2 2 2 OMZ OMZ E . n 
E 1 3 ASN 3 3 3 ASN ASN E . n 
E 1 4 GHP 4 4 4 GHP GHP E . n 
E 1 5 GHP 5 5 5 GHP GHP E . n 
E 1 6 OMY 6 6 6 OMY OMY E . n 
E 1 7 3FG 7 7 7 3FG 3FG E . n 
F 1 1 MLU 1 1 1 MLU MLU F . n 
F 1 2 OMZ 2 2 2 OMZ OMZ F . n 
F 1 3 ASN 3 3 3 ASN ASN F . n 
F 1 4 GHP 4 4 4 GHP GHP F . n 
F 1 5 GHP 5 5 5 GHP GHP F . n 
F 1 6 OMY 6 6 6 OMY OMY F . n 
F 1 7 3FG 7 7 7 3FG 3FG F . n 
G 2 1 DLS 1 1 1 DLS DLS G . n 
G 2 2 DAL 2 2 2 DAL DAL G . n 
G 2 3 DAL 3 3 3 DAL DAL G . n 
H 2 1 DLS 1 1 1 DLS DLS H . n 
H 2 2 DAL 2 2 2 DAL DAL H . n 
H 2 3 DAL 3 3 3 DAL DAL H . n 
I 2 1 DLS 1 1 1 DLS DLS I . n 
I 2 2 DAL 2 2 2 DAL DAL I . n 
I 2 3 DAL 3 3 3 DAL DAL I . n 
J 2 1 DLS 1 1 1 DLS DLS J . n 
J 2 2 DAL 2 2 2 DAL DAL J . n 
J 2 3 DAL 3 3 3 DAL DAL J . n 
K 2 1 DLS 1 1 1 DLS DLS K . n 
K 2 2 DAL 2 2 2 DAL DAL K . n 
K 2 3 DAL 3 3 3 DAL DAL K . n 
L 2 1 DLS 1 1 1 DLS DLS L . n 
L 2 2 DAL 2 2 2 DAL DAL L . n 
L 2 3 DAL 3 3 3 DAL DAL L . n 
# 
loop_
_pdbx_nonpoly_scheme.asym_id 
_pdbx_nonpoly_scheme.entity_id 
_pdbx_nonpoly_scheme.mon_id 
_pdbx_nonpoly_scheme.ndb_seq_num 
_pdbx_nonpoly_scheme.pdb_seq_num 
_pdbx_nonpoly_scheme.auth_seq_num 
_pdbx_nonpoly_scheme.pdb_mon_id 
_pdbx_nonpoly_scheme.auth_mon_id 
_pdbx_nonpoly_scheme.pdb_strand_id 
_pdbx_nonpoly_scheme.pdb_ins_code 
S  4 HOH 1  2001 2001 HOH HOH A . 
S  4 HOH 2  2002 2002 HOH HOH A . 
S  4 HOH 3  2003 2003 HOH HOH A . 
S  4 HOH 4  2004 2004 HOH HOH A . 
S  4 HOH 5  2005 2005 HOH HOH A . 
S  4 HOH 6  2006 2006 HOH HOH A . 
S  4 HOH 7  2007 2007 HOH HOH A . 
S  4 HOH 8  2008 2008 HOH HOH A . 
S  4 HOH 9  2009 2009 HOH HOH A . 
S  4 HOH 10 2010 2010 HOH HOH A . 
S  4 HOH 11 2011 2011 HOH HOH A . 
S  4 HOH 12 2012 2012 HOH HOH A . 
S  4 HOH 13 2013 2013 HOH HOH A . 
S  4 HOH 14 2014 2014 HOH HOH A . 
S  4 HOH 15 2015 2015 HOH HOH A . 
S  4 HOH 16 2016 2016 HOH HOH A . 
S  4 HOH 17 2017 2017 HOH HOH A . 
S  4 HOH 18 2018 2018 HOH HOH A . 
S  4 HOH 19 2019 2019 HOH HOH A . 
S  4 HOH 20 2020 2020 HOH HOH A . 
T  4 HOH 1  2001 2001 HOH HOH B . 
T  4 HOH 2  2002 2002 HOH HOH B . 
T  4 HOH 3  2003 2003 HOH HOH B . 
T  4 HOH 4  2004 2004 HOH HOH B . 
T  4 HOH 5  2005 2005 HOH HOH B . 
T  4 HOH 6  2006 2006 HOH HOH B . 
T  4 HOH 7  2007 2007 HOH HOH B . 
T  4 HOH 8  2008 2008 HOH HOH B . 
T  4 HOH 9  2009 2009 HOH HOH B . 
T  4 HOH 10 2010 2010 HOH HOH B . 
T  4 HOH 11 2011 2011 HOH HOH B . 
T  4 HOH 12 2012 2012 HOH HOH B . 
T  4 HOH 13 2013 2013 HOH HOH B . 
T  4 HOH 14 2014 2014 HOH HOH B . 
T  4 HOH 15 2015 2015 HOH HOH B . 
U  4 HOH 1  2001 2001 HOH HOH C . 
U  4 HOH 2  2002 2002 HOH HOH C . 
U  4 HOH 3  2003 2003 HOH HOH C . 
U  4 HOH 4  2004 2004 HOH HOH C . 
U  4 HOH 5  2005 2005 HOH HOH C . 
U  4 HOH 6  2006 2006 HOH HOH C . 
U  4 HOH 7  2007 2007 HOH HOH C . 
U  4 HOH 8  2008 2008 HOH HOH C . 
U  4 HOH 9  2009 2009 HOH HOH C . 
U  4 HOH 10 2010 2010 HOH HOH C . 
U  4 HOH 11 2011 2011 HOH HOH C . 
U  4 HOH 12 2012 2012 HOH HOH C . 
U  4 HOH 13 2013 2013 HOH HOH C . 
U  4 HOH 14 2014 2014 HOH HOH C . 
V  4 HOH 1  2001 2001 HOH HOH D . 
V  4 HOH 2  2002 2002 HOH HOH D . 
V  4 HOH 3  2003 2003 HOH HOH D . 
V  4 HOH 4  2004 2004 HOH HOH D . 
V  4 HOH 5  2005 2005 HOH HOH D . 
V  4 HOH 6  2006 2006 HOH HOH D . 
V  4 HOH 7  2007 2007 HOH HOH D . 
V  4 HOH 8  2008 2008 HOH HOH D . 
V  4 HOH 9  2009 2009 HOH HOH D . 
V  4 HOH 10 2010 2010 HOH HOH D . 
V  4 HOH 11 2011 2011 HOH HOH D . 
V  4 HOH 12 2012 2012 HOH HOH D . 
V  4 HOH 13 2013 2013 HOH HOH D . 
W  4 HOH 1  2001 2001 HOH HOH E . 
W  4 HOH 2  2002 2002 HOH HOH E . 
W  4 HOH 3  2003 2003 HOH HOH E . 
W  4 HOH 4  2004 2004 HOH HOH E . 
W  4 HOH 5  2005 2005 HOH HOH E . 
W  4 HOH 6  2006 2006 HOH HOH E . 
W  4 HOH 7  2007 2007 HOH HOH E . 
W  4 HOH 8  2008 2008 HOH HOH E . 
W  4 HOH 9  2009 2009 HOH HOH E . 
W  4 HOH 10 2010 2010 HOH HOH E . 
W  4 HOH 11 2011 2011 HOH HOH E . 
W  4 HOH 12 2012 2012 HOH HOH E . 
W  4 HOH 13 2013 2013 HOH HOH E . 
W  4 HOH 14 2014 2014 HOH HOH E . 
W  4 HOH 15 2015 2015 HOH HOH E . 
W  4 HOH 16 2016 2016 HOH HOH E . 
W  4 HOH 17 2017 2017 HOH HOH E . 
W  4 HOH 18 2018 2018 HOH HOH E . 
W  4 HOH 19 2019 2019 HOH HOH E . 
W  4 HOH 20 2020 2020 HOH HOH E . 
W  4 HOH 21 2021 2021 HOH HOH E . 
X  4 HOH 1  2001 2001 HOH HOH F . 
X  4 HOH 2  2002 2002 HOH HOH F . 
X  4 HOH 3  2003 2003 HOH HOH F . 
X  4 HOH 4  2004 2004 HOH HOH F . 
X  4 HOH 5  2005 2005 HOH HOH F . 
X  4 HOH 6  2006 2006 HOH HOH F . 
X  4 HOH 7  2007 2007 HOH HOH F . 
X  4 HOH 8  2008 2008 HOH HOH F . 
X  4 HOH 9  2009 2009 HOH HOH F . 
X  4 HOH 10 2010 2010 HOH HOH F . 
X  4 HOH 11 2011 2011 HOH HOH F . 
X  4 HOH 12 2012 2012 HOH HOH F . 
X  4 HOH 13 2013 2013 HOH HOH F . 
X  4 HOH 14 2014 2014 HOH HOH F . 
Y  4 HOH 1  2001 2001 HOH HOH G . 
Y  4 HOH 2  2002 2002 HOH HOH G . 
Y  4 HOH 3  2003 2003 HOH HOH G . 
Z  4 HOH 1  2001 2001 HOH HOH H . 
Z  4 HOH 2  2002 2002 HOH HOH H . 
AA 4 HOH 1  2001 2001 HOH HOH I . 
BA 4 HOH 1  2001 2001 HOH HOH J . 
BA 4 HOH 2  2002 2002 HOH HOH J . 
CA 4 HOH 1  2001 2001 HOH HOH K . 
CA 4 HOH 2  2002 2002 HOH HOH K . 
CA 4 HOH 3  2003 2003 HOH HOH K . 
CA 4 HOH 4  2004 2004 HOH HOH K . 
CA 4 HOH 5  2005 2005 HOH HOH K . 
DA 4 HOH 1  2001 2001 HOH HOH L . 
DA 4 HOH 2  2002 2002 HOH HOH L . 
# 
_pdbx_molecule_features.prd_id    PRD_000204 
_pdbx_molecule_features.name      VANCOMYCIN 
_pdbx_molecule_features.type      Glycopeptide 
_pdbx_molecule_features.class     Antibiotic 
_pdbx_molecule_features.details   
;VANCOMYCIN IS A TRICYCLIC GLYCOPEPTIDE,
 GLYCOSYLATED BY A DISACCHARIDE (RESIDUES 8
 AND 9) ON RESIDUE 4.
;
# 
loop_
_pdbx_molecule.instance_id 
_pdbx_molecule.prd_id 
_pdbx_molecule.asym_id 
1 PRD_000204 A 
1 PRD_000204 M 
2 PRD_000204 B 
2 PRD_000204 N 
3 PRD_000204 C 
3 PRD_000204 O 
4 PRD_000204 D 
4 PRD_000204 P 
5 PRD_000204 E 
5 PRD_000204 Q 
6 PRD_000204 F 
6 PRD_000204 R 
# 
loop_
_pdbx_struct_assembly.id 
_pdbx_struct_assembly.details 
_pdbx_struct_assembly.method_details 
_pdbx_struct_assembly.oligomeric_details 
_pdbx_struct_assembly.oligomeric_count 
1 software_defined_assembly 'PISA 1.18' dimeric 2 
2 software_defined_assembly 'PISA 1.18' dimeric 2 
3 software_defined_assembly 'PISA 1.18' dimeric 2 
4 software_defined_assembly 'PISA 1.18' dimeric 2 
5 software_defined_assembly 'PISA 1.18' dimeric 2 
6 software_defined_assembly 'PISA 1.18' dimeric 2 
# 
loop_
_pdbx_struct_assembly_gen.assembly_id 
_pdbx_struct_assembly_gen.oper_expression 
_pdbx_struct_assembly_gen.asym_id_list 
1 1 A,G,M,S,Y  
2 1 B,H,N,T,Z  
3 1 C,I,O,U,AA 
4 1 D,J,P,V,BA 
5 1 E,K,Q,W,CA 
6 1 F,L,R,X,DA 
# 
loop_
_pdbx_struct_assembly_prop.biol_id 
_pdbx_struct_assembly_prop.type 
_pdbx_struct_assembly_prop.value 
_pdbx_struct_assembly_prop.details 
1 'ABSA (A^2)' 910  ? 
1 MORE         -2.9 ? 
1 'SSA (A^2)'  1540 ? 
2 'ABSA (A^2)' 960  ? 
2 MORE         -3.6 ? 
2 'SSA (A^2)'  1480 ? 
3 'ABSA (A^2)' 940  ? 
3 MORE         -2.6 ? 
3 'SSA (A^2)'  1540 ? 
4 'ABSA (A^2)' 800  ? 
4 MORE         -2.7 ? 
4 'SSA (A^2)'  1630 ? 
5 'ABSA (A^2)' 970  ? 
5 MORE         -3.2 ? 
5 'SSA (A^2)'  1430 ? 
6 'ABSA (A^2)' 820  ? 
6 MORE         -2.7 ? 
6 'SSA (A^2)'  1640 ? 
# 
_pdbx_struct_oper_list.id                   1 
_pdbx_struct_oper_list.type                 'identity operation' 
_pdbx_struct_oper_list.name                 1_555 
_pdbx_struct_oper_list.symmetry_operation   x,y,z 
_pdbx_struct_oper_list.matrix[1][1]         1.0000000000 
_pdbx_struct_oper_list.matrix[1][2]         0.0000000000 
_pdbx_struct_oper_list.matrix[1][3]         0.0000000000 
_pdbx_struct_oper_list.vector[1]            0.0000000000 
_pdbx_struct_oper_list.matrix[2][1]         0.0000000000 
_pdbx_struct_oper_list.matrix[2][2]         1.0000000000 
_pdbx_struct_oper_list.matrix[2][3]         0.0000000000 
_pdbx_struct_oper_list.vector[2]            0.0000000000 
_pdbx_struct_oper_list.matrix[3][1]         0.0000000000 
_pdbx_struct_oper_list.matrix[3][2]         0.0000000000 
_pdbx_struct_oper_list.matrix[3][3]         1.0000000000 
_pdbx_struct_oper_list.vector[3]            0.0000000000 
# 
loop_
_pdbx_audit_revision_history.ordinal 
_pdbx_audit_revision_history.data_content_type 
_pdbx_audit_revision_history.major_revision 
_pdbx_audit_revision_history.minor_revision 
_pdbx_audit_revision_history.revision_date 
1 'Structure model' 1 0 2000-11-01 
2 'Structure model' 1 1 2011-06-14 
3 'Structure model' 1 2 2011-07-13 
4 'Structure model' 1 3 2011-07-27 
5 'Structure model' 1 4 2012-12-12 
6 'Structure model' 2 0 2020-07-29 
7 'Structure model' 2 1 2023-10-25 
8 'Structure model' 2 2 2023-11-15 
# 
loop_
_pdbx_audit_revision_details.ordinal 
_pdbx_audit_revision_details.revision_ordinal 
_pdbx_audit_revision_details.data_content_type 
_pdbx_audit_revision_details.provider 
_pdbx_audit_revision_details.type 
_pdbx_audit_revision_details.description 
_pdbx_audit_revision_details.details 
1 1 'Structure model' repository 'Initial release' ?                          ? 
2 6 'Structure model' repository Remediation       'Carbohydrate remediation' ? 
# 
loop_
_pdbx_audit_revision_group.ordinal 
_pdbx_audit_revision_group.revision_ordinal 
_pdbx_audit_revision_group.data_content_type 
_pdbx_audit_revision_group.group 
1  2 'Structure model' 'Version format compliance' 
2  3 'Structure model' 'Version format compliance' 
3  4 'Structure model' 'Atomic model'              
4  4 'Structure model' 'Database references'       
5  4 'Structure model' 'Derived calculations'      
6  4 'Structure model' 'Non-polymer description'   
7  4 'Structure model' 'Structure summary'         
8  5 'Structure model' Other                       
9  6 'Structure model' 'Atomic model'              
10 6 'Structure model' 'Data collection'           
11 6 'Structure model' 'Derived calculations'      
12 6 'Structure model' 'Polymer sequence'          
13 6 'Structure model' 'Structure summary'         
14 7 'Structure model' 'Data collection'           
15 7 'Structure model' 'Database references'       
16 7 'Structure model' 'Refinement description'    
17 7 'Structure model' 'Structure summary'         
18 8 'Structure model' 'Data collection'           
19 8 'Structure model' 'Derived calculations'      
# 
loop_
_pdbx_audit_revision_category.ordinal 
_pdbx_audit_revision_category.revision_ordinal 
_pdbx_audit_revision_category.data_content_type 
_pdbx_audit_revision_category.category 
1  6 'Structure model' atom_site                     
2  6 'Structure model' chem_comp                     
3  6 'Structure model' entity                        
4  6 'Structure model' entity_poly                   
5  6 'Structure model' pdbx_branch_scheme            
6  6 'Structure model' pdbx_chem_comp_identifier     
7  6 'Structure model' pdbx_entity_branch            
8  6 'Structure model' pdbx_entity_branch_descriptor 
9  6 'Structure model' pdbx_entity_branch_link       
10 6 'Structure model' pdbx_entity_branch_list       
11 6 'Structure model' pdbx_entity_nonpoly           
12 6 'Structure model' pdbx_molecule                 
13 6 'Structure model' pdbx_nonpoly_scheme           
14 6 'Structure model' pdbx_struct_assembly_gen      
15 6 'Structure model' struct_asym                   
16 6 'Structure model' struct_conn                   
17 6 'Structure model' struct_site                   
18 6 'Structure model' struct_site_gen               
19 7 'Structure model' chem_comp                     
20 7 'Structure model' chem_comp_atom                
21 7 'Structure model' chem_comp_bond                
22 7 'Structure model' database_2                    
23 7 'Structure model' pdbx_initial_refinement_model 
24 8 'Structure model' chem_comp_atom                
25 8 'Structure model' chem_comp_bond                
26 8 'Structure model' struct_conn                   
# 
loop_
_pdbx_audit_revision_item.ordinal 
_pdbx_audit_revision_item.revision_ordinal 
_pdbx_audit_revision_item.data_content_type 
_pdbx_audit_revision_item.item 
1  6 'Structure model' '_atom_site.auth_asym_id'                   
2  6 'Structure model' '_atom_site.auth_seq_id'                    
3  6 'Structure model' '_atom_site.label_asym_id'                  
4  6 'Structure model' '_atom_site.label_entity_id'                
5  6 'Structure model' '_chem_comp.name'                           
6  6 'Structure model' '_chem_comp.type'                           
7  6 'Structure model' '_entity_poly.pdbx_seq_one_letter_code_can' 
8  6 'Structure model' '_pdbx_struct_assembly_gen.asym_id_list'    
9  6 'Structure model' '_struct_conn.pdbx_dist_value'              
10 6 'Structure model' '_struct_conn.pdbx_leaving_atom_flag'       
11 6 'Structure model' '_struct_conn.ptnr1_auth_asym_id'           
12 6 'Structure model' '_struct_conn.ptnr1_auth_comp_id'           
13 6 'Structure model' '_struct_conn.ptnr1_auth_seq_id'            
14 6 'Structure model' '_struct_conn.ptnr1_label_asym_id'          
15 6 'Structure model' '_struct_conn.ptnr1_label_atom_id'          
16 6 'Structure model' '_struct_conn.ptnr1_label_comp_id'          
17 6 'Structure model' '_struct_conn.ptnr1_label_seq_id'           
18 6 'Structure model' '_struct_conn.ptnr2_auth_asym_id'           
19 6 'Structure model' '_struct_conn.ptnr2_auth_comp_id'           
20 6 'Structure model' '_struct_conn.ptnr2_auth_seq_id'            
21 6 'Structure model' '_struct_conn.ptnr2_label_asym_id'          
22 6 'Structure model' '_struct_conn.ptnr2_label_atom_id'          
23 6 'Structure model' '_struct_conn.ptnr2_label_comp_id'          
24 6 'Structure model' '_struct_conn.ptnr2_label_seq_id'           
25 7 'Structure model' '_chem_comp.pdbx_synonyms'                  
26 7 'Structure model' '_database_2.pdbx_DOI'                      
27 7 'Structure model' '_database_2.pdbx_database_accession'       
28 8 'Structure model' '_chem_comp_atom.atom_id'                   
29 8 'Structure model' '_chem_comp_bond.atom_id_2'                 
30 8 'Structure model' '_struct_conn.pdbx_leaving_atom_flag'       
# 
loop_
_software.name 
_software.classification 
_software.version 
_software.citation_id 
_software.pdbx_ordinal 
AMoRE  phasing          .         ? 1 
X-PLOR refinement       3.851     ? 2 
MOSFLM 'data reduction' .         ? 3 
CCP4   'data scaling'   '(SCALA)' ? 4 
# 
_pdbx_entry_details.entry_id                 1FVM 
_pdbx_entry_details.compound_details         
;VANCOMYCIN IS A TRICYCLIC GLYCOPEPTIDE. THE SCAFFOLD IS
 A HEPTAPEPTIDE WITH THE CONFIGURATION D-D-L-D-D-L-L. IT IS
 FURTHER GLYCOSYLATED BY A DISACCHARIDE MADE OF D-GLUCOSE
 AND VANCOSAMINE.
 HERE, VANCOMYCIN IS REPRESENTED BY GROUPING TOUGHER THE
 SEQUENCE (SEQRES) AND THE TWO LIGANDS (HET) BGC AND RER.
;
_pdbx_entry_details.source_details           ? 
_pdbx_entry_details.nonpolymer_details       ? 
_pdbx_entry_details.sequence_details         ? 
_pdbx_entry_details.has_ligand_of_interest   ? 
# 
loop_
_pdbx_validate_torsion.id 
_pdbx_validate_torsion.PDB_model_num 
_pdbx_validate_torsion.auth_comp_id 
_pdbx_validate_torsion.auth_asym_id 
_pdbx_validate_torsion.auth_seq_id 
_pdbx_validate_torsion.PDB_ins_code 
_pdbx_validate_torsion.label_alt_id 
_pdbx_validate_torsion.phi 
_pdbx_validate_torsion.psi 
1 1 ASN B 3 ? ? -126.84 -58.41 
2 1 ASN D 3 ? ? -102.93 -62.46 
3 1 ASN E 3 ? ? -114.68 -71.29 
4 1 ASN F 3 ? ? -105.07 -68.28 
# 
loop_
_chem_comp_atom.comp_id 
_chem_comp_atom.atom_id 
_chem_comp_atom.type_symbol 
_chem_comp_atom.pdbx_aromatic_flag 
_chem_comp_atom.pdbx_stereo_config 
_chem_comp_atom.pdbx_ordinal 
3FG N    N  N N 1   
3FG OD1  O  N N 2   
3FG CD1  C  Y N 3   
3FG CG1  C  Y N 4   
3FG CZ   C  Y N 5   
3FG CD2  C  Y N 6   
3FG OD2  O  N N 7   
3FG CG2  C  Y N 8   
3FG CB   C  Y N 9   
3FG CA   C  N S 10  
3FG C    C  N N 11  
3FG O    O  N N 12  
3FG OXT  O  N N 13  
3FG H    H  N N 14  
3FG H2   H  N N 15  
3FG HA   H  N N 16  
3FG HD1  H  N N 17  
3FG HG1  H  N N 18  
3FG HZ   H  N N 19  
3FG HD2  H  N N 20  
3FG HG2  H  N N 21  
3FG HXT  H  N N 22  
ASN N    N  N N 23  
ASN CA   C  N S 24  
ASN C    C  N N 25  
ASN O    O  N N 26  
ASN CB   C  N N 27  
ASN CG   C  N N 28  
ASN OD1  O  N N 29  
ASN ND2  N  N N 30  
ASN OXT  O  N N 31  
ASN H    H  N N 32  
ASN H2   H  N N 33  
ASN HA   H  N N 34  
ASN HB2  H  N N 35  
ASN HB3  H  N N 36  
ASN HD21 H  N N 37  
ASN HD22 H  N N 38  
ASN HXT  H  N N 39  
BGC C2   C  N R 40  
BGC C3   C  N S 41  
BGC C4   C  N S 42  
BGC C5   C  N R 43  
BGC C6   C  N N 44  
BGC C1   C  N R 45  
BGC O1   O  N N 46  
BGC O2   O  N N 47  
BGC O3   O  N N 48  
BGC O4   O  N N 49  
BGC O5   O  N N 50  
BGC O6   O  N N 51  
BGC H2   H  N N 52  
BGC H3   H  N N 53  
BGC H4   H  N N 54  
BGC H5   H  N N 55  
BGC H61  H  N N 56  
BGC H62  H  N N 57  
BGC H1   H  N N 58  
BGC HO1  H  N N 59  
BGC HO2  H  N N 60  
BGC HO3  H  N N 61  
BGC HO4  H  N N 62  
BGC HO6  H  N N 63  
DAL N    N  N N 64  
DAL CA   C  N R 65  
DAL CB   C  N N 66  
DAL C    C  N N 67  
DAL O    O  N N 68  
DAL OXT  O  N N 69  
DAL H    H  N N 70  
DAL H2   H  N N 71  
DAL HA   H  N N 72  
DAL HB1  H  N N 73  
DAL HB2  H  N N 74  
DAL HB3  H  N N 75  
DAL HXT  H  N N 76  
DLS C2   C  N N 77  
DLS O1   O  N N 78  
DLS C1   C  N N 79  
DLS N    N  N N 80  
DLS CA   C  N S 81  
DLS C    C  N N 82  
DLS O    O  N N 83  
DLS CB   C  N N 84  
DLS CG   C  N N 85  
DLS CD   C  N N 86  
DLS CE   C  N N 87  
DLS NZ   N  N N 88  
DLS CH3  C  N N 89  
DLS OH   O  N N 90  
DLS CH   C  N N 91  
DLS OXT  O  N N 92  
DLS H21  H  N N 93  
DLS H22  H  N N 94  
DLS H23  H  N N 95  
DLS H    H  N N 96  
DLS HCA  H  N N 97  
DLS HB2  H  N N 98  
DLS HB3  H  N N 99  
DLS HG2  H  N N 100 
DLS HG3  H  N N 101 
DLS HD2  H  N N 102 
DLS HD3  H  N N 103 
DLS HE2  H  N N 104 
DLS HE3  H  N N 105 
DLS HZ   H  N N 106 
DLS HH31 H  N N 107 
DLS HH32 H  N N 108 
DLS HH33 H  N N 109 
DLS HXT  H  N N 110 
GHP N    N  N N 111 
GHP CA   C  N R 112 
GHP C    C  N N 113 
GHP O    O  N N 114 
GHP OXT  O  N N 115 
GHP C1   C  Y N 116 
GHP C2   C  Y N 117 
GHP C3   C  Y N 118 
GHP C4   C  Y N 119 
GHP O4   O  N N 120 
GHP C5   C  Y N 121 
GHP C6   C  Y N 122 
GHP H    H  N N 123 
GHP H2   H  N N 124 
GHP HA   H  N N 125 
GHP HXT  H  N N 126 
GHP HC2  H  N N 127 
GHP H3   H  N N 128 
GHP HO4  H  N N 129 
GHP H5   H  N N 130 
GHP H6   H  N N 131 
HOH O    O  N N 132 
HOH H1   H  N N 133 
HOH H2   H  N N 134 
MLU N    N  N N 135 
MLU CN   C  N N 136 
MLU CA   C  N R 137 
MLU C    C  N N 138 
MLU O    O  N N 139 
MLU CB   C  N N 140 
MLU CG   C  N N 141 
MLU CD1  C  N N 142 
MLU CD2  C  N N 143 
MLU OXT  O  N N 144 
MLU H    H  N N 145 
MLU HCN1 H  N N 146 
MLU HCN2 H  N N 147 
MLU HCN3 H  N N 148 
MLU HA   H  N N 149 
MLU HB2  H  N N 150 
MLU HB3  H  N N 151 
MLU HXT  H  N N 152 
MLU HG   H  N N 153 
MLU HD11 H  N N 154 
MLU HD12 H  N N 155 
MLU HD13 H  N N 156 
MLU HD21 H  N N 157 
MLU HD22 H  N N 158 
MLU HD23 H  N N 159 
OMY N    N  N N 160 
OMY CA   C  N S 161 
OMY OCZ  O  N N 162 
OMY CE2  C  Y N 163 
OMY CE1  C  Y N 164 
OMY CZ   C  Y N 165 
OMY CG   C  Y N 166 
OMY CD2  C  Y N 167 
OMY CD1  C  Y N 168 
OMY CB   C  N R 169 
OMY CL   CL N N 170 
OMY O    O  N N 171 
OMY C    C  N N 172 
OMY ODE  O  N N 173 
OMY OXT  O  N N 174 
OMY H    H  N N 175 
OMY H2   H  N N 176 
OMY HA   H  N N 177 
OMY HCZ  H  N N 178 
OMY HE2  H  N N 179 
OMY HD2  H  N N 180 
OMY HD1  H  N N 181 
OMY HB   H  N N 182 
OMY HXT  H  N N 183 
OMY HDE  H  N N 184 
OMZ N    N  N N 185 
OMZ CA   C  N R 186 
OMZ C    C  N N 187 
OMZ O    O  N N 188 
OMZ OXT  O  N N 189 
OMZ CB   C  N R 190 
OMZ OC   O  N N 191 
OMZ CG   C  Y N 192 
OMZ CD1  C  Y N 193 
OMZ CD2  C  Y N 194 
OMZ CE1  C  Y N 195 
OMZ CL   CL N N 196 
OMZ CE2  C  Y N 197 
OMZ CZ   C  Y N 198 
OMZ OH   O  N N 199 
OMZ H    H  N N 200 
OMZ H2   H  N N 201 
OMZ HA   H  N N 202 
OMZ HB   H  N N 203 
OMZ HXT  H  N N 204 
OMZ HC   H  N N 205 
OMZ HD1  H  N N 206 
OMZ HD2  H  N N 207 
OMZ HE2  H  N N 208 
OMZ HH   H  N N 209 
RER C1   C  N R 210 
RER C2   C  N N 211 
RER C3   C  N S 212 
RER N3   N  N N 213 
RER C3A  C  N N 214 
RER C4   C  N S 215 
RER O4   O  N N 216 
RER C5   C  N S 217 
RER O5   O  N N 218 
RER C5A  C  N N 219 
RER O1   O  N N 220 
RER H1   H  N N 221 
RER H21C H  N N 222 
RER H22C H  N N 223 
RER HO1  H  N N 224 
RER H31N H  N N 225 
RER H32N H  N N 226 
RER H3A1 H  N N 227 
RER H3A2 H  N N 228 
RER H3A3 H  N N 229 
RER H4   H  N N 230 
RER HO4  H  N N 231 
RER H5   H  N N 232 
RER H5A1 H  N N 233 
RER H5A2 H  N N 234 
RER H5A3 H  N N 235 
# 
loop_
_chem_comp_bond.comp_id 
_chem_comp_bond.atom_id_1 
_chem_comp_bond.atom_id_2 
_chem_comp_bond.value_order 
_chem_comp_bond.pdbx_aromatic_flag 
_chem_comp_bond.pdbx_stereo_config 
_chem_comp_bond.pdbx_ordinal 
3FG N   CA   sing N N 1   
3FG OD1 CD1  sing N N 2   
3FG CD1 CG1  sing Y N 3   
3FG CD1 CZ   doub Y N 4   
3FG CG1 CB   doub Y N 5   
3FG CZ  CD2  sing Y N 6   
3FG CD2 OD2  sing N N 7   
3FG CD2 CG2  doub Y N 8   
3FG CG2 CB   sing Y N 9   
3FG CB  CA   sing N N 10  
3FG CA  C    sing N N 11  
3FG C   O    doub N N 12  
3FG C   OXT  sing N N 13  
3FG N   H    sing N N 14  
3FG N   H2   sing N N 15  
3FG CA  HA   sing N N 16  
3FG OD1 HD1  sing N N 17  
3FG CG1 HG1  sing N N 18  
3FG CZ  HZ   sing N N 19  
3FG OD2 HD2  sing N N 20  
3FG CG2 HG2  sing N N 21  
3FG OXT HXT  sing N N 22  
ASN N   CA   sing N N 23  
ASN N   H    sing N N 24  
ASN N   H2   sing N N 25  
ASN CA  C    sing N N 26  
ASN CA  CB   sing N N 27  
ASN CA  HA   sing N N 28  
ASN C   O    doub N N 29  
ASN C   OXT  sing N N 30  
ASN CB  CG   sing N N 31  
ASN CB  HB2  sing N N 32  
ASN CB  HB3  sing N N 33  
ASN CG  OD1  doub N N 34  
ASN CG  ND2  sing N N 35  
ASN ND2 HD21 sing N N 36  
ASN ND2 HD22 sing N N 37  
ASN OXT HXT  sing N N 38  
BGC C2  C3   sing N N 39  
BGC C2  C1   sing N N 40  
BGC C2  O2   sing N N 41  
BGC C2  H2   sing N N 42  
BGC C3  C4   sing N N 43  
BGC C3  O3   sing N N 44  
BGC C3  H3   sing N N 45  
BGC C4  C5   sing N N 46  
BGC C4  O4   sing N N 47  
BGC C4  H4   sing N N 48  
BGC C5  C6   sing N N 49  
BGC C5  O5   sing N N 50  
BGC C5  H5   sing N N 51  
BGC C6  O6   sing N N 52  
BGC C6  H61  sing N N 53  
BGC C6  H62  sing N N 54  
BGC C1  O1   sing N N 55  
BGC C1  O5   sing N N 56  
BGC C1  H1   sing N N 57  
BGC O1  HO1  sing N N 58  
BGC O2  HO2  sing N N 59  
BGC O3  HO3  sing N N 60  
BGC O4  HO4  sing N N 61  
BGC O6  HO6  sing N N 62  
DAL N   CA   sing N N 63  
DAL N   H    sing N N 64  
DAL N   H2   sing N N 65  
DAL CA  CB   sing N N 66  
DAL CA  C    sing N N 67  
DAL CA  HA   sing N N 68  
DAL CB  HB1  sing N N 69  
DAL CB  HB2  sing N N 70  
DAL CB  HB3  sing N N 71  
DAL C   O    doub N N 72  
DAL C   OXT  sing N N 73  
DAL OXT HXT  sing N N 74  
DLS C2  C1   sing N N 75  
DLS C2  H21  sing N N 76  
DLS C2  H22  sing N N 77  
DLS C2  H23  sing N N 78  
DLS O1  C1   doub N N 79  
DLS C1  N    sing N N 80  
DLS N   CA   sing N N 81  
DLS N   H    sing N N 82  
DLS CA  C    sing N N 83  
DLS CA  CB   sing N N 84  
DLS CA  HCA  sing N N 85  
DLS C   O    doub N N 86  
DLS C   OXT  sing N N 87  
DLS CB  CG   sing N N 88  
DLS CB  HB2  sing N N 89  
DLS CB  HB3  sing N N 90  
DLS CG  CD   sing N N 91  
DLS CG  HG2  sing N N 92  
DLS CG  HG3  sing N N 93  
DLS CD  CE   sing N N 94  
DLS CD  HD2  sing N N 95  
DLS CD  HD3  sing N N 96  
DLS CE  NZ   sing N N 97  
DLS CE  HE2  sing N N 98  
DLS CE  HE3  sing N N 99  
DLS NZ  CH   sing N N 100 
DLS NZ  HZ   sing N N 101 
DLS CH3 CH   sing N N 102 
DLS CH3 HH31 sing N N 103 
DLS CH3 HH32 sing N N 104 
DLS CH3 HH33 sing N N 105 
DLS OH  CH   doub N N 106 
DLS OXT HXT  sing N N 107 
GHP N   CA   sing N N 108 
GHP N   H    sing N N 109 
GHP N   H2   sing N N 110 
GHP CA  C    sing N N 111 
GHP CA  C1   sing N N 112 
GHP CA  HA   sing N N 113 
GHP C   O    doub N N 114 
GHP C   OXT  sing N N 115 
GHP OXT HXT  sing N N 116 
GHP C1  C2   doub Y N 117 
GHP C1  C6   sing Y N 118 
GHP C2  C3   sing Y N 119 
GHP C2  HC2  sing N N 120 
GHP C3  C4   doub Y N 121 
GHP C3  H3   sing N N 122 
GHP C4  O4   sing N N 123 
GHP C4  C5   sing Y N 124 
GHP O4  HO4  sing N N 125 
GHP C5  C6   doub Y N 126 
GHP C5  H5   sing N N 127 
GHP C6  H6   sing N N 128 
HOH O   H1   sing N N 129 
HOH O   H2   sing N N 130 
MLU N   CN   sing N N 131 
MLU N   CA   sing N N 132 
MLU CA  C    sing N N 133 
MLU CA  CB   sing N N 134 
MLU C   O    doub N N 135 
MLU C   OXT  sing N N 136 
MLU CB  CG   sing N N 137 
MLU CG  CD1  sing N N 138 
MLU CG  CD2  sing N N 139 
MLU N   H    sing N N 140 
MLU CN  HCN1 sing N N 141 
MLU CN  HCN2 sing N N 142 
MLU CN  HCN3 sing N N 143 
MLU CA  HA   sing N N 144 
MLU CB  HB2  sing N N 145 
MLU CB  HB3  sing N N 146 
MLU OXT HXT  sing N N 147 
MLU CG  HG   sing N N 148 
MLU CD1 HD11 sing N N 149 
MLU CD1 HD12 sing N N 150 
MLU CD1 HD13 sing N N 151 
MLU CD2 HD21 sing N N 152 
MLU CD2 HD22 sing N N 153 
MLU CD2 HD23 sing N N 154 
OMY N   CA   sing N N 155 
OMY OCZ CZ   sing N N 156 
OMY CZ  CE2  sing Y N 157 
OMY CZ  CE1  doub Y N 158 
OMY CE2 CD2  doub Y N 159 
OMY CD2 CG   sing Y N 160 
OMY CG  CD1  doub Y N 161 
OMY CG  CB   sing N N 162 
OMY CD1 CE1  sing Y N 163 
OMY CE1 CL   sing N N 164 
OMY C   O    doub N N 165 
OMY C   CA   sing N N 166 
OMY C   OXT  sing N N 167 
OMY CA  CB   sing N N 168 
OMY CB  ODE  sing N N 169 
OMY N   H    sing N N 170 
OMY N   H2   sing N N 171 
OMY CA  HA   sing N N 172 
OMY OCZ HCZ  sing N N 173 
OMY CE2 HE2  sing N N 174 
OMY CD2 HD2  sing N N 175 
OMY CD1 HD1  sing N N 176 
OMY CB  HB   sing N N 177 
OMY OXT HXT  sing N N 178 
OMY ODE HDE  sing N N 179 
OMZ N   CA   sing N N 180 
OMZ CA  C    sing N N 181 
OMZ CA  CB   sing N N 182 
OMZ C   O    doub N N 183 
OMZ C   OXT  sing N N 184 
OMZ CL  CE1  sing N N 185 
OMZ CB  OC   sing N N 186 
OMZ CB  CG   sing N N 187 
OMZ CG  CD1  doub Y N 188 
OMZ CG  CD2  sing Y N 189 
OMZ CD1 CE1  sing Y N 190 
OMZ CD2 CE2  doub Y N 191 
OMZ CE1 CZ   doub Y N 192 
OMZ CE2 CZ   sing Y N 193 
OMZ CZ  OH   sing N N 194 
OMZ N   H    sing N N 195 
OMZ N   H2   sing N N 196 
OMZ CA  HA   sing N N 197 
OMZ CB  HB   sing N N 198 
OMZ OXT HXT  sing N N 199 
OMZ OC  HC   sing N N 200 
OMZ CD1 HD1  sing N N 201 
OMZ CD2 HD2  sing N N 202 
OMZ CE2 HE2  sing N N 203 
OMZ OH  HH   sing N N 204 
RER C1  C2   sing N N 205 
RER C1  O5   sing N N 206 
RER C1  O1   sing N N 207 
RER C2  C3   sing N N 208 
RER C3  N3   sing N N 209 
RER C3  C3A  sing N N 210 
RER C3  C4   sing N N 211 
RER C4  O4   sing N N 212 
RER C4  C5   sing N N 213 
RER C5  O5   sing N N 214 
RER C5  C5A  sing N N 215 
RER C1  H1   sing N N 216 
RER C2  H21C sing N N 217 
RER C2  H22C sing N N 218 
RER O1  HO1  sing N N 219 
RER N3  H31N sing N N 220 
RER N3  H32N sing N N 221 
RER C3A H3A1 sing N N 222 
RER C3A H3A2 sing N N 223 
RER C3A H3A3 sing N N 224 
RER C4  H4   sing N N 225 
RER O4  HO4  sing N N 226 
RER C5  H5   sing N N 227 
RER C5A H5A1 sing N N 228 
RER C5A H5A2 sing N N 229 
RER C5A H5A3 sing N N 230 
# 
loop_
_pdbx_branch_scheme.asym_id 
_pdbx_branch_scheme.entity_id 
_pdbx_branch_scheme.mon_id 
_pdbx_branch_scheme.num 
_pdbx_branch_scheme.pdb_asym_id 
_pdbx_branch_scheme.pdb_mon_id 
_pdbx_branch_scheme.pdb_seq_num 
_pdbx_branch_scheme.auth_asym_id 
_pdbx_branch_scheme.auth_mon_id 
_pdbx_branch_scheme.auth_seq_num 
_pdbx_branch_scheme.hetero 
M 3 BGC 1 M BGC 1 A BGC 8 n 
M 3 RER 2 M RER 2 A RER 9 n 
N 3 BGC 1 N BGC 1 B BGC 8 n 
N 3 RER 2 N RER 2 B RER 9 n 
O 3 BGC 1 O BGC 1 C BGC 8 n 
O 3 RER 2 O RER 2 C RER 9 n 
P 3 BGC 1 P BGC 1 D BGC 8 n 
P 3 RER 2 P RER 2 D RER 9 n 
Q 3 BGC 1 Q BGC 1 E BGC 8 n 
Q 3 RER 2 Q RER 2 E RER 9 n 
R 3 BGC 1 R BGC 1 F BGC 8 n 
R 3 RER 2 R RER 2 F RER 9 n 
# 
loop_
_pdbx_chem_comp_identifier.comp_id 
_pdbx_chem_comp_identifier.type 
_pdbx_chem_comp_identifier.program 
_pdbx_chem_comp_identifier.program_version 
_pdbx_chem_comp_identifier.identifier 
BGC 'CONDENSED IUPAC CARBOHYDRATE SYMBOL' GMML     1.0 DGlcpb            
BGC 'COMMON NAME'                         GMML     1.0 b-D-glucopyranose 
BGC 'IUPAC CARBOHYDRATE SYMBOL'           PDB-CARE 1.0 b-D-Glcp          
BGC 'SNFG CARBOHYDRATE SYMBOL'            GMML     1.0 Glc               
# 
_pdbx_entity_branch.entity_id   3 
_pdbx_entity_branch.type        oligosaccharide 
# 
loop_
_pdbx_entity_branch_descriptor.ordinal 
_pdbx_entity_branch_descriptor.entity_id 
_pdbx_entity_branch_descriptor.descriptor 
_pdbx_entity_branch_descriptor.type 
_pdbx_entity_branch_descriptor.program 
_pdbx_entity_branch_descriptor.program_version 
1 3 'WURCS=2.0/2,2,1/[a2122h-1b_1-5][ad621m-1a_1-5_3*C_3*N]/1-2/a2-b1' WURCS  PDB2Glycan 1.1.0 
2 3 '[][D-1-deoxy-Glcp]{[(2+1)][a-L-2-deoxy-Fucp3N]{}}'                LINUCS PDB-CARE   ?     
# 
_pdbx_entity_branch_link.link_id                    1 
_pdbx_entity_branch_link.entity_id                  3 
_pdbx_entity_branch_link.entity_branch_list_num_1   2 
_pdbx_entity_branch_link.comp_id_1                  RER 
_pdbx_entity_branch_link.atom_id_1                  C1 
_pdbx_entity_branch_link.leaving_atom_id_1          O1 
_pdbx_entity_branch_link.entity_branch_list_num_2   1 
_pdbx_entity_branch_link.comp_id_2                  BGC 
_pdbx_entity_branch_link.atom_id_2                  O2 
_pdbx_entity_branch_link.leaving_atom_id_2          HO2 
_pdbx_entity_branch_link.value_order                sing 
_pdbx_entity_branch_link.details                    ? 
# 
loop_
_pdbx_entity_branch_list.entity_id 
_pdbx_entity_branch_list.comp_id 
_pdbx_entity_branch_list.num 
_pdbx_entity_branch_list.hetero 
3 BGC 1 n 
3 RER 2 n 
# 
_pdbx_entity_nonpoly.entity_id   4 
_pdbx_entity_nonpoly.name        water 
_pdbx_entity_nonpoly.comp_id     HOH 
# 
_pdbx_initial_refinement_model.id               1 
_pdbx_initial_refinement_model.entity_id_list   ? 
_pdbx_initial_refinement_model.type             'experimental model' 
_pdbx_initial_refinement_model.source_name      PDB 
_pdbx_initial_refinement_model.accession_code   1AA5 
_pdbx_initial_refinement_model.details          'PDB ENTRY 1AA5' 
# 
